data_6FND
#
_entry.id   6FND
#
_cell.length_a   61.935
_cell.length_b   89.371
_cell.length_c   91.720
_cell.angle_alpha   108.690
_cell.angle_beta   101.310
_cell.angle_gamma   103.410
#
_symmetry.space_group_name_H-M   'P 1'
#
loop_
_entity.id
_entity.type
_entity.pdbx_description
1 polymer 'Apical complex lysine methyltransferase'
2 polymer 'Apical complex lysine methyltransferase'
3 polymer 'Apical complex lysine methyltransferase'
4 polymer 'Apical complex lysine methyltransferase'
5 non-polymer 'ZINC ION'
6 non-polymer 'SULFATE ION'
7 non-polymer GLYCEROL
8 non-polymer 1,2-ETHANEDIOL
9 non-polymer DI(HYDROXYETHYL)ETHER
10 water water
#
loop_
_entity_poly.entity_id
_entity_poly.type
_entity_poly.pdbx_seq_one_letter_code
_entity_poly.pdbx_strand_id
1 'polypeptide(L)'
;GSHMANPLAPYTLPQIAT(MLY)VQV(MLY)HVPG(MLY)GRCLYTKHDLEPGSIIFVETPVLVAIPSLDEELWSVLTEI
NDEEALELPPVWHLAAICSLTMLDDEK(MLZ)KICLDKWVPDPDRAPSDDVLRVINRAGLQVHPKLYERMLMVWRYNSFG
HHTEQHGLVLYNRISMMAHSCRATACWHYGEDDAFILRARV(MLZ)LQAGDELTISYIGDDDLF(MLY)STNVRRE
(MLY)VYGWLFTCQCVRCAAPVDNARGFRCPLCGTGAMFFKTEDGETTSSACTICQAFPTQETIQEYLDFEQAYVDRLAE
TDKSDVPDAELVYNQATRVFAQHWVLYQLHTILFEGYRDAGNSESASFHQMERI(MLY)YVSQVMPLASYTLAWLYEEMG
DTMLNKAEESGPEVPAH(MLY)LNVISRHFEDAYNLLYILCGEDHDYTVAAGTKKTACEERLP
;
A
2 'polypeptide(L)'
;LAPYTLPQIAT(MLZ)VQV(MLY)HVPG(MLY)GRCLYT(MLZ)HDLEPGSIIFVETPVLVAIPSLDEELWSVLTEINDE
EALELPPVWHLAAICSLTMLDDE(MLZ)KKICLDKWVPDPDRAPSDDVLRVINRAGLQVHP(MLY)LYERMLMVWRYNSF
GHHTEQHGLVLYNRISMMAHSCRATACWHYGEDDAFILRARVKLQAGDELTISYIGDDDLF(MLY)STNVRRE(MLZ)VY
GWLFTCQCVRCAAPVDNARGFRCPLCGTGAMFF(MLZ)TEDGETTSSACTICQAFPTQETIQEYLDFEQAYVDRLAETD
(MLZ)SDVPDAELVYNQATRVFAQHWVLYQLHTILFEGYRDAGNSESASFHQMERI(MLY)YVSQVMPLASYTLAWLYEE
MGDTMLN(MLZ)AEESGPEVPAH(MLZ)LNVISRHFEDAYNLLYILCGEDHDYTVAAGTK(MLZ)TACEERLPAS
;
B
3 'polypeptide(L)'
;GSHMANPLAPYTLPQIATKVQVKHVPG(MLY)GRCLYT(MLY)HDLEPGSIIFVETPVLVAIPSLDEELWSVLTEINDEE
ALELPPVWHLAAICSLTMLDDEK(MLZ)KICLDKWVPDPDRAPSDDVLRVINRAGLQVHPKLYERMLMVWRYNSFGHHTE
QHGLVLYNRISMMAHSCRATACWHYGEDDAFILRARV(MLY)LQAGDELTISYIGDDDLF(MLY)STNVRRE(MLY)VYG
WLFTCQCVRCAAPVDNARGFRCPLCGTGAMFFKTEDGETTSSACTICQAFPTQETIQEYLDFEQAYVDRLAETD(MLY)S
DVPDAELVYNQATRVFAQHWVLYQLHTILFEGYRDAGNSESASFHQMERI(MLY)YVSQVMPLASYTLAWLYEEMGDTML
NKAEESGPEVPAH(MLY)LNVISRHFEDAYNLLYILCGEDHDYTVAAGTK(MLZ)TACEERLPA
;
C
4 'polypeptide(L)'
;GSHMANPLAPYTLPQIAT(MLZ)VQV(MLY)HVPG(MLY)GRCLYT(MLY)HDLEPGSIIFVETPVLVAIPSLDEELWSV
LTEINDEEALELPPVWHLAAICSLTMLDDE(MLY)(MLZ)KICLDKWVPDPDRAPSDDVLRVINRAGLQVHP(MLY)LYE
RMLMVWRYNSFGHHTEQHGLVLYNRISMMAHSCRATACWHYGEDDAFILRARV(MLY)LQAGDELTISYIGDDDLF
(MLY)STNVRRE(MLY)VYGWLFTCQCVRCAAPVDNARGFRCPLCGTGAMFF(MLZ)TEDGETTSSACTICQAFPTQETI
QEYLDFEQAYVDRLAETDKSDVPDAELVYNQATRVFAQHWVLYQLHTILFEGYRDAGNSESASFHQMERI(MLY)YVSQV
MPLASYTLAWLYEEMGDTMLNKAEESGPEVPAH(MLZ)LNVISRHFEDAYNLLYILCGEDHDYTVAAGT(MLZ)KTACEE
RLPAS
;
D
#
# COMPACT_ATOMS: atom_id res chain seq x y z
N GLY A 1 -32.36 -30.29 -24.60
CA GLY A 1 -32.24 -30.45 -23.15
C GLY A 1 -31.18 -31.45 -22.75
N SER A 2 -30.10 -30.96 -22.14
CA SER A 2 -29.01 -31.80 -21.66
C SER A 2 -29.06 -32.04 -20.16
N HIS A 3 -30.17 -31.69 -19.51
CA HIS A 3 -30.34 -32.06 -18.11
C HIS A 3 -30.57 -33.56 -18.00
N MET A 4 -29.85 -34.20 -17.09
CA MET A 4 -30.13 -35.59 -16.75
C MET A 4 -31.07 -35.70 -15.56
N ALA A 5 -31.12 -34.67 -14.72
CA ALA A 5 -32.10 -34.57 -13.64
C ALA A 5 -32.42 -33.10 -13.45
N ASN A 6 -33.44 -32.83 -12.63
CA ASN A 6 -33.78 -31.46 -12.30
C ASN A 6 -32.61 -30.81 -11.57
N PRO A 7 -32.17 -29.62 -12.00
CA PRO A 7 -31.02 -28.98 -11.33
C PRO A 7 -31.31 -28.55 -9.90
N LEU A 8 -32.59 -28.47 -9.52
CA LEU A 8 -32.95 -28.15 -8.14
C LEU A 8 -33.06 -29.38 -7.25
N ALA A 9 -32.97 -30.58 -7.82
CA ALA A 9 -33.02 -31.79 -7.01
C ALA A 9 -31.81 -31.87 -6.10
N PRO A 10 -31.97 -32.33 -4.86
CA PRO A 10 -30.83 -32.39 -3.94
C PRO A 10 -29.74 -33.31 -4.47
N TYR A 11 -28.49 -32.89 -4.26
CA TYR A 11 -27.33 -33.65 -4.71
C TYR A 11 -27.02 -34.80 -3.77
N THR A 12 -26.40 -35.84 -4.31
CA THR A 12 -25.70 -36.79 -3.46
C THR A 12 -24.37 -36.20 -3.02
N LEU A 13 -23.82 -36.77 -1.95
CA LEU A 13 -22.51 -36.30 -1.48
C LEU A 13 -21.42 -36.45 -2.53
N PRO A 14 -21.30 -37.55 -3.29
CA PRO A 14 -20.35 -37.55 -4.41
C PRO A 14 -20.62 -36.45 -5.42
N GLN A 15 -21.89 -36.16 -5.72
CA GLN A 15 -22.19 -35.10 -6.67
C GLN A 15 -21.81 -33.74 -6.12
N ILE A 16 -22.00 -33.52 -4.81
CA ILE A 16 -21.51 -32.28 -4.20
C ILE A 16 -20.00 -32.20 -4.31
N ALA A 17 -19.31 -33.32 -4.11
CA ALA A 17 -17.85 -33.31 -4.16
C ALA A 17 -17.34 -32.92 -5.54
N THR A 18 -18.11 -33.18 -6.58
CA THR A 18 -17.72 -32.79 -7.94
C THR A 18 -17.67 -31.28 -8.12
N VAL A 20 -17.47 -28.75 -5.40
CA VAL A 20 -16.74 -27.95 -4.41
C VAL A 20 -15.59 -28.71 -3.78
N GLN A 21 -14.68 -27.96 -3.16
CA GLN A 21 -13.48 -28.51 -2.55
C GLN A 21 -13.38 -28.01 -1.12
N VAL A 22 -13.41 -28.93 -0.15
CA VAL A 22 -13.17 -28.56 1.24
C VAL A 22 -11.68 -28.47 1.49
N HIS A 24 -9.16 -28.43 4.74
CA HIS A 24 -8.96 -28.60 6.17
C HIS A 24 -7.95 -27.57 6.65
N VAL A 25 -8.11 -27.17 7.91
CA VAL A 25 -7.32 -26.10 8.51
C VAL A 25 -5.84 -26.43 8.37
N PRO A 26 -5.00 -25.46 8.02
CA PRO A 26 -3.56 -25.71 7.95
C PRO A 26 -3.02 -26.20 9.28
N GLY A 27 -2.07 -27.13 9.21
CA GLY A 27 -1.37 -27.59 10.40
C GLY A 27 -0.55 -26.47 11.01
N GLY A 29 -2.97 -26.32 13.14
CA GLY A 29 -4.37 -26.10 13.49
C GLY A 29 -4.73 -24.96 14.42
N ARG A 30 -3.76 -24.42 15.14
CA ARG A 30 -4.06 -23.41 16.15
C ARG A 30 -3.00 -22.31 16.13
N CYS A 31 -3.37 -21.18 16.75
CA CYS A 31 -2.48 -20.06 16.96
C CYS A 31 -2.32 -19.83 18.47
N LEU A 32 -1.17 -19.27 18.87
CA LEU A 32 -0.83 -19.01 20.26
C LEU A 32 -0.30 -17.59 20.39
N TYR A 33 -0.77 -16.87 21.43
CA TYR A 33 -0.46 -15.46 21.61
C TYR A 33 0.06 -15.23 23.03
N THR A 34 0.96 -14.26 23.19
CA THR A 34 1.46 -13.92 24.52
C THR A 34 0.49 -12.97 25.21
N LYS A 35 0.31 -13.18 26.52
CA LYS A 35 -0.53 -12.31 27.33
C LYS A 35 0.21 -11.08 27.85
N HIS A 36 1.54 -11.05 27.73
CA HIS A 36 2.35 -10.02 28.36
C HIS A 36 3.34 -9.45 27.36
N ASP A 37 4.00 -8.37 27.77
CA ASP A 37 5.13 -7.85 27.01
C ASP A 37 6.35 -8.73 27.26
N LEU A 38 7.11 -9.00 26.21
CA LEU A 38 8.28 -9.84 26.31
C LEU A 38 9.49 -9.11 25.73
N GLU A 39 10.58 -9.10 26.46
CA GLU A 39 11.81 -8.62 25.88
C GLU A 39 12.56 -9.78 25.23
N PRO A 40 13.41 -9.49 24.25
CA PRO A 40 14.08 -10.58 23.51
C PRO A 40 14.91 -11.46 24.42
N GLY A 41 14.75 -12.78 24.25
CA GLY A 41 15.49 -13.76 25.03
C GLY A 41 14.80 -14.20 26.31
N SER A 42 13.72 -13.55 26.72
CA SER A 42 13.06 -13.92 27.96
C SER A 42 12.22 -15.19 27.77
N ILE A 43 12.11 -15.96 28.84
CA ILE A 43 11.37 -17.22 28.78
C ILE A 43 9.88 -16.94 28.75
N ILE A 44 9.19 -17.57 27.80
CA ILE A 44 7.73 -17.47 27.71
C ILE A 44 7.14 -18.54 28.63
N PHE A 45 7.50 -19.80 28.38
CA PHE A 45 7.22 -20.88 29.32
C PHE A 45 8.15 -22.06 29.00
N VAL A 46 8.16 -23.01 29.93
CA VAL A 46 8.89 -24.27 29.78
C VAL A 46 7.87 -25.38 29.91
N GLU A 47 7.93 -26.36 29.00
CA GLU A 47 6.92 -27.42 28.98
C GLU A 47 7.56 -28.80 29.02
N THR A 48 7.00 -29.66 29.85
CA THR A 48 7.40 -31.05 29.89
C THR A 48 6.71 -31.83 28.76
N PRO A 49 7.36 -32.87 28.23
CA PRO A 49 6.75 -33.63 27.13
C PRO A 49 5.51 -34.39 27.58
N VAL A 50 4.57 -34.52 26.64
CA VAL A 50 3.51 -35.52 26.78
C VAL A 50 4.13 -36.91 26.80
N LEU A 51 5.07 -37.15 25.89
CA LEU A 51 5.79 -38.41 25.82
C LEU A 51 7.09 -38.20 25.07
N VAL A 52 8.12 -38.91 25.53
CA VAL A 52 9.42 -39.01 24.88
C VAL A 52 9.52 -40.42 24.33
N ALA A 53 9.36 -40.59 23.01
CA ALA A 53 9.50 -41.94 22.47
C ALA A 53 10.96 -42.16 22.12
N ILE A 54 11.52 -43.11 22.83
CA ILE A 54 12.91 -43.55 22.83
C ILE A 54 12.79 -45.06 22.75
N PRO A 55 13.73 -45.76 22.11
CA PRO A 55 13.81 -47.22 22.31
C PRO A 55 13.72 -47.63 23.77
N SER A 56 14.31 -46.83 24.67
CA SER A 56 14.32 -47.13 26.10
C SER A 56 12.92 -47.18 26.71
N LEU A 57 11.91 -46.66 26.01
CA LEU A 57 10.56 -46.63 26.56
C LEU A 57 9.91 -48.00 26.56
N ASP A 58 10.24 -48.85 25.58
CA ASP A 58 9.72 -50.21 25.49
C ASP A 58 10.56 -51.00 24.48
N GLU A 59 11.66 -51.61 24.93
CA GLU A 59 12.57 -52.23 23.95
C GLU A 59 12.03 -53.58 23.47
N GLU A 60 11.16 -54.23 24.23
CA GLU A 60 10.42 -55.37 23.69
C GLU A 60 9.78 -54.97 22.35
N LEU A 61 8.88 -53.99 22.41
CA LEU A 61 8.19 -53.48 21.24
C LEU A 61 9.16 -52.94 20.21
N TRP A 62 10.30 -52.42 20.65
CA TRP A 62 11.27 -51.86 19.72
C TRP A 62 11.93 -52.95 18.89
N SER A 63 12.44 -54.00 19.54
CA SER A 63 13.01 -55.13 18.80
C SER A 63 11.99 -55.69 17.83
N VAL A 64 10.75 -55.86 18.28
CA VAL A 64 9.71 -56.38 17.38
C VAL A 64 9.55 -55.47 16.17
N LEU A 65 9.49 -54.15 16.41
CA LEU A 65 9.26 -53.21 15.32
C LEU A 65 10.43 -53.17 14.34
N THR A 66 11.65 -53.17 14.85
CA THR A 66 12.83 -53.15 13.99
C THR A 66 12.93 -54.41 13.15
N GLU A 67 12.52 -55.55 13.71
CA GLU A 67 12.57 -56.80 12.95
C GLU A 67 11.48 -56.84 11.88
N ILE A 68 10.27 -56.36 12.21
CA ILE A 68 9.24 -56.16 11.20
C ILE A 68 9.76 -55.25 10.08
N ASN A 69 10.49 -54.20 10.45
CA ASN A 69 11.03 -53.28 9.46
C ASN A 69 12.09 -53.95 8.58
N ASP A 70 12.93 -54.78 9.19
CA ASP A 70 13.98 -55.44 8.42
C ASP A 70 13.42 -56.46 7.44
N GLU A 71 12.32 -57.14 7.80
CA GLU A 71 11.73 -58.08 6.86
C GLU A 71 11.08 -57.38 5.68
N GLU A 72 10.17 -56.44 5.95
CA GLU A 72 9.54 -55.64 4.93
C GLU A 72 9.55 -54.19 5.41
N ALA A 73 10.29 -53.34 4.69
CA ALA A 73 10.42 -51.95 5.09
C ALA A 73 9.06 -51.28 5.22
N LEU A 74 8.92 -50.43 6.24
CA LEU A 74 7.66 -49.80 6.61
C LEU A 74 7.77 -48.31 6.36
N GLU A 75 6.69 -47.72 5.82
CA GLU A 75 6.77 -46.38 5.21
C GLU A 75 7.35 -45.35 6.17
N LEU A 76 6.80 -45.26 7.39
CA LEU A 76 7.44 -44.41 8.38
C LEU A 76 8.36 -45.25 9.26
N PRO A 77 9.57 -44.80 9.58
CA PRO A 77 10.50 -45.66 10.35
C PRO A 77 9.89 -46.10 11.68
N PRO A 78 10.46 -47.14 12.30
CA PRO A 78 9.89 -47.67 13.56
C PRO A 78 9.58 -46.65 14.67
N VAL A 79 10.36 -45.55 14.80
CA VAL A 79 10.16 -44.65 15.93
C VAL A 79 8.74 -44.11 15.95
N TRP A 80 8.23 -43.74 14.78
CA TRP A 80 6.88 -43.18 14.72
C TRP A 80 5.85 -44.17 15.26
N HIS A 81 6.07 -45.47 15.03
CA HIS A 81 5.10 -46.46 15.46
C HIS A 81 5.24 -46.78 16.94
N LEU A 82 6.47 -46.83 17.46
CA LEU A 82 6.62 -46.90 18.92
C LEU A 82 5.93 -45.73 19.59
N ALA A 83 6.14 -44.52 19.05
CA ALA A 83 5.50 -43.33 19.60
C ALA A 83 3.98 -43.47 19.61
N ALA A 84 3.40 -43.86 18.48
CA ALA A 84 1.95 -43.96 18.39
C ALA A 84 1.39 -45.02 19.35
N ILE A 85 1.94 -46.23 19.29
CA ILE A 85 1.41 -47.32 20.12
C ILE A 85 1.56 -47.00 21.60
N CYS A 86 2.71 -46.46 22.00
CA CYS A 86 2.91 -46.09 23.40
C CYS A 86 2.00 -44.94 23.78
N SER A 87 1.63 -44.10 22.81
CA SER A 87 0.63 -43.07 23.09
C SER A 87 -0.75 -43.68 23.29
N LEU A 88 -1.03 -44.82 22.67
CA LEU A 88 -2.35 -45.41 22.87
C LEU A 88 -2.42 -46.33 24.09
N THR A 89 -1.27 -46.82 24.59
CA THR A 89 -1.27 -47.76 25.69
C THR A 89 -0.78 -47.18 27.01
N MET A 90 0.13 -46.20 26.97
CA MET A 90 0.86 -45.81 28.16
C MET A 90 0.27 -44.62 28.91
N LEU A 91 -0.57 -43.82 28.29
CA LEU A 91 -1.08 -42.63 28.97
C LEU A 91 -2.52 -42.84 29.42
N ASP A 92 -2.97 -41.91 30.24
CA ASP A 92 -4.32 -41.89 30.76
C ASP A 92 -5.31 -41.58 29.63
N ASP A 93 -6.60 -41.83 29.89
CA ASP A 93 -7.63 -41.51 28.91
C ASP A 93 -7.64 -40.02 28.54
N GLU A 94 -7.30 -39.14 29.48
CA GLU A 94 -7.32 -37.72 29.18
C GLU A 94 -6.10 -37.33 28.33
N LYS A 95 -4.89 -37.71 28.75
CA LYS A 95 -3.68 -37.50 27.96
C LYS A 95 -3.94 -37.96 26.52
N LYS A 97 -6.74 -38.17 24.75
CA LYS A 97 -7.64 -37.33 23.95
C LYS A 97 -6.93 -36.03 23.64
N ILE A 98 -5.91 -35.71 24.44
CA ILE A 98 -5.06 -34.57 24.12
C ILE A 98 -4.28 -34.82 22.83
N CYS A 99 -3.83 -36.05 22.59
CA CYS A 99 -3.06 -36.30 21.38
C CYS A 99 -3.95 -36.68 20.18
N LEU A 100 -5.01 -37.45 20.42
CA LEU A 100 -5.92 -37.83 19.34
C LEU A 100 -6.61 -36.63 18.69
N ASP A 101 -6.80 -35.51 19.43
CA ASP A 101 -7.48 -34.35 18.84
C ASP A 101 -6.52 -33.29 18.30
N LYS A 102 -5.22 -33.56 18.33
CA LYS A 102 -4.27 -32.67 17.67
C LYS A 102 -4.44 -32.76 16.15
N TRP A 103 -3.68 -31.93 15.45
CA TRP A 103 -3.91 -31.77 14.02
C TRP A 103 -3.37 -32.97 13.24
N VAL A 104 -4.02 -33.24 12.12
CA VAL A 104 -3.71 -34.41 11.31
C VAL A 104 -4.16 -34.10 9.88
N PRO A 105 -3.38 -34.47 8.85
CA PRO A 105 -3.78 -34.06 7.49
C PRO A 105 -5.02 -34.76 6.99
N ASP A 106 -5.30 -35.97 7.46
CA ASP A 106 -6.39 -36.80 6.95
C ASP A 106 -7.15 -37.37 8.14
N PRO A 107 -8.14 -36.63 8.65
CA PRO A 107 -8.83 -37.09 9.87
C PRO A 107 -9.52 -38.43 9.71
N ASP A 108 -10.08 -38.72 8.53
CA ASP A 108 -10.86 -39.93 8.31
C ASP A 108 -10.06 -41.04 7.62
N ARG A 109 -8.73 -41.01 7.74
CA ARG A 109 -7.91 -41.96 6.99
C ARG A 109 -8.12 -43.38 7.51
N ALA A 110 -8.28 -44.32 6.57
CA ALA A 110 -8.40 -45.72 6.92
C ALA A 110 -7.06 -46.29 7.37
N PRO A 111 -7.07 -47.36 8.14
CA PRO A 111 -5.81 -47.97 8.60
C PRO A 111 -4.96 -48.40 7.41
N SER A 112 -3.67 -48.04 7.48
CA SER A 112 -2.74 -48.38 6.41
C SER A 112 -2.38 -49.86 6.47
N ASP A 113 -1.83 -50.36 5.36
CA ASP A 113 -1.25 -51.70 5.32
C ASP A 113 -0.31 -51.92 6.49
N ASP A 114 0.63 -50.99 6.65
CA ASP A 114 1.63 -51.05 7.73
C ASP A 114 0.97 -51.20 9.09
N VAL A 115 -0.11 -50.45 9.34
CA VAL A 115 -0.73 -50.47 10.65
C VAL A 115 -1.34 -51.82 10.95
N LEU A 116 -2.15 -52.35 10.02
CA LEU A 116 -2.77 -53.65 10.23
C LEU A 116 -1.70 -54.73 10.40
N ARG A 117 -0.63 -54.65 9.62
CA ARG A 117 0.45 -55.63 9.76
C ARG A 117 1.10 -55.57 11.13
N VAL A 118 1.33 -54.35 11.65
CA VAL A 118 1.92 -54.24 12.99
C VAL A 118 0.97 -54.77 14.05
N ILE A 119 -0.32 -54.45 13.92
CA ILE A 119 -1.32 -54.91 14.87
C ILE A 119 -1.33 -56.43 14.93
N ASN A 120 -1.31 -57.08 13.77
CA ASN A 120 -1.40 -58.54 13.72
C ASN A 120 -0.09 -59.21 14.11
N ARG A 121 1.05 -58.63 13.73
CA ARG A 121 2.35 -59.25 13.98
C ARG A 121 2.80 -59.05 15.41
N ALA A 122 2.59 -57.85 15.97
CA ALA A 122 2.91 -57.60 17.37
C ALA A 122 1.75 -57.92 18.30
N GLY A 123 0.56 -58.21 17.76
CA GLY A 123 -0.57 -58.68 18.53
C GLY A 123 -1.06 -57.72 19.61
N LEU A 124 -1.25 -56.45 19.26
CA LEU A 124 -1.67 -55.46 20.24
C LEU A 124 -3.19 -55.23 20.17
N GLN A 125 -3.70 -54.53 21.17
CA GLN A 125 -5.14 -54.40 21.41
C GLN A 125 -5.71 -53.06 20.96
N VAL A 126 -4.90 -52.17 20.40
CA VAL A 126 -5.36 -50.81 20.11
C VAL A 126 -6.12 -50.78 18.78
N HIS A 127 -7.03 -49.82 18.68
CA HIS A 127 -7.90 -49.69 17.52
C HIS A 127 -7.09 -49.25 16.31
N PRO A 128 -7.22 -49.92 15.16
CA PRO A 128 -6.43 -49.53 13.98
C PRO A 128 -6.63 -48.09 13.56
N LYS A 129 -7.88 -47.60 13.67
CA LYS A 129 -8.17 -46.24 13.24
C LYS A 129 -7.44 -45.21 14.11
N LEU A 130 -7.37 -45.48 15.42
CA LEU A 130 -6.64 -44.60 16.32
C LEU A 130 -5.13 -44.78 16.17
N TYR A 131 -4.68 -45.98 15.84
CA TYR A 131 -3.27 -46.20 15.56
C TYR A 131 -2.82 -45.33 14.38
N GLU A 132 -3.59 -45.35 13.29
CA GLU A 132 -3.30 -44.49 12.16
C GLU A 132 -3.34 -43.01 12.55
N ARG A 133 -4.46 -42.62 13.20
CA ARG A 133 -4.59 -41.24 13.66
C ARG A 133 -3.34 -40.79 14.43
N MET A 134 -2.84 -41.65 15.32
CA MET A 134 -1.73 -41.25 16.18
C MET A 134 -0.41 -41.22 15.45
N LEU A 135 -0.18 -42.14 14.49
CA LEU A 135 1.06 -42.08 13.73
C LEU A 135 1.15 -40.74 12.99
N MET A 136 0.03 -40.27 12.42
CA MET A 136 0.13 -38.95 11.82
C MET A 136 0.19 -37.79 12.83
N VAL A 137 -0.46 -37.90 14.00
CA VAL A 137 -0.30 -36.78 14.94
C VAL A 137 1.16 -36.62 15.32
N TRP A 138 1.90 -37.72 15.48
CA TRP A 138 3.31 -37.50 15.80
C TRP A 138 4.14 -37.18 14.56
N ARG A 139 3.71 -37.62 13.37
CA ARG A 139 4.42 -37.23 12.15
C ARG A 139 4.35 -35.73 11.95
N TYR A 140 3.25 -35.11 12.35
CA TYR A 140 3.01 -33.69 12.06
C TYR A 140 3.00 -32.81 13.30
N ASN A 141 3.34 -33.33 14.48
CA ASN A 141 3.30 -32.53 15.69
C ASN A 141 4.51 -32.68 16.61
N SER A 142 5.40 -33.64 16.36
CA SER A 142 6.48 -33.93 17.29
C SER A 142 7.78 -33.24 16.90
N PHE A 143 8.77 -33.37 17.78
CA PHE A 143 10.10 -32.84 17.54
C PHE A 143 11.11 -33.97 17.67
N GLY A 144 12.16 -33.88 16.86
CA GLY A 144 13.24 -34.85 16.97
C GLY A 144 13.98 -34.74 18.29
N HIS A 145 14.37 -35.88 18.84
CA HIS A 145 15.09 -35.91 20.10
C HIS A 145 16.42 -35.17 19.97
N HIS A 146 16.93 -34.69 21.11
CA HIS A 146 18.13 -33.87 21.08
C HIS A 146 19.36 -34.69 20.70
N THR A 147 19.60 -35.79 21.42
CA THR A 147 20.79 -36.62 21.21
C THR A 147 20.49 -37.93 20.51
N GLU A 148 19.54 -38.70 21.02
CA GLU A 148 19.27 -40.04 20.50
C GLU A 148 18.66 -39.92 19.11
N GLN A 149 19.28 -40.57 18.15
CA GLN A 149 19.01 -40.26 16.75
C GLN A 149 17.68 -40.85 16.28
N HIS A 150 17.24 -41.97 16.88
CA HIS A 150 15.91 -42.54 16.63
C HIS A 150 14.95 -42.18 17.77
N GLY A 151 14.76 -40.88 18.00
CA GLY A 151 13.91 -40.43 19.09
C GLY A 151 13.03 -39.26 18.72
N LEU A 152 11.85 -39.17 19.31
CA LEU A 152 10.97 -38.04 19.02
C LEU A 152 10.24 -37.65 20.30
N VAL A 153 9.72 -36.42 20.34
CA VAL A 153 9.15 -35.86 21.56
C VAL A 153 7.88 -35.10 21.19
N LEU A 154 6.81 -35.27 21.98
CA LEU A 154 5.60 -34.50 21.74
C LEU A 154 5.25 -33.66 22.96
N TYR A 155 4.77 -32.46 22.68
CA TYR A 155 4.26 -31.53 23.68
C TYR A 155 2.87 -31.10 23.28
N ASN A 156 2.10 -30.64 24.27
CA ASN A 156 0.73 -30.25 24.02
C ASN A 156 0.61 -28.78 23.62
N ARG A 157 1.10 -27.88 24.48
CA ARG A 157 0.97 -26.46 24.20
C ARG A 157 1.84 -26.04 23.01
N ILE A 158 3.01 -26.65 22.84
CA ILE A 158 3.91 -26.25 21.75
C ILE A 158 3.24 -26.46 20.39
N SER A 159 2.41 -27.48 20.27
CA SER A 159 1.71 -27.74 19.01
C SER A 159 0.70 -26.64 18.67
N MET A 160 0.40 -25.74 19.59
CA MET A 160 -0.58 -24.69 19.33
C MET A 160 0.00 -23.50 18.58
N MET A 161 1.30 -23.46 18.34
CA MET A 161 1.93 -22.34 17.65
C MET A 161 1.89 -22.58 16.15
N ALA A 162 1.47 -21.57 15.40
CA ALA A 162 1.46 -21.65 13.95
C ALA A 162 2.87 -21.51 13.40
N HIS A 163 3.04 -21.90 12.14
CA HIS A 163 4.34 -21.83 11.50
C HIS A 163 4.61 -20.42 10.98
N SER A 164 5.88 -20.03 11.00
CA SER A 164 6.36 -18.87 10.27
C SER A 164 7.82 -19.10 9.88
N CYS A 165 8.17 -18.68 8.67
CA CYS A 165 9.57 -18.70 8.27
C CYS A 165 10.37 -17.58 8.94
N ARG A 166 9.68 -16.62 9.58
CA ARG A 166 10.30 -15.59 10.41
C ARG A 166 9.61 -15.64 11.78
N ALA A 167 10.00 -16.62 12.59
CA ALA A 167 9.27 -16.92 13.81
C ALA A 167 9.50 -15.87 14.89
N THR A 168 8.46 -15.62 15.68
CA THR A 168 8.53 -14.70 16.80
C THR A 168 9.16 -15.34 18.04
N ALA A 169 9.23 -16.66 18.08
CA ALA A 169 9.72 -17.39 19.24
C ALA A 169 10.82 -18.36 18.81
N CYS A 170 11.74 -18.61 19.74
CA CYS A 170 12.79 -19.61 19.54
C CYS A 170 12.71 -20.59 20.70
N TRP A 171 13.42 -21.71 20.57
CA TRP A 171 13.29 -22.74 21.59
C TRP A 171 14.57 -23.55 21.69
N HIS A 172 14.73 -24.20 22.84
CA HIS A 172 15.80 -25.17 23.00
C HIS A 172 15.42 -26.15 24.10
N TYR A 173 16.09 -27.30 24.11
CA TYR A 173 15.80 -28.35 25.07
C TYR A 173 16.44 -28.07 26.42
N GLY A 174 15.68 -28.26 27.48
CA GLY A 174 16.22 -28.30 28.82
C GLY A 174 16.76 -29.69 29.13
N GLU A 175 16.97 -29.95 30.42
CA GLU A 175 17.73 -31.14 30.79
C GLU A 175 16.91 -32.41 30.64
N ASP A 176 15.67 -32.42 31.14
CA ASP A 176 14.84 -33.62 31.04
C ASP A 176 13.86 -33.48 29.88
N ASP A 177 14.43 -33.22 28.69
CA ASP A 177 13.66 -33.00 27.47
C ASP A 177 12.63 -31.89 27.64
N ALA A 178 12.88 -30.97 28.58
CA ALA A 178 12.02 -29.81 28.73
C ALA A 178 12.15 -28.92 27.50
N PHE A 179 11.03 -28.34 27.09
CA PHE A 179 10.95 -27.45 25.95
C PHE A 179 10.93 -26.02 26.47
N ILE A 180 12.05 -25.33 26.32
CA ILE A 180 12.20 -23.95 26.77
C ILE A 180 11.86 -23.05 25.60
N LEU A 181 10.78 -22.29 25.75
CA LEU A 181 10.30 -21.36 24.73
C LEU A 181 10.66 -19.94 25.14
N ARG A 182 11.39 -19.26 24.27
CA ARG A 182 11.86 -17.89 24.50
C ARG A 182 11.34 -16.96 23.41
N ALA A 183 11.23 -15.69 23.77
CA ALA A 183 10.91 -14.66 22.78
C ALA A 183 12.15 -14.39 21.93
N ARG A 184 12.00 -14.55 20.61
CA ARG A 184 13.09 -14.29 19.68
C ARG A 184 13.22 -12.80 19.38
N VAL A 185 12.12 -12.06 19.50
CA VAL A 185 12.10 -10.63 19.25
C VAL A 185 11.37 -9.93 20.40
N LEU A 187 8.30 -8.35 21.98
CA LEU A 187 6.88 -8.58 21.75
C LEU A 187 5.99 -7.82 22.73
N GLN A 188 4.81 -7.43 22.26
CA GLN A 188 3.81 -6.76 23.08
C GLN A 188 2.70 -7.74 23.41
N ALA A 189 1.98 -7.44 24.49
CA ALA A 189 0.89 -8.31 24.92
C ALA A 189 -0.14 -8.47 23.81
N GLY A 190 -0.46 -9.72 23.48
CA GLY A 190 -1.38 -10.04 22.42
C GLY A 190 -0.71 -10.44 21.10
N ASP A 191 0.59 -10.23 20.97
CA ASP A 191 1.29 -10.61 19.76
C ASP A 191 1.32 -12.13 19.61
N GLU A 192 1.32 -12.59 18.36
CA GLU A 192 1.30 -14.02 18.09
C GLU A 192 2.69 -14.62 18.28
N LEU A 193 2.73 -15.83 18.83
CA LEU A 193 3.95 -16.59 19.00
C LEU A 193 4.02 -17.67 17.93
N THR A 194 5.01 -17.59 17.05
CA THR A 194 5.19 -18.55 15.99
C THR A 194 6.55 -19.23 16.11
N ILE A 195 6.62 -20.45 15.61
CA ILE A 195 7.89 -21.17 15.48
C ILE A 195 7.99 -21.71 14.07
N SER A 196 9.20 -22.11 13.71
CA SER A 196 9.47 -22.65 12.38
C SER A 196 9.23 -24.15 12.41
N TYR A 197 8.27 -24.61 11.60
CA TYR A 197 8.07 -26.03 11.40
C TYR A 197 9.21 -26.67 10.64
N ILE A 198 10.08 -25.86 10.03
CA ILE A 198 11.13 -26.32 9.14
C ILE A 198 12.48 -26.10 9.81
N GLY A 199 13.39 -27.04 9.61
CA GLY A 199 14.67 -26.99 10.28
C GLY A 199 15.55 -25.86 9.79
N ASP A 200 16.56 -25.55 10.61
CA ASP A 200 17.48 -24.47 10.29
C ASP A 200 18.31 -24.75 9.05
N ASP A 201 18.46 -26.02 8.66
CA ASP A 201 19.21 -26.34 7.46
C ASP A 201 18.50 -25.89 6.20
N ASP A 202 17.22 -25.52 6.28
CA ASP A 202 16.45 -25.05 5.14
C ASP A 202 15.91 -23.65 5.30
N LEU A 203 16.00 -23.05 6.49
CA LEU A 203 15.37 -21.74 6.72
C LEU A 203 16.04 -20.64 5.92
N PHE A 204 17.31 -20.81 5.56
CA PHE A 204 18.03 -19.76 4.84
C PHE A 204 17.83 -19.88 3.33
N SER A 206 15.41 -20.35 -0.31
CA SER A 206 14.42 -19.45 -0.92
C SER A 206 12.98 -19.88 -0.67
N THR A 207 12.05 -19.01 -1.07
CA THR A 207 10.64 -19.19 -0.74
C THR A 207 10.08 -20.49 -1.30
N ASN A 208 10.43 -20.82 -2.55
CA ASN A 208 9.94 -22.06 -3.14
C ASN A 208 10.35 -23.27 -2.31
N VAL A 209 11.58 -23.27 -1.81
CA VAL A 209 12.10 -24.42 -1.07
C VAL A 209 11.39 -24.53 0.28
N ARG A 210 11.32 -23.43 1.03
CA ARG A 210 10.64 -23.45 2.32
C ARG A 210 9.19 -23.90 2.16
N ARG A 211 8.51 -23.39 1.14
CA ARG A 211 7.13 -23.81 0.89
C ARG A 211 7.05 -25.30 0.61
N GLU A 212 8.01 -25.84 -0.15
CA GLU A 212 8.05 -27.29 -0.36
C GLU A 212 8.18 -28.02 0.97
N VAL A 214 7.10 -27.07 3.94
CA VAL A 214 5.92 -27.04 4.79
C VAL A 214 4.62 -27.49 4.10
N TYR A 215 4.71 -27.90 2.83
CA TYR A 215 3.49 -28.35 2.13
C TYR A 215 2.81 -29.51 2.85
N GLY A 216 3.57 -30.32 3.60
CA GLY A 216 2.99 -31.45 4.29
C GLY A 216 1.92 -31.08 5.29
N TRP A 217 2.02 -29.88 5.88
CA TRP A 217 0.97 -29.36 6.74
C TRP A 217 -0.17 -28.73 5.93
N LEU A 218 -0.18 -28.96 4.61
CA LEU A 218 -1.30 -28.64 3.74
C LEU A 218 -1.63 -27.14 3.73
N PHE A 219 -0.60 -26.31 3.60
CA PHE A 219 -0.81 -24.91 3.31
C PHE A 219 0.37 -24.40 2.49
N THR A 220 0.10 -23.41 1.65
CA THR A 220 1.15 -22.66 0.96
C THR A 220 1.52 -21.48 1.86
N CYS A 221 2.74 -21.49 2.39
CA CYS A 221 3.12 -20.51 3.39
C CYS A 221 3.00 -19.10 2.83
N GLN A 222 2.38 -18.22 3.61
CA GLN A 222 2.26 -16.81 3.27
C GLN A 222 2.78 -15.93 4.41
N CYS A 223 3.78 -16.43 5.13
CA CYS A 223 4.40 -15.64 6.19
C CYS A 223 5.09 -14.42 5.60
N VAL A 224 5.62 -13.57 6.49
CA VAL A 224 6.17 -12.29 6.07
C VAL A 224 7.31 -12.48 5.08
N ARG A 225 8.15 -13.48 5.29
CA ARG A 225 9.21 -13.78 4.33
C ARG A 225 8.64 -14.37 3.05
N CYS A 226 7.74 -15.34 3.21
CA CYS A 226 7.26 -16.11 2.07
C CYS A 226 6.37 -15.26 1.15
N ALA A 227 5.71 -14.24 1.69
CA ALA A 227 4.86 -13.35 0.92
C ALA A 227 5.55 -12.04 0.51
N ALA A 228 6.83 -11.89 0.81
CA ALA A 228 7.54 -10.67 0.46
C ALA A 228 7.59 -10.49 -1.06
N PRO A 229 7.51 -9.25 -1.54
CA PRO A 229 7.55 -9.03 -3.00
C PRO A 229 8.85 -9.49 -3.63
N VAL A 230 9.96 -9.40 -2.91
CA VAL A 230 11.27 -9.78 -3.41
C VAL A 230 11.78 -10.95 -2.58
N ASP A 231 12.08 -12.06 -3.24
CA ASP A 231 12.75 -13.19 -2.60
C ASP A 231 14.25 -12.96 -2.74
N ASN A 232 14.84 -12.29 -1.75
CA ASN A 232 16.26 -11.97 -1.81
C ASN A 232 17.16 -13.14 -1.42
N ALA A 233 16.61 -14.35 -1.31
CA ALA A 233 17.41 -15.55 -1.19
C ALA A 233 17.61 -16.25 -2.52
N ARG A 234 17.03 -15.71 -3.60
CA ARG A 234 16.97 -16.38 -4.90
C ARG A 234 17.47 -15.45 -5.99
N GLY A 235 18.66 -14.92 -5.83
CA GLY A 235 19.21 -13.93 -6.74
C GLY A 235 20.16 -14.53 -7.75
N PHE A 236 19.95 -14.18 -9.01
CA PHE A 236 20.78 -14.61 -10.11
C PHE A 236 21.58 -13.42 -10.65
N ARG A 237 22.75 -13.71 -11.20
CA ARG A 237 23.59 -12.67 -11.77
C ARG A 237 22.97 -12.16 -13.07
N CYS A 238 22.61 -10.88 -13.09
CA CYS A 238 22.01 -10.29 -14.28
C CYS A 238 22.92 -10.49 -15.50
N PRO A 239 22.42 -11.05 -16.59
CA PRO A 239 23.25 -11.23 -17.79
C PRO A 239 23.45 -9.95 -18.60
N LEU A 240 22.67 -8.91 -18.35
CA LEU A 240 22.82 -7.67 -19.09
C LEU A 240 24.02 -6.88 -18.58
N CYS A 241 24.04 -6.56 -17.28
CA CYS A 241 25.14 -5.79 -16.72
C CYS A 241 26.26 -6.67 -16.16
N GLY A 242 25.97 -7.94 -15.86
CA GLY A 242 26.99 -8.88 -15.43
C GLY A 242 27.33 -8.84 -13.96
N THR A 243 26.71 -7.95 -13.19
CA THR A 243 27.10 -7.75 -11.79
C THR A 243 25.94 -7.62 -10.82
N GLY A 244 24.80 -7.06 -11.23
CA GLY A 244 23.66 -6.95 -10.35
C GLY A 244 22.95 -8.27 -10.14
N ALA A 245 21.95 -8.24 -9.26
CA ALA A 245 21.16 -9.41 -8.92
C ALA A 245 19.72 -9.22 -9.35
N MET A 246 19.15 -10.26 -9.95
CA MET A 246 17.72 -10.33 -10.24
C MET A 246 17.12 -11.47 -9.43
N PHE A 247 16.13 -11.15 -8.63
CA PHE A 247 15.55 -12.10 -7.67
C PHE A 247 14.28 -12.72 -8.27
N PHE A 248 14.26 -14.04 -8.35
CA PHE A 248 13.13 -14.76 -8.92
C PHE A 248 12.11 -15.06 -7.84
N LYS A 249 10.85 -15.22 -8.26
CA LYS A 249 9.75 -15.48 -7.34
C LYS A 249 8.68 -16.27 -8.07
N THR A 250 8.22 -17.35 -7.45
CA THR A 250 7.24 -18.24 -8.06
C THR A 250 5.93 -18.16 -7.29
N GLU A 251 4.86 -17.83 -7.98
CA GLU A 251 3.51 -17.87 -7.42
C GLU A 251 2.60 -18.53 -8.43
N ASP A 252 1.74 -19.44 -7.95
CA ASP A 252 0.78 -20.15 -8.78
C ASP A 252 1.47 -20.78 -10.00
N GLY A 253 2.62 -21.40 -9.75
CA GLY A 253 3.36 -22.09 -10.79
C GLY A 253 4.07 -21.22 -11.79
N GLU A 254 3.95 -19.90 -11.70
CA GLU A 254 4.60 -18.98 -12.63
C GLU A 254 5.70 -18.20 -11.93
N THR A 255 6.84 -18.09 -12.60
CA THR A 255 8.01 -17.41 -12.06
C THR A 255 8.19 -16.05 -12.72
N THR A 256 8.38 -15.03 -11.90
CA THR A 256 8.71 -13.69 -12.35
C THR A 256 10.02 -13.25 -11.68
N SER A 257 10.52 -12.09 -12.08
CA SER A 257 11.78 -11.59 -11.57
C SER A 257 11.65 -10.12 -11.21
N SER A 258 12.34 -9.74 -10.14
CA SER A 258 12.55 -8.32 -9.86
C SER A 258 13.48 -7.72 -10.91
N ALA A 259 13.45 -6.40 -11.00
CA ALA A 259 14.41 -5.72 -11.85
C ALA A 259 15.80 -5.85 -11.24
N CYS A 260 16.81 -5.90 -12.11
CA CYS A 260 18.19 -6.03 -11.64
C CYS A 260 18.52 -4.91 -10.66
N THR A 261 19.25 -5.26 -9.59
CA THR A 261 19.56 -4.27 -8.56
C THR A 261 20.42 -3.13 -9.08
N ILE A 262 21.19 -3.34 -10.14
CA ILE A 262 22.14 -2.34 -10.62
C ILE A 262 21.61 -1.65 -11.88
N CYS A 263 21.33 -2.43 -12.93
CA CYS A 263 20.92 -1.83 -14.19
C CYS A 263 19.41 -1.74 -14.36
N GLN A 264 18.64 -2.30 -13.43
CA GLN A 264 17.18 -2.16 -13.37
C GLN A 264 16.46 -2.81 -14.55
N ALA A 265 17.13 -3.69 -15.29
CA ALA A 265 16.47 -4.38 -16.38
C ALA A 265 15.74 -5.62 -15.87
N PHE A 266 14.61 -5.93 -16.51
CA PHE A 266 13.88 -7.17 -16.26
C PHE A 266 14.33 -8.24 -17.25
N PRO A 267 14.57 -9.47 -16.80
CA PRO A 267 14.85 -10.54 -17.76
C PRO A 267 13.58 -10.95 -18.49
N THR A 268 13.76 -11.44 -19.71
CA THR A 268 12.64 -12.03 -20.43
C THR A 268 12.23 -13.34 -19.78
N GLN A 269 11.02 -13.80 -20.14
CA GLN A 269 10.57 -15.10 -19.64
C GLN A 269 11.48 -16.22 -20.13
N GLU A 270 12.05 -16.07 -21.33
CA GLU A 270 13.00 -17.06 -21.84
C GLU A 270 14.27 -17.09 -20.99
N THR A 271 14.80 -15.93 -20.64
CA THR A 271 15.94 -15.88 -19.73
C THR A 271 15.58 -16.47 -18.37
N ILE A 272 14.37 -16.20 -17.89
CA ILE A 272 13.93 -16.74 -16.61
C ILE A 272 13.94 -18.26 -16.65
N GLN A 273 13.41 -18.85 -17.72
CA GLN A 273 13.42 -20.30 -17.85
C GLN A 273 14.84 -20.85 -17.94
N GLU A 274 15.69 -20.18 -18.72
CA GLU A 274 17.10 -20.55 -18.82
C GLU A 274 17.75 -20.64 -17.44
N TYR A 275 17.57 -19.59 -16.64
CA TYR A 275 18.20 -19.56 -15.33
C TYR A 275 17.52 -20.47 -14.31
N LEU A 276 16.25 -20.81 -14.52
CA LEU A 276 15.64 -21.85 -13.71
C LEU A 276 16.28 -23.20 -14.00
N ASP A 277 16.58 -23.47 -15.27
CA ASP A 277 17.31 -24.69 -15.62
C ASP A 277 18.68 -24.71 -14.97
N PHE A 278 19.42 -23.59 -15.07
CA PHE A 278 20.71 -23.48 -14.38
C PHE A 278 20.54 -23.78 -12.89
N GLU A 279 19.54 -23.15 -12.26
CA GLU A 279 19.29 -23.32 -10.84
C GLU A 279 19.13 -24.79 -10.48
N GLN A 280 18.26 -25.50 -11.21
CA GLN A 280 18.05 -26.92 -10.92
C GLN A 280 19.33 -27.73 -11.14
N ALA A 281 20.10 -27.40 -12.18
CA ALA A 281 21.35 -28.11 -12.41
C ALA A 281 22.31 -27.97 -11.24
N TYR A 282 22.42 -26.77 -10.66
CA TYR A 282 23.32 -26.57 -9.54
C TYR A 282 22.77 -27.17 -8.24
N VAL A 283 21.44 -27.14 -8.06
CA VAL A 283 20.86 -27.87 -6.94
C VAL A 283 21.22 -29.34 -7.01
N ASP A 284 21.15 -29.93 -8.21
CA ASP A 284 21.58 -31.30 -8.39
C ASP A 284 23.06 -31.47 -8.08
N ARG A 285 23.90 -30.55 -8.56
CA ARG A 285 25.34 -30.67 -8.34
C ARG A 285 25.69 -30.60 -6.86
N LEU A 286 24.89 -29.86 -6.06
CA LEU A 286 25.19 -29.74 -4.63
C LEU A 286 25.23 -31.08 -3.94
N ALA A 287 24.41 -32.04 -4.37
CA ALA A 287 24.41 -33.36 -3.75
C ALA A 287 25.71 -34.11 -4.00
N GLU A 288 26.45 -33.73 -5.05
CA GLU A 288 27.73 -34.34 -5.38
C GLU A 288 28.91 -33.51 -4.91
N THR A 289 28.67 -32.43 -4.18
CA THR A 289 29.71 -31.50 -3.76
C THR A 289 29.79 -31.47 -2.25
N ASP A 290 31.00 -31.55 -1.71
CA ASP A 290 31.17 -31.57 -0.26
C ASP A 290 32.60 -31.21 0.11
N LYS A 291 32.83 -31.04 1.40
CA LYS A 291 34.07 -30.48 1.92
C LYS A 291 35.25 -31.44 1.87
N SER A 292 35.03 -32.73 1.58
CA SER A 292 36.13 -33.66 1.49
C SER A 292 36.87 -33.59 0.16
N ASP A 293 36.32 -32.88 -0.82
CA ASP A 293 36.98 -32.62 -2.11
C ASP A 293 36.87 -31.13 -2.38
N VAL A 294 37.83 -30.37 -1.88
CA VAL A 294 37.82 -28.92 -2.01
C VAL A 294 38.13 -28.49 -3.44
N PRO A 295 39.09 -29.11 -4.16
CA PRO A 295 39.26 -28.73 -5.58
C PRO A 295 37.98 -28.79 -6.39
N ASP A 296 37.20 -29.86 -6.21
CA ASP A 296 35.93 -30.00 -6.90
C ASP A 296 34.97 -28.89 -6.53
N ALA A 297 34.85 -28.61 -5.22
CA ALA A 297 33.99 -27.53 -4.76
C ALA A 297 34.44 -26.18 -5.28
N GLU A 298 35.74 -26.00 -5.48
CA GLU A 298 36.25 -24.76 -6.09
C GLU A 298 35.80 -24.65 -7.54
N LEU A 299 35.91 -25.75 -8.29
CA LEU A 299 35.39 -25.77 -9.65
C LEU A 299 33.92 -25.38 -9.70
N VAL A 300 33.10 -26.03 -8.87
CA VAL A 300 31.67 -25.77 -8.87
C VAL A 300 31.38 -24.33 -8.47
N TYR A 301 32.12 -23.81 -7.48
CA TYR A 301 31.89 -22.43 -7.05
C TYR A 301 32.21 -21.45 -8.17
N ASN A 302 33.35 -21.66 -8.84
CA ASN A 302 33.72 -20.78 -9.95
C ASN A 302 32.66 -20.77 -11.03
N GLN A 303 32.17 -21.96 -11.42
CA GLN A 303 31.11 -21.99 -12.41
C GLN A 303 29.82 -21.34 -11.89
N ALA A 304 29.54 -21.46 -10.60
CA ALA A 304 28.27 -20.98 -10.06
C ALA A 304 28.24 -19.47 -9.92
N THR A 305 29.40 -18.82 -9.76
CA THR A 305 29.41 -17.37 -9.64
C THR A 305 28.89 -16.69 -10.90
N ARG A 306 28.99 -17.34 -12.06
CA ARG A 306 28.45 -16.76 -13.28
C ARG A 306 26.93 -16.80 -13.32
N VAL A 307 26.31 -17.68 -12.54
CA VAL A 307 24.87 -17.83 -12.54
C VAL A 307 24.22 -17.08 -11.39
N PHE A 308 24.82 -17.13 -10.20
CA PHE A 308 24.17 -16.68 -8.98
C PHE A 308 24.75 -15.37 -8.48
N ALA A 309 23.88 -14.57 -7.86
CA ALA A 309 24.27 -13.39 -7.10
C ALA A 309 23.33 -13.31 -5.91
N GLN A 310 23.82 -13.67 -4.72
CA GLN A 310 23.01 -13.79 -3.51
C GLN A 310 21.92 -14.84 -3.69
N HIS A 311 22.31 -16.11 -3.59
CA HIS A 311 21.41 -17.23 -3.75
C HIS A 311 21.82 -18.30 -2.74
N TRP A 312 20.85 -19.05 -2.24
CA TRP A 312 21.15 -20.03 -1.20
C TRP A 312 22.07 -21.14 -1.71
N VAL A 313 22.06 -21.41 -3.01
CA VAL A 313 23.00 -22.40 -3.57
C VAL A 313 24.43 -21.88 -3.42
N LEU A 314 24.63 -20.60 -3.77
CA LEU A 314 25.94 -19.99 -3.59
C LEU A 314 26.34 -19.97 -2.13
N TYR A 315 25.38 -19.72 -1.22
CA TYR A 315 25.68 -19.78 0.20
C TYR A 315 26.14 -21.19 0.60
N GLN A 316 25.48 -22.22 0.07
CA GLN A 316 25.90 -23.59 0.37
C GLN A 316 27.32 -23.84 -0.11
N LEU A 317 27.67 -23.33 -1.29
CA LEU A 317 29.04 -23.51 -1.77
C LEU A 317 30.03 -22.75 -0.89
N HIS A 318 29.68 -21.53 -0.47
CA HIS A 318 30.50 -20.81 0.50
C HIS A 318 30.70 -21.62 1.77
N THR A 319 29.64 -22.31 2.22
CA THR A 319 29.72 -23.11 3.43
C THR A 319 30.68 -24.28 3.25
N ILE A 320 30.50 -25.05 2.16
CA ILE A 320 31.39 -26.17 1.87
C ILE A 320 32.84 -25.70 1.83
N LEU A 321 33.09 -24.58 1.13
CA LEU A 321 34.46 -24.12 0.99
C LEU A 321 35.02 -23.63 2.32
N PHE A 322 34.20 -22.95 3.13
CA PHE A 322 34.68 -22.50 4.43
C PHE A 322 35.06 -23.68 5.31
N GLU A 323 34.22 -24.71 5.36
CA GLU A 323 34.54 -25.85 6.21
C GLU A 323 35.74 -26.62 5.70
N GLY A 324 35.88 -26.72 4.37
CA GLY A 324 37.05 -27.40 3.81
C GLY A 324 38.34 -26.66 4.12
N TYR A 325 38.34 -25.34 3.91
CA TYR A 325 39.53 -24.55 4.19
C TYR A 325 39.85 -24.52 5.68
N ARG A 326 38.82 -24.41 6.52
CA ARG A 326 39.03 -24.41 7.96
C ARG A 326 39.63 -25.73 8.41
N ASP A 327 39.10 -26.85 7.92
CA ASP A 327 39.65 -28.15 8.28
C ASP A 327 41.08 -28.32 7.81
N ALA A 328 41.44 -27.67 6.70
CA ALA A 328 42.78 -27.76 6.16
C ALA A 328 43.73 -26.71 6.73
N GLY A 329 43.25 -25.86 7.65
CA GLY A 329 44.08 -24.84 8.23
C GLY A 329 44.34 -23.63 7.36
N ASN A 330 43.59 -23.47 6.26
CA ASN A 330 43.76 -22.33 5.36
C ASN A 330 42.81 -21.22 5.81
N SER A 331 43.29 -20.40 6.75
CA SER A 331 42.46 -19.33 7.29
C SER A 331 42.21 -18.24 6.25
N GLU A 332 43.11 -18.08 5.28
CA GLU A 332 43.05 -16.93 4.38
C GLU A 332 41.77 -16.93 3.53
N SER A 333 41.49 -18.04 2.84
CA SER A 333 40.31 -18.13 1.98
C SER A 333 39.05 -18.48 2.78
N ALA A 334 39.21 -19.29 3.84
CA ALA A 334 38.12 -19.51 4.77
C ALA A 334 37.53 -18.19 5.24
N SER A 335 38.38 -17.19 5.46
CA SER A 335 37.93 -15.87 5.88
C SER A 335 36.99 -15.26 4.84
N PHE A 336 37.43 -15.21 3.58
CA PHE A 336 36.60 -14.63 2.52
C PHE A 336 35.24 -15.31 2.45
N HIS A 337 35.23 -16.65 2.39
CA HIS A 337 33.96 -17.35 2.24
C HIS A 337 33.07 -17.16 3.47
N GLN A 338 33.66 -17.08 4.66
CA GLN A 338 32.86 -16.87 5.86
C GLN A 338 32.23 -15.48 5.86
N MET A 339 32.96 -14.48 5.38
CA MET A 339 32.39 -13.14 5.27
C MET A 339 31.25 -13.09 4.25
N GLU A 340 31.39 -13.80 3.13
CA GLU A 340 30.26 -13.93 2.21
C GLU A 340 29.06 -14.60 2.87
N ARG A 341 29.32 -15.62 3.71
CA ARG A 341 28.22 -16.29 4.41
C ARG A 341 27.49 -15.33 5.33
N ILE A 342 28.22 -14.52 6.09
CA ILE A 342 27.62 -13.55 6.99
C ILE A 342 26.77 -12.54 6.21
N TYR A 344 25.30 -12.96 3.21
CA TYR A 344 24.11 -13.64 2.76
C TYR A 344 23.08 -13.78 3.87
N VAL A 345 23.47 -14.38 5.00
CA VAL A 345 22.49 -14.68 6.05
C VAL A 345 21.90 -13.41 6.63
N SER A 346 22.74 -12.41 6.88
CA SER A 346 22.22 -11.17 7.45
C SER A 346 21.33 -10.41 6.48
N GLN A 347 21.47 -10.65 5.17
CA GLN A 347 20.50 -10.08 4.23
C GLN A 347 19.20 -10.89 4.20
N VAL A 348 19.32 -12.22 4.17
CA VAL A 348 18.19 -13.10 3.89
C VAL A 348 17.38 -13.41 5.14
N MET A 349 18.05 -13.62 6.26
CA MET A 349 17.42 -14.10 7.50
C MET A 349 18.05 -13.37 8.66
N PRO A 350 17.69 -12.10 8.87
CA PRO A 350 18.45 -11.27 9.82
C PRO A 350 18.15 -11.53 11.29
N LEU A 351 17.04 -12.17 11.63
CA LEU A 351 16.73 -12.39 13.03
C LEU A 351 17.68 -13.43 13.63
N ALA A 352 17.72 -13.45 14.96
CA ALA A 352 18.67 -14.30 15.66
C ALA A 352 18.48 -15.76 15.29
N SER A 353 19.58 -16.43 14.92
CA SER A 353 19.56 -17.85 14.63
C SER A 353 20.89 -18.44 15.07
N TYR A 354 20.90 -19.76 15.27
CA TYR A 354 22.16 -20.43 15.59
C TYR A 354 23.14 -20.34 14.43
N THR A 355 22.62 -20.38 13.20
CA THR A 355 23.47 -20.24 12.01
C THR A 355 24.22 -18.92 12.03
N LEU A 356 23.50 -17.81 12.23
CA LEU A 356 24.14 -16.49 12.21
C LEU A 356 25.11 -16.33 13.38
N ALA A 357 24.66 -16.68 14.59
CA ALA A 357 25.52 -16.56 15.76
C ALA A 357 26.84 -17.31 15.57
N TRP A 358 26.76 -18.56 15.11
CA TRP A 358 27.98 -19.33 14.91
C TRP A 358 28.76 -18.89 13.68
N LEU A 359 28.10 -18.21 12.73
CA LEU A 359 28.85 -17.54 11.67
C LEU A 359 29.76 -16.46 12.26
N TYR A 360 29.22 -15.65 13.17
CA TYR A 360 30.04 -14.62 13.82
C TYR A 360 31.14 -15.25 14.65
N GLU A 361 30.81 -16.27 15.45
CA GLU A 361 31.80 -16.91 16.30
C GLU A 361 32.93 -17.51 15.47
N GLU A 362 32.57 -18.28 14.43
CA GLU A 362 33.60 -18.92 13.63
C GLU A 362 34.40 -17.92 12.81
N MET A 363 33.80 -16.78 12.44
CA MET A 363 34.58 -15.70 11.89
C MET A 363 35.63 -15.21 12.88
N GLY A 364 35.23 -15.07 14.15
CA GLY A 364 36.20 -14.74 15.19
C GLY A 364 37.34 -15.76 15.25
N ASP A 365 36.99 -17.05 15.24
CA ASP A 365 38.01 -18.09 15.26
C ASP A 365 38.98 -17.94 14.09
N THR A 366 38.45 -17.81 12.88
CA THR A 366 39.29 -17.74 11.68
C THR A 366 40.21 -16.53 11.72
N MET A 367 39.64 -15.36 12.06
CA MET A 367 40.45 -14.16 12.12
C MET A 367 41.54 -14.28 13.18
N LEU A 368 41.21 -14.88 14.32
CA LEU A 368 42.21 -15.02 15.39
C LEU A 368 43.33 -15.97 14.97
N ASN A 369 42.99 -17.08 14.32
CA ASN A 369 44.02 -17.99 13.82
C ASN A 369 44.94 -17.29 12.83
N LYS A 370 44.34 -16.71 11.79
CA LYS A 370 45.12 -15.99 10.78
C LYS A 370 46.04 -14.95 11.41
N ALA A 371 45.52 -14.19 12.39
CA ALA A 371 46.35 -13.19 13.05
C ALA A 371 47.48 -13.84 13.84
N GLU A 372 47.19 -14.93 14.54
CA GLU A 372 48.20 -15.59 15.36
C GLU A 372 49.28 -16.28 14.55
N GLU A 373 49.08 -16.46 13.24
CA GLU A 373 50.18 -16.92 12.41
C GLU A 373 51.34 -15.94 12.34
N SER A 374 51.11 -14.68 12.73
CA SER A 374 52.16 -13.67 12.77
C SER A 374 52.86 -13.57 14.12
N GLY A 375 52.46 -14.38 15.09
CA GLY A 375 52.98 -14.29 16.43
C GLY A 375 51.87 -14.11 17.44
N PRO A 376 52.15 -14.43 18.71
CA PRO A 376 51.09 -14.33 19.73
C PRO A 376 50.65 -12.91 20.02
N GLU A 377 51.54 -11.93 19.92
CA GLU A 377 51.16 -10.55 20.16
C GLU A 377 50.39 -10.01 18.96
N VAL A 378 49.07 -10.13 19.02
CA VAL A 378 48.18 -9.66 17.97
C VAL A 378 47.80 -8.22 18.29
N PRO A 379 47.86 -7.30 17.33
CA PRO A 379 47.63 -5.88 17.64
C PRO A 379 46.25 -5.63 18.18
N ALA A 380 46.11 -4.49 18.87
CA ALA A 380 44.85 -4.15 19.54
C ALA A 380 43.70 -4.13 18.55
N HIS A 381 43.85 -3.38 17.45
CA HIS A 381 42.80 -3.22 16.45
C HIS A 381 42.18 -4.56 16.06
N LEU A 383 42.48 -7.47 17.50
CA LEU A 383 41.84 -8.01 18.69
C LEU A 383 40.42 -7.48 18.79
N ASN A 384 40.29 -6.15 18.78
CA ASN A 384 38.97 -5.54 18.91
C ASN A 384 38.03 -6.09 17.85
N VAL A 385 38.47 -6.10 16.59
CA VAL A 385 37.61 -6.61 15.52
C VAL A 385 37.18 -8.03 15.86
N ILE A 386 38.15 -8.90 16.19
CA ILE A 386 37.83 -10.27 16.55
C ILE A 386 36.82 -10.29 17.68
N SER A 387 37.10 -9.51 18.74
CA SER A 387 36.21 -9.45 19.88
C SER A 387 34.79 -9.11 19.44
N ARG A 388 34.66 -8.10 18.56
CA ARG A 388 33.35 -7.69 18.09
C ARG A 388 32.56 -8.90 17.59
N HIS A 389 33.18 -9.71 16.73
CA HIS A 389 32.49 -10.86 16.18
C HIS A 389 32.06 -11.80 17.31
N PHE A 390 32.99 -12.14 18.21
CA PHE A 390 32.63 -12.98 19.34
C PHE A 390 31.45 -12.37 20.07
N GLU A 391 31.51 -11.07 20.34
CA GLU A 391 30.43 -10.41 21.07
C GLU A 391 29.12 -10.59 20.34
N ASP A 392 29.12 -10.36 19.03
CA ASP A 392 27.89 -10.53 18.26
C ASP A 392 27.33 -11.93 18.46
N ALA A 393 28.19 -12.94 18.35
CA ALA A 393 27.76 -14.31 18.61
C ALA A 393 27.08 -14.39 19.96
N TYR A 394 27.77 -13.94 21.00
CA TYR A 394 27.21 -13.90 22.34
C TYR A 394 25.84 -13.25 22.31
N ASN A 395 25.74 -12.04 21.73
CA ASN A 395 24.50 -11.29 21.78
C ASN A 395 23.36 -12.09 21.19
N LEU A 396 23.63 -12.87 20.14
CA LEU A 396 22.55 -13.64 19.53
C LEU A 396 22.22 -14.86 20.36
N LEU A 397 23.25 -15.56 20.86
CA LEU A 397 22.99 -16.77 21.63
C LEU A 397 22.28 -16.44 22.93
N TYR A 398 22.64 -15.31 23.54
CA TYR A 398 21.92 -14.82 24.71
C TYR A 398 20.43 -14.78 24.47
N ILE A 399 20.00 -14.37 23.27
CA ILE A 399 18.58 -14.31 22.96
C ILE A 399 18.04 -15.72 22.73
N LEU A 400 18.82 -16.57 22.08
CA LEU A 400 18.30 -17.85 21.63
C LEU A 400 18.20 -18.87 22.76
N CYS A 401 19.20 -18.92 23.63
CA CYS A 401 19.23 -19.98 24.63
C CYS A 401 19.64 -19.51 26.03
N GLY A 402 19.79 -18.21 26.25
CA GLY A 402 19.91 -17.70 27.61
C GLY A 402 21.34 -17.36 28.00
N GLU A 403 21.44 -16.63 29.11
CA GLU A 403 22.72 -16.12 29.57
C GLU A 403 23.69 -17.24 29.92
N ASP A 404 23.21 -18.30 30.57
CA ASP A 404 24.06 -19.32 31.16
C ASP A 404 24.17 -20.58 30.31
N HIS A 405 23.67 -20.57 29.08
CA HIS A 405 23.77 -21.74 28.22
C HIS A 405 25.21 -21.96 27.77
N ASP A 406 25.54 -23.22 27.49
CA ASP A 406 26.91 -23.57 27.13
C ASP A 406 27.37 -22.85 25.87
N TYR A 407 26.49 -22.68 24.89
CA TYR A 407 26.85 -21.94 23.69
C TYR A 407 27.18 -20.49 24.02
N THR A 408 26.28 -19.82 24.75
CA THR A 408 26.47 -18.43 25.11
C THR A 408 27.75 -18.23 25.92
N VAL A 409 27.98 -19.10 26.90
CA VAL A 409 29.17 -18.95 27.73
C VAL A 409 30.43 -19.26 26.93
N ALA A 410 30.32 -20.08 25.89
CA ALA A 410 31.47 -20.33 25.02
C ALA A 410 31.83 -19.07 24.25
N ALA A 411 30.85 -18.47 23.57
CA ALA A 411 31.13 -17.24 22.82
C ALA A 411 31.64 -16.13 23.73
N GLY A 412 30.96 -15.90 24.86
CA GLY A 412 31.42 -14.90 25.81
C GLY A 412 32.81 -15.20 26.36
N THR A 413 33.13 -16.49 26.51
CA THR A 413 34.48 -16.88 26.94
C THR A 413 35.52 -16.41 25.93
N LYS A 414 35.29 -16.70 24.65
CA LYS A 414 36.23 -16.25 23.63
C LYS A 414 36.34 -14.72 23.61
N LYS A 415 35.20 -14.03 23.72
CA LYS A 415 35.21 -12.57 23.75
C LYS A 415 36.07 -12.04 24.87
N THR A 416 35.82 -12.50 26.10
CA THR A 416 36.56 -11.97 27.25
C THR A 416 38.03 -12.34 27.21
N ALA A 417 38.38 -13.50 26.64
CA ALA A 417 39.78 -13.82 26.43
C ALA A 417 40.43 -12.80 25.49
N CYS A 418 39.74 -12.48 24.39
CA CYS A 418 40.22 -11.45 23.48
C CYS A 418 40.47 -10.14 24.23
N GLU A 419 39.51 -9.69 25.03
CA GLU A 419 39.71 -8.47 25.80
C GLU A 419 40.89 -8.61 26.76
N GLU A 420 41.09 -9.81 27.31
CA GLU A 420 42.19 -10.04 28.25
C GLU A 420 43.54 -9.82 27.57
N ARG A 421 43.66 -10.17 26.29
CA ARG A 421 44.92 -9.98 25.61
C ARG A 421 45.13 -8.55 25.10
N LEU A 422 44.22 -7.62 25.39
CA LEU A 422 44.34 -6.24 24.96
C LEU A 422 45.32 -5.47 25.85
N PRO A 423 46.04 -4.49 25.27
CA PRO A 423 46.90 -3.58 26.04
C PRO A 423 46.11 -2.70 27.01
N LEU B 1 -14.08 43.47 2.52
CA LEU B 1 -12.94 42.77 3.12
C LEU B 1 -11.66 43.27 2.44
N ALA B 2 -10.88 44.05 3.20
CA ALA B 2 -9.86 44.91 2.63
C ALA B 2 -8.67 44.11 2.11
N PRO B 3 -8.11 44.51 0.97
CA PRO B 3 -6.95 43.80 0.42
C PRO B 3 -5.73 43.89 1.32
N TYR B 4 -4.95 42.81 1.34
CA TYR B 4 -3.71 42.75 2.09
C TYR B 4 -2.59 43.42 1.29
N THR B 5 -1.64 44.00 2.02
CA THR B 5 -0.41 44.36 1.34
C THR B 5 0.45 43.12 1.11
N LEU B 6 1.44 43.26 0.25
CA LEU B 6 2.31 42.13 -0.07
C LEU B 6 3.02 41.56 1.16
N PRO B 7 3.55 42.37 2.09
CA PRO B 7 4.13 41.78 3.31
C PRO B 7 3.11 41.05 4.16
N GLN B 8 1.87 41.54 4.19
CA GLN B 8 0.78 40.87 4.91
C GLN B 8 0.49 39.51 4.29
N ILE B 9 0.48 39.44 2.95
CA ILE B 9 0.30 38.17 2.24
C ILE B 9 1.45 37.22 2.56
N ALA B 10 2.68 37.74 2.56
CA ALA B 10 3.85 36.90 2.81
C ALA B 10 3.86 36.31 4.22
N THR B 11 3.15 36.92 5.15
CA THR B 11 3.12 36.42 6.52
C THR B 11 2.28 35.15 6.62
N VAL B 13 1.36 32.95 3.77
CA VAL B 13 1.66 31.87 2.84
C VAL B 13 3.14 31.84 2.49
N GLN B 14 3.60 30.69 2.02
CA GLN B 14 4.98 30.45 1.63
C GLN B 14 5.01 30.03 0.17
N VAL B 15 5.67 30.81 -0.67
CA VAL B 15 5.82 30.47 -2.08
C VAL B 15 6.96 29.47 -2.27
N HIS B 17 9.60 28.16 -4.99
CA HIS B 17 10.27 28.40 -6.27
C HIS B 17 10.21 27.14 -7.13
N VAL B 18 10.26 27.30 -8.45
CA VAL B 18 10.53 26.17 -9.33
C VAL B 18 11.85 25.58 -8.84
N PRO B 19 11.89 24.31 -8.47
CA PRO B 19 13.16 23.74 -7.98
C PRO B 19 14.22 23.78 -9.08
N GLY B 20 15.44 24.12 -8.68
CA GLY B 20 16.57 24.09 -9.60
C GLY B 20 16.79 22.68 -10.11
N GLY B 22 15.18 23.74 -12.72
CA GLY B 22 13.98 24.29 -13.35
C GLY B 22 13.27 23.47 -14.40
N ARG B 23 13.91 22.42 -14.91
CA ARG B 23 13.35 21.66 -16.02
C ARG B 23 13.56 20.17 -15.79
N CYS B 24 12.85 19.37 -16.59
CA CYS B 24 13.00 17.93 -16.65
C CYS B 24 13.31 17.51 -18.07
N LEU B 25 14.05 16.41 -18.22
CA LEU B 25 14.45 15.90 -19.51
C LEU B 25 14.09 14.43 -19.60
N TYR B 26 13.60 14.02 -20.78
CA TYR B 26 13.12 12.67 -21.00
C TYR B 26 13.73 12.09 -22.26
N THR B 27 14.04 10.80 -22.23
CA THR B 27 14.55 10.13 -23.42
C THR B 27 13.40 9.84 -24.38
N HIS B 29 13.83 7.52 -26.73
CA HIS B 29 14.10 6.17 -27.19
C HIS B 29 14.41 5.22 -26.04
N ASP B 30 14.20 3.93 -26.26
CA ASP B 30 14.73 2.93 -25.36
C ASP B 30 16.24 3.05 -25.30
N LEU B 31 16.81 2.85 -24.11
CA LEU B 31 18.25 2.93 -23.92
C LEU B 31 18.72 1.73 -23.13
N GLU B 32 19.78 1.09 -23.62
CA GLU B 32 20.46 0.07 -22.85
C GLU B 32 21.43 0.70 -21.87
N PRO B 33 21.72 0.03 -20.75
CA PRO B 33 22.68 0.59 -19.79
C PRO B 33 24.04 0.83 -20.43
N GLY B 34 24.56 2.04 -20.24
CA GLY B 34 25.84 2.42 -20.80
C GLY B 34 25.78 3.09 -22.16
N SER B 35 24.61 3.14 -22.78
CA SER B 35 24.49 3.74 -24.11
C SER B 35 24.62 5.25 -24.01
N ILE B 36 25.29 5.83 -25.02
CA ILE B 36 25.37 7.29 -25.11
C ILE B 36 24.00 7.83 -25.47
N ILE B 37 23.54 8.84 -24.71
CA ILE B 37 22.28 9.52 -24.98
C ILE B 37 22.57 10.67 -25.93
N PHE B 38 23.49 11.54 -25.53
CA PHE B 38 24.06 12.53 -26.44
C PHE B 38 25.37 13.04 -25.87
N VAL B 39 26.09 13.79 -26.70
CA VAL B 39 27.32 14.48 -26.33
C VAL B 39 27.11 15.95 -26.63
N GLU B 40 27.42 16.81 -25.67
CA GLU B 40 27.18 18.23 -25.82
C GLU B 40 28.48 19.03 -25.65
N THR B 41 28.66 20.02 -26.52
CA THR B 41 29.75 20.98 -26.37
C THR B 41 29.36 22.05 -25.36
N PRO B 42 30.34 22.63 -24.67
CA PRO B 42 30.03 23.69 -23.71
C PRO B 42 29.54 24.95 -24.41
N VAL B 43 28.63 25.65 -23.73
CA VAL B 43 28.36 27.04 -24.09
C VAL B 43 29.61 27.88 -23.87
N LEU B 44 30.29 27.66 -22.74
CA LEU B 44 31.54 28.34 -22.46
C LEU B 44 32.35 27.52 -21.46
N VAL B 45 33.67 27.52 -21.67
CA VAL B 45 34.66 26.95 -20.77
C VAL B 45 35.41 28.11 -20.13
N ALA B 46 35.11 28.38 -18.86
CA ALA B 46 35.73 29.47 -18.11
C ALA B 46 37.00 28.96 -17.44
N ILE B 47 38.14 29.30 -18.05
CA ILE B 47 39.46 29.02 -17.49
C ILE B 47 40.33 30.26 -17.66
N PRO B 48 41.40 30.38 -16.87
CA PRO B 48 42.23 31.60 -16.95
C PRO B 48 42.70 31.93 -18.36
N SER B 49 43.01 30.93 -19.17
CA SER B 49 43.47 31.17 -20.54
C SER B 49 42.39 31.77 -21.44
N LEU B 50 41.14 31.85 -20.96
CA LEU B 50 40.09 32.49 -21.75
C LEU B 50 40.32 33.98 -21.87
N ASP B 51 40.88 34.61 -20.83
CA ASP B 51 41.15 36.05 -20.86
C ASP B 51 42.17 36.30 -19.73
N GLU B 52 43.46 36.19 -20.07
CA GLU B 52 44.49 36.24 -19.03
C GLU B 52 44.57 37.63 -18.40
N GLU B 53 44.35 38.69 -19.18
CA GLU B 53 44.34 40.03 -18.60
C GLU B 53 43.23 40.17 -17.57
N LEU B 54 41.99 39.85 -17.97
CA LEU B 54 40.88 39.84 -17.03
C LEU B 54 41.19 38.98 -15.82
N TRP B 55 41.79 37.80 -16.04
CA TRP B 55 42.12 36.92 -14.93
C TRP B 55 43.07 37.60 -13.95
N SER B 56 44.16 38.19 -14.47
CA SER B 56 45.15 38.82 -13.58
C SER B 56 44.51 39.93 -12.77
N VAL B 57 43.74 40.81 -13.43
CA VAL B 57 42.92 41.78 -12.70
C VAL B 57 42.17 41.09 -11.57
N LEU B 58 41.21 40.22 -11.93
CA LEU B 58 40.44 39.39 -11.00
C LEU B 58 41.25 38.95 -9.78
N THR B 59 42.37 38.27 -10.04
CA THR B 59 43.25 37.82 -8.97
C THR B 59 43.59 38.96 -8.04
N GLU B 60 44.10 40.07 -8.59
CA GLU B 60 44.58 41.13 -7.71
C GLU B 60 43.45 41.77 -6.90
N ILE B 61 42.26 41.97 -7.50
CA ILE B 61 41.16 42.48 -6.67
C ILE B 61 40.81 41.47 -5.58
N ASN B 62 40.95 40.18 -5.87
CA ASN B 62 40.65 39.18 -4.85
C ASN B 62 41.65 39.25 -3.70
N ASP B 63 42.93 39.45 -4.01
CA ASP B 63 43.94 39.47 -2.96
C ASP B 63 43.88 40.76 -2.14
N GLU B 64 43.45 41.87 -2.75
CA GLU B 64 43.22 43.07 -1.95
C GLU B 64 42.05 42.87 -0.98
N GLU B 65 40.90 42.49 -1.52
CA GLU B 65 39.68 42.27 -0.75
C GLU B 65 39.07 40.97 -1.25
N ALA B 66 38.97 39.98 -0.36
CA ALA B 66 38.52 38.66 -0.79
C ALA B 66 37.09 38.71 -1.33
N LEU B 67 36.88 38.03 -2.45
CA LEU B 67 35.57 37.94 -3.06
C LEU B 67 34.81 36.77 -2.45
N GLU B 68 33.50 36.96 -2.23
CA GLU B 68 32.69 35.90 -1.65
C GLU B 68 32.74 34.65 -2.51
N LEU B 69 32.52 34.81 -3.82
CA LEU B 69 32.73 33.74 -4.78
C LEU B 69 34.11 33.92 -5.42
N PRO B 70 34.89 32.85 -5.53
CA PRO B 70 36.27 32.99 -6.05
C PRO B 70 36.31 33.59 -7.44
N PRO B 71 37.50 34.01 -7.90
CA PRO B 71 37.57 34.75 -9.18
C PRO B 71 37.00 34.02 -10.38
N VAL B 72 37.11 32.68 -10.43
CA VAL B 72 36.73 31.96 -11.64
C VAL B 72 35.25 32.15 -11.95
N TRP B 73 34.41 32.31 -10.92
CA TRP B 73 33.00 32.55 -11.16
C TRP B 73 32.78 33.88 -11.86
N HIS B 74 33.52 34.92 -11.46
CA HIS B 74 33.40 36.22 -12.10
C HIS B 74 33.97 36.20 -13.51
N LEU B 75 35.10 35.51 -13.70
CA LEU B 75 35.62 35.30 -15.05
C LEU B 75 34.54 34.70 -15.95
N ALA B 76 33.87 33.66 -15.45
CA ALA B 76 32.81 33.00 -16.20
C ALA B 76 31.67 33.96 -16.53
N ALA B 77 31.16 34.66 -15.51
CA ALA B 77 30.00 35.52 -15.72
C ALA B 77 30.32 36.66 -16.69
N ILE B 78 31.35 37.44 -16.36
CA ILE B 78 31.76 38.53 -17.24
C ILE B 78 31.94 38.02 -18.66
N CYS B 79 32.84 37.05 -18.85
CA CYS B 79 33.10 36.53 -20.20
C CYS B 79 31.83 36.03 -20.88
N SER B 80 30.84 35.58 -20.10
CA SER B 80 29.56 35.19 -20.69
C SER B 80 28.82 36.41 -21.22
N LEU B 81 28.94 37.55 -20.53
CA LEU B 81 28.29 38.77 -21.02
C LEU B 81 29.08 39.47 -22.12
N THR B 82 30.40 39.27 -22.19
CA THR B 82 31.23 39.94 -23.20
C THR B 82 31.49 39.12 -24.47
N MET B 83 31.70 37.81 -24.36
CA MET B 83 32.27 37.04 -25.45
C MET B 83 31.26 36.21 -26.21
N LEU B 84 30.06 36.02 -25.67
CA LEU B 84 29.03 35.23 -26.33
C LEU B 84 28.17 36.12 -27.21
N ASP B 85 27.71 35.55 -28.33
CA ASP B 85 26.76 36.26 -29.17
C ASP B 85 25.43 36.44 -28.43
N ASP B 86 24.56 37.27 -29.00
CA ASP B 86 23.29 37.58 -28.36
C ASP B 86 22.45 36.33 -28.16
N GLU B 87 22.55 35.36 -29.06
CA GLU B 87 21.74 34.16 -29.02
C GLU B 87 22.08 33.31 -27.80
N LYS B 89 24.00 34.33 -25.14
CA LYS B 89 23.92 35.15 -23.94
C LYS B 89 22.53 35.04 -23.34
N LYS B 90 21.53 34.89 -24.21
CA LYS B 90 20.16 34.73 -23.75
C LYS B 90 19.92 33.32 -23.19
N ILE B 91 20.53 32.29 -23.78
CA ILE B 91 20.37 30.94 -23.24
C ILE B 91 20.97 30.87 -21.84
N CYS B 92 22.04 31.62 -21.58
CA CYS B 92 22.62 31.66 -20.25
C CYS B 92 21.73 32.43 -19.28
N LEU B 93 21.29 33.63 -19.68
CA LEU B 93 20.43 34.44 -18.83
C LEU B 93 19.08 33.80 -18.60
N ASP B 94 18.65 32.89 -19.48
CA ASP B 94 17.39 32.18 -19.32
C ASP B 94 17.49 31.05 -18.30
N LYS B 95 18.69 30.72 -17.83
CA LYS B 95 18.88 29.57 -16.96
C LYS B 95 18.37 29.86 -15.55
N TRP B 96 18.12 28.78 -14.81
CA TRP B 96 17.53 28.88 -13.48
C TRP B 96 18.45 29.60 -12.51
N VAL B 97 17.86 30.50 -11.71
CA VAL B 97 18.57 31.17 -10.64
C VAL B 97 17.68 31.12 -9.40
N PRO B 98 18.24 31.15 -8.19
CA PRO B 98 17.39 31.12 -7.00
C PRO B 98 16.67 32.44 -6.76
N ASP B 99 17.22 33.54 -7.25
CA ASP B 99 16.74 34.87 -6.90
C ASP B 99 16.70 35.71 -8.17
N PRO B 100 15.61 35.60 -8.94
CA PRO B 100 15.55 36.36 -10.20
C PRO B 100 15.68 37.85 -10.00
N ASP B 101 15.23 38.36 -8.85
CA ASP B 101 15.10 39.79 -8.63
C ASP B 101 16.29 40.40 -7.92
N ARG B 102 17.39 39.67 -7.79
CA ARG B 102 18.39 40.04 -6.81
C ARG B 102 19.19 41.26 -7.27
N ALA B 103 19.34 42.23 -6.38
CA ALA B 103 20.11 43.43 -6.66
C ALA B 103 21.60 43.10 -6.80
N PRO B 104 22.35 43.94 -7.50
CA PRO B 104 23.79 43.70 -7.63
C PRO B 104 24.47 43.65 -6.27
N SER B 105 25.24 42.60 -6.04
CA SER B 105 26.03 42.48 -4.82
C SER B 105 27.13 43.54 -4.81
N ASP B 106 27.75 43.71 -3.64
CA ASP B 106 28.82 44.68 -3.52
C ASP B 106 30.08 44.22 -4.24
N ASP B 107 30.35 42.91 -4.22
CA ASP B 107 31.43 42.35 -5.03
C ASP B 107 31.27 42.74 -6.49
N VAL B 108 30.03 42.72 -6.99
CA VAL B 108 29.78 42.98 -8.41
C VAL B 108 30.05 44.45 -8.75
N LEU B 109 29.46 45.37 -7.98
CA LEU B 109 29.69 46.79 -8.25
C LEU B 109 31.17 47.12 -8.12
N ARG B 110 31.85 46.50 -7.15
CA ARG B 110 33.29 46.72 -6.99
C ARG B 110 34.06 46.27 -8.23
N VAL B 111 33.86 45.02 -8.66
CA VAL B 111 34.58 44.51 -9.82
C VAL B 111 34.28 45.36 -11.05
N ILE B 112 33.03 45.80 -11.19
CA ILE B 112 32.68 46.68 -12.31
C ILE B 112 33.51 47.96 -12.25
N ASN B 113 33.67 48.52 -11.04
CA ASN B 113 34.32 49.82 -10.92
C ASN B 113 35.85 49.71 -11.06
N ARG B 114 36.45 48.66 -10.49
CA ARG B 114 37.89 48.57 -10.46
C ARG B 114 38.46 47.87 -11.68
N ALA B 115 37.68 47.01 -12.34
CA ALA B 115 38.05 46.51 -13.65
C ALA B 115 37.53 47.38 -14.78
N GLY B 116 36.63 48.32 -14.48
CA GLY B 116 36.14 49.27 -15.46
C GLY B 116 35.40 48.67 -16.63
N LEU B 117 34.47 47.77 -16.35
CA LEU B 117 33.74 47.07 -17.40
C LEU B 117 32.39 47.73 -17.68
N GLN B 118 31.88 47.50 -18.89
CA GLN B 118 30.67 48.12 -19.37
C GLN B 118 29.43 47.23 -19.23
N VAL B 119 29.54 46.12 -18.50
CA VAL B 119 28.42 45.20 -18.37
C VAL B 119 27.45 45.72 -17.32
N HIS B 120 26.16 45.49 -17.55
CA HIS B 120 25.13 45.94 -16.63
C HIS B 120 25.19 45.11 -15.36
N PRO B 121 25.29 45.74 -14.17
CA PRO B 121 25.43 45.07 -12.88
C PRO B 121 24.45 43.92 -12.66
N LEU B 123 22.71 42.12 -14.69
CA LEU B 123 22.98 40.97 -15.52
C LEU B 123 24.17 40.23 -14.95
N TYR B 124 25.24 40.98 -14.66
CA TYR B 124 26.43 40.44 -14.01
C TYR B 124 26.02 39.54 -12.85
N GLU B 125 25.38 40.14 -11.84
CA GLU B 125 24.82 39.40 -10.72
C GLU B 125 24.11 38.13 -11.18
N ARG B 126 23.10 38.28 -12.05
CA ARG B 126 22.31 37.13 -12.46
C ARG B 126 23.21 36.07 -13.09
N MET B 127 24.14 36.49 -13.95
CA MET B 127 25.04 35.53 -14.57
C MET B 127 25.82 34.76 -13.52
N LEU B 128 26.32 35.46 -12.49
CA LEU B 128 26.91 34.78 -11.34
C LEU B 128 26.05 33.61 -10.91
N MET B 129 24.80 33.91 -10.53
CA MET B 129 23.91 32.88 -10.04
C MET B 129 23.81 31.73 -11.04
N VAL B 130 23.64 32.07 -12.32
CA VAL B 130 23.58 31.04 -13.35
C VAL B 130 24.76 30.09 -13.19
N TRP B 131 25.97 30.64 -13.23
CA TRP B 131 27.15 29.79 -13.18
C TRP B 131 27.26 29.07 -11.85
N ARG B 132 26.78 29.68 -10.77
CA ARG B 132 26.90 28.99 -9.49
C ARG B 132 25.94 27.81 -9.42
N TYR B 133 24.83 27.86 -10.14
CA TYR B 133 23.78 26.86 -9.98
C TYR B 133 23.56 26.01 -11.22
N ASN B 134 24.35 26.18 -12.28
CA ASN B 134 24.19 25.40 -13.50
C ASN B 134 25.49 24.90 -14.10
N SER B 135 26.65 25.27 -13.55
CA SER B 135 27.94 24.92 -14.15
C SER B 135 28.58 23.75 -13.42
N PHE B 136 29.57 23.15 -14.08
CA PHE B 136 30.34 22.04 -13.55
C PHE B 136 31.79 22.46 -13.37
N GLY B 137 32.48 21.76 -12.47
CA GLY B 137 33.91 21.98 -12.32
C GLY B 137 34.68 21.41 -13.50
N HIS B 138 35.72 22.13 -13.91
CA HIS B 138 36.54 21.69 -15.02
C HIS B 138 37.28 20.41 -14.64
N HIS B 139 37.51 19.56 -15.66
CA HIS B 139 38.11 18.24 -15.42
C HIS B 139 39.54 18.37 -14.93
N THR B 140 40.31 19.25 -15.54
CA THR B 140 41.75 19.36 -15.28
C THR B 140 42.10 20.58 -14.45
N GLU B 141 41.64 21.75 -14.88
CA GLU B 141 42.10 23.01 -14.31
C GLU B 141 41.35 23.32 -13.01
N GLN B 142 42.08 23.40 -11.91
CA GLN B 142 41.57 24.11 -10.74
C GLN B 142 41.40 25.57 -11.13
N HIS B 143 40.31 26.18 -10.65
CA HIS B 143 39.84 27.47 -11.14
C HIS B 143 39.36 27.32 -12.59
N GLY B 144 38.40 26.42 -12.77
CA GLY B 144 37.80 26.18 -14.06
C GLY B 144 36.35 25.75 -13.94
N LEU B 145 35.49 26.32 -14.77
CA LEU B 145 34.06 25.99 -14.79
C LEU B 145 33.62 25.78 -16.21
N VAL B 146 32.56 24.99 -16.39
CA VAL B 146 32.04 24.69 -17.73
C VAL B 146 30.52 24.77 -17.66
N LEU B 147 29.90 25.43 -18.64
CA LEU B 147 28.44 25.53 -18.64
C LEU B 147 27.86 24.98 -19.93
N TYR B 148 26.81 24.18 -19.80
CA TYR B 148 26.16 23.53 -20.93
C TYR B 148 24.69 23.94 -21.02
N ASN B 149 24.16 23.87 -22.24
CA ASN B 149 22.76 24.23 -22.48
C ASN B 149 21.82 23.11 -22.05
N ARG B 150 21.84 22.00 -22.78
CA ARG B 150 20.85 20.95 -22.56
C ARG B 150 21.06 20.23 -21.24
N ILE B 151 22.31 20.09 -20.79
CA ILE B 151 22.58 19.35 -19.56
C ILE B 151 21.85 19.98 -18.38
N SER B 152 21.70 21.30 -18.38
CA SER B 152 21.03 21.99 -17.28
C SER B 152 19.55 21.66 -17.19
N MET B 153 18.97 21.00 -18.19
CA MET B 153 17.55 20.71 -18.19
C MET B 153 17.20 19.40 -17.49
N MET B 154 18.20 18.69 -16.95
CA MET B 154 17.95 17.46 -16.21
C MET B 154 17.72 17.78 -14.74
N ALA B 155 16.64 17.24 -14.19
CA ALA B 155 16.38 17.39 -12.76
C ALA B 155 17.35 16.53 -11.96
N HIS B 156 17.47 16.85 -10.68
CA HIS B 156 18.35 16.09 -9.79
C HIS B 156 17.67 14.84 -9.27
N SER B 157 18.47 13.82 -9.02
CA SER B 157 18.04 12.65 -8.25
C SER B 157 19.25 12.09 -7.52
N CYS B 158 19.03 11.65 -6.28
CA CYS B 158 20.06 10.91 -5.57
C CYS B 158 20.22 9.49 -6.11
N ARG B 159 19.31 9.05 -6.97
CA ARG B 159 19.41 7.77 -7.68
C ARG B 159 19.22 8.09 -9.17
N ALA B 160 20.23 8.74 -9.76
CA ALA B 160 20.12 9.23 -11.12
C ALA B 160 19.98 8.08 -12.11
N THR B 161 19.20 8.32 -13.17
CA THR B 161 19.06 7.37 -14.26
C THR B 161 20.10 7.58 -15.36
N ALA B 162 20.85 8.68 -15.30
CA ALA B 162 21.89 8.98 -16.27
C ALA B 162 23.21 9.24 -15.56
N CYS B 163 24.31 8.92 -16.24
CA CYS B 163 25.65 9.22 -15.75
C CYS B 163 26.38 10.00 -16.84
N TRP B 164 27.54 10.53 -16.50
CA TRP B 164 28.22 11.39 -17.45
C TRP B 164 29.72 11.37 -17.21
N HIS B 165 30.46 11.81 -18.23
CA HIS B 165 31.89 11.99 -18.09
C HIS B 165 32.38 12.92 -19.17
N TYR B 166 33.53 13.55 -18.92
CA TYR B 166 34.12 14.46 -19.87
C TYR B 166 34.85 13.69 -20.98
N GLY B 167 34.62 14.13 -22.21
CA GLY B 167 35.38 13.67 -23.35
C GLY B 167 36.45 14.65 -23.76
N GLU B 168 36.93 14.49 -24.99
CA GLU B 168 37.91 15.42 -25.52
C GLU B 168 37.27 16.80 -25.70
N ASP B 169 38.07 17.83 -25.46
CA ASP B 169 37.64 19.22 -25.64
C ASP B 169 36.43 19.56 -24.79
N ASP B 170 36.43 19.06 -23.55
CA ASP B 170 35.41 19.38 -22.55
C ASP B 170 34.02 18.99 -23.04
N ALA B 171 33.94 18.00 -23.92
CA ALA B 171 32.65 17.46 -24.31
C ALA B 171 32.00 16.77 -23.13
N PHE B 172 30.69 16.95 -23.00
CA PHE B 172 29.90 16.33 -21.95
C PHE B 172 29.23 15.10 -22.54
N ILE B 173 29.70 13.92 -22.15
CA ILE B 173 29.18 12.65 -22.65
C ILE B 173 28.16 12.15 -21.65
N LEU B 174 26.90 12.06 -22.09
CA LEU B 174 25.79 11.62 -21.25
C LEU B 174 25.41 10.20 -21.64
N ARG B 175 25.40 9.30 -20.66
CA ARG B 175 25.08 7.90 -20.87
C ARG B 175 23.90 7.50 -19.99
N ALA B 176 23.22 6.45 -20.42
CA ALA B 176 22.20 5.82 -19.58
C ALA B 176 22.89 4.98 -18.51
N ARG B 177 22.54 5.25 -17.25
CA ARG B 177 23.07 4.50 -16.13
C ARG B 177 22.29 3.20 -15.88
N VAL B 178 21.03 3.16 -16.30
CA VAL B 178 20.15 2.01 -16.15
C VAL B 178 19.42 1.77 -17.46
N LYS B 179 18.76 0.63 -17.55
CA LYS B 179 17.91 0.36 -18.70
C LYS B 179 16.69 1.27 -18.67
N LEU B 180 16.43 1.96 -19.79
CA LEU B 180 15.38 2.96 -19.85
C LEU B 180 14.49 2.71 -21.05
N GLN B 181 13.21 3.05 -20.91
CA GLN B 181 12.24 2.98 -21.99
C GLN B 181 11.90 4.37 -22.47
N ALA B 182 11.46 4.45 -23.72
CA ALA B 182 11.06 5.73 -24.31
C ALA B 182 10.03 6.42 -23.43
N GLY B 183 10.31 7.67 -23.07
CA GLY B 183 9.47 8.44 -22.17
C GLY B 183 9.98 8.53 -20.76
N ASP B 184 10.97 7.73 -20.38
CA ASP B 184 11.51 7.77 -19.03
C ASP B 184 12.33 9.04 -18.81
N GLU B 185 12.34 9.51 -17.57
CA GLU B 185 13.03 10.75 -17.23
C GLU B 185 14.52 10.52 -17.06
N LEU B 186 15.31 11.47 -17.56
CA LEU B 186 16.77 11.46 -17.41
C LEU B 186 17.14 12.39 -16.28
N THR B 187 17.74 11.84 -15.23
CA THR B 187 18.17 12.61 -14.07
C THR B 187 19.67 12.41 -13.86
N ILE B 188 20.30 13.43 -13.26
CA ILE B 188 21.68 13.34 -12.82
C ILE B 188 21.74 13.81 -11.38
N SER B 189 22.85 13.50 -10.72
CA SER B 189 23.07 13.94 -9.35
C SER B 189 23.70 15.32 -9.35
N TYR B 190 22.99 16.30 -8.77
CA TYR B 190 23.62 17.58 -8.49
C TYR B 190 24.65 17.48 -7.38
N ILE B 191 24.69 16.35 -6.68
CA ILE B 191 25.56 16.13 -5.53
C ILE B 191 26.78 15.36 -5.99
N GLY B 192 27.95 15.73 -5.46
CA GLY B 192 29.16 14.99 -5.75
C GLY B 192 29.14 13.59 -5.15
N ASP B 193 30.00 12.74 -5.70
CA ASP B 193 30.07 11.36 -5.21
C ASP B 193 30.62 11.29 -3.79
N ASP B 194 31.30 12.33 -3.33
CA ASP B 194 31.78 12.35 -1.95
C ASP B 194 30.63 12.41 -0.94
N ASP B 195 29.43 12.77 -1.38
CA ASP B 195 28.27 12.84 -0.51
C ASP B 195 27.14 11.90 -0.89
N LEU B 196 27.19 11.27 -2.07
CA LEU B 196 26.07 10.47 -2.54
C LEU B 196 25.80 9.27 -1.65
N PHE B 197 26.83 8.74 -1.00
CA PHE B 197 26.68 7.52 -0.21
C PHE B 197 26.23 7.82 1.22
N SER B 199 23.67 9.79 4.24
CA SER B 199 22.26 9.64 4.58
C SER B 199 21.38 10.76 4.01
N THR B 200 20.06 10.56 4.13
CA THR B 200 19.10 11.44 3.46
C THR B 200 19.19 12.87 3.97
N ASN B 201 19.35 13.05 5.29
CA ASN B 201 19.49 14.39 5.84
C ASN B 201 20.67 15.12 5.21
N VAL B 202 21.80 14.42 5.05
CA VAL B 202 23.00 15.06 4.51
C VAL B 202 22.81 15.42 3.04
N ARG B 203 22.27 14.48 2.24
CA ARG B 203 22.07 14.76 0.83
C ARG B 203 21.13 15.94 0.63
N ARG B 204 20.03 15.96 1.39
CA ARG B 204 19.11 17.08 1.34
C ARG B 204 19.81 18.39 1.69
N GLU B 205 20.67 18.36 2.71
CA GLU B 205 21.48 19.53 3.03
C GLU B 205 22.29 19.97 1.82
N VAL B 207 21.57 19.56 -1.39
CA VAL B 207 20.80 20.12 -2.51
C VAL B 207 19.89 21.29 -2.11
N TYR B 208 19.89 21.68 -0.84
CA TYR B 208 19.05 22.79 -0.39
C TYR B 208 19.23 24.05 -1.24
N GLY B 209 20.45 24.29 -1.74
CA GLY B 209 20.71 25.52 -2.48
C GLY B 209 19.87 25.68 -3.72
N TRP B 210 19.45 24.57 -4.33
CA TRP B 210 18.54 24.63 -5.46
C TRP B 210 17.08 24.74 -5.01
N LEU B 211 16.86 25.07 -3.74
CA LEU B 211 15.55 25.48 -3.20
C LEU B 211 14.49 24.38 -3.30
N PHE B 212 14.88 23.16 -2.97
CA PHE B 212 13.90 22.10 -2.81
C PHE B 212 14.40 21.11 -1.78
N THR B 213 13.45 20.48 -1.10
CA THR B 213 13.73 19.33 -0.25
C THR B 213 13.60 18.08 -1.10
N CYS B 214 14.70 17.36 -1.28
CA CYS B 214 14.70 16.25 -2.23
C CYS B 214 13.71 15.18 -1.79
N GLN B 215 12.89 14.72 -2.75
CA GLN B 215 11.93 13.65 -2.56
C GLN B 215 12.13 12.56 -3.60
N CYS B 216 13.38 12.36 -4.03
CA CYS B 216 13.69 11.30 -4.98
C CYS B 216 13.44 9.94 -4.33
N VAL B 217 13.60 8.87 -5.10
CA VAL B 217 13.24 7.54 -4.62
C VAL B 217 14.07 7.16 -3.39
N ARG B 218 15.30 7.66 -3.28
CA ARG B 218 16.11 7.38 -2.11
C ARG B 218 15.69 8.23 -0.91
N CYS B 219 15.50 9.53 -1.12
CA CYS B 219 15.17 10.42 -0.01
C CYS B 219 13.79 10.15 0.54
N ALA B 220 12.84 9.76 -0.31
CA ALA B 220 11.48 9.47 0.14
C ALA B 220 11.29 8.04 0.60
N ALA B 221 12.34 7.22 0.57
CA ALA B 221 12.21 5.84 1.01
C ALA B 221 11.81 5.77 2.48
N PRO B 222 10.99 4.79 2.86
CA PRO B 222 10.59 4.69 4.27
C PRO B 222 11.75 4.45 5.21
N VAL B 223 12.76 3.69 4.77
CA VAL B 223 13.92 3.39 5.59
C VAL B 223 15.15 4.02 4.94
N ASP B 224 15.89 4.82 5.72
CA ASP B 224 17.17 5.33 5.28
C ASP B 224 18.24 4.37 5.80
N ASN B 225 18.62 3.42 4.93
CA ASN B 225 19.57 2.39 5.33
C ASN B 225 21.02 2.88 5.28
N ALA B 226 21.25 4.18 5.11
CA ALA B 226 22.56 4.76 5.27
C ALA B 226 22.76 5.40 6.65
N ARG B 227 21.78 5.26 7.54
CA ARG B 227 21.78 5.94 8.83
C ARG B 227 21.42 4.95 9.94
N GLY B 228 22.21 3.88 10.05
CA GLY B 228 21.89 2.78 10.93
C GLY B 228 22.77 2.68 12.16
N PHE B 229 22.14 2.80 13.32
CA PHE B 229 22.82 2.75 14.61
C PHE B 229 22.70 1.35 15.21
N ARG B 230 23.66 1.00 16.06
CA ARG B 230 23.65 -0.30 16.72
C ARG B 230 22.60 -0.32 17.82
N CYS B 231 21.68 -1.27 17.72
CA CYS B 231 20.59 -1.38 18.68
C CYS B 231 21.14 -1.57 20.09
N PRO B 232 20.77 -0.72 21.06
CA PRO B 232 21.30 -0.90 22.42
C PRO B 232 20.64 -2.04 23.18
N LEU B 233 19.47 -2.51 22.75
CA LEU B 233 18.82 -3.64 23.40
C LEU B 233 19.51 -4.95 23.04
N CYS B 234 19.59 -5.26 21.74
CA CYS B 234 20.16 -6.52 21.29
C CYS B 234 21.67 -6.47 21.19
N GLY B 235 22.24 -5.28 20.96
CA GLY B 235 23.66 -5.12 20.81
C GLY B 235 24.22 -5.47 19.44
N THR B 236 23.37 -5.95 18.53
CA THR B 236 23.89 -6.43 17.25
C THR B 236 23.12 -5.93 16.04
N GLY B 237 21.80 -5.73 16.11
CA GLY B 237 21.03 -5.27 14.97
C GLY B 237 21.20 -3.78 14.70
N ALA B 238 20.52 -3.34 13.65
CA ALA B 238 20.57 -1.96 13.20
C ALA B 238 19.20 -1.31 13.30
N MET B 239 19.16 -0.07 13.80
CA MET B 239 17.97 0.76 13.77
C MET B 239 18.28 1.97 12.91
N PHE B 240 17.47 2.18 11.88
CA PHE B 240 17.72 3.22 10.88
C PHE B 240 16.89 4.44 11.22
N PHE B 241 17.56 5.57 11.40
CA PHE B 241 16.88 6.82 11.74
C PHE B 241 16.44 7.54 10.48
N THR B 243 14.64 11.49 9.29
CA THR B 243 14.21 12.82 9.72
C THR B 243 13.29 13.45 8.69
N GLU B 244 12.12 13.90 9.14
CA GLU B 244 11.16 14.59 8.29
C GLU B 244 10.54 15.73 9.10
N ASP B 245 10.58 16.94 8.53
CA ASP B 245 10.06 18.14 9.19
C ASP B 245 10.70 18.33 10.56
N GLY B 246 12.02 18.15 10.62
CA GLY B 246 12.78 18.39 11.84
C GLY B 246 12.66 17.32 12.90
N GLU B 247 11.83 16.29 12.70
CA GLU B 247 11.61 15.27 13.69
C GLU B 247 12.17 13.93 13.21
N THR B 248 12.84 13.23 14.11
CA THR B 248 13.53 11.99 13.79
C THR B 248 12.79 10.80 14.39
N THR B 249 12.50 9.80 13.55
CA THR B 249 11.95 8.53 13.98
C THR B 249 12.90 7.42 13.58
N SER B 250 12.63 6.21 14.06
CA SER B 250 13.51 5.08 13.82
C SER B 250 12.71 3.88 13.34
N SER B 251 13.33 3.10 12.46
CA SER B 251 12.80 1.79 12.14
C SER B 251 13.00 0.85 13.31
N ALA B 252 12.25 -0.26 13.31
CA ALA B 252 12.49 -1.31 14.28
C ALA B 252 13.83 -1.98 14.02
N CYS B 253 14.47 -2.44 15.07
CA CYS B 253 15.76 -3.10 14.93
C CYS B 253 15.66 -4.28 13.98
N THR B 254 16.66 -4.43 13.12
CA THR B 254 16.64 -5.50 12.13
C THR B 254 16.61 -6.88 12.76
N ILE B 255 17.08 -7.02 14.00
CA ILE B 255 17.22 -8.33 14.63
C ILE B 255 16.17 -8.55 15.71
N CYS B 256 16.10 -7.66 16.69
CA CYS B 256 15.14 -7.84 17.79
C CYS B 256 13.85 -7.06 17.56
N GLN B 257 13.78 -6.21 16.53
CA GLN B 257 12.58 -5.50 16.13
C GLN B 257 12.02 -4.58 17.21
N ALA B 258 12.82 -4.20 18.20
CA ALA B 258 12.39 -3.16 19.13
C ALA B 258 12.58 -1.78 18.51
N PHE B 259 11.70 -0.86 18.91
CA PHE B 259 11.82 0.55 18.59
C PHE B 259 12.53 1.30 19.70
N PRO B 260 13.48 2.18 19.40
CA PRO B 260 14.06 3.01 20.45
C PRO B 260 13.08 4.10 20.89
N THR B 261 13.22 4.51 22.15
CA THR B 261 12.44 5.61 22.66
C THR B 261 12.94 6.93 22.06
N GLN B 262 12.15 7.99 22.24
CA GLN B 262 12.60 9.32 21.81
C GLN B 262 13.87 9.71 22.55
N GLU B 263 13.98 9.31 23.82
CA GLU B 263 15.18 9.55 24.60
C GLU B 263 16.39 8.93 23.94
N THR B 264 16.31 7.64 23.62
CA THR B 264 17.39 6.94 22.96
C THR B 264 17.72 7.57 21.61
N ILE B 265 16.69 7.98 20.87
CA ILE B 265 16.90 8.60 19.56
C ILE B 265 17.72 9.87 19.71
N GLN B 266 17.34 10.73 20.66
CA GLN B 266 18.10 11.96 20.88
C GLN B 266 19.52 11.68 21.33
N GLU B 267 19.70 10.70 22.22
CA GLU B 267 21.04 10.31 22.64
C GLU B 267 21.91 9.92 21.45
N TYR B 268 21.39 9.08 20.57
CA TYR B 268 22.17 8.62 19.44
C TYR B 268 22.34 9.69 18.35
N LEU B 269 21.43 10.67 18.29
CA LEU B 269 21.68 11.82 17.43
C LEU B 269 22.85 12.65 17.96
N ASP B 270 22.93 12.79 19.29
CA ASP B 270 24.08 13.47 19.88
C ASP B 270 25.38 12.71 19.58
N PHE B 271 25.36 11.38 19.73
CA PHE B 271 26.51 10.57 19.33
C PHE B 271 26.87 10.82 17.88
N GLU B 272 25.85 10.82 17.00
CA GLU B 272 26.08 11.00 15.57
C GLU B 272 26.79 12.32 15.29
N GLN B 273 26.30 13.41 15.89
CA GLN B 273 26.94 14.71 15.66
C GLN B 273 28.36 14.72 16.21
N ALA B 274 28.58 14.08 17.37
CA ALA B 274 29.94 14.04 17.93
C ALA B 274 30.90 13.31 17.00
N TYR B 275 30.46 12.21 16.39
CA TYR B 275 31.35 11.47 15.51
C TYR B 275 31.53 12.16 14.16
N VAL B 276 30.51 12.85 13.67
CA VAL B 276 30.69 13.69 12.49
C VAL B 276 31.75 14.75 12.77
N ASP B 277 31.72 15.34 13.97
CA ASP B 277 32.76 16.30 14.34
C ASP B 277 34.13 15.64 14.39
N ARG B 278 34.22 14.44 14.99
CA ARG B 278 35.51 13.76 15.10
C ARG B 278 36.07 13.38 13.73
N LEU B 279 35.20 13.15 12.74
CA LEU B 279 35.68 12.78 11.42
C LEU B 279 36.61 13.83 10.84
N ALA B 280 36.35 15.11 11.12
CA ALA B 280 37.18 16.18 10.59
C ALA B 280 38.60 16.15 11.14
N GLU B 281 38.81 15.54 12.31
CA GLU B 281 40.12 15.40 12.92
C GLU B 281 40.68 13.99 12.77
N THR B 282 40.05 13.16 11.95
CA THR B 282 40.47 11.78 11.74
C THR B 282 40.86 11.60 10.27
N ASP B 283 42.03 11.02 10.03
CA ASP B 283 42.47 10.76 8.66
C ASP B 283 43.56 9.68 8.59
N SER B 285 46.68 9.60 7.88
CA SER B 285 48.06 9.88 8.27
C SER B 285 48.32 9.51 9.72
N ASP B 286 47.25 9.21 10.46
CA ASP B 286 47.35 8.70 11.84
C ASP B 286 46.40 7.51 11.94
N VAL B 287 46.91 6.33 11.60
CA VAL B 287 46.14 5.09 11.63
C VAL B 287 45.79 4.67 13.06
N PRO B 288 46.73 4.73 14.03
CA PRO B 288 46.33 4.40 15.42
C PRO B 288 45.14 5.20 15.92
N ASP B 289 45.12 6.51 15.66
CA ASP B 289 44.00 7.35 16.07
C ASP B 289 42.70 6.91 15.41
N ALA B 290 42.75 6.66 14.10
CA ALA B 290 41.57 6.18 13.40
C ALA B 290 41.11 4.83 13.93
N GLU B 291 42.04 4.00 14.40
CA GLU B 291 41.67 2.72 15.00
C GLU B 291 40.93 2.93 16.31
N LEU B 292 41.42 3.84 17.14
CA LEU B 292 40.71 4.23 18.35
C LEU B 292 39.28 4.67 18.03
N VAL B 293 39.15 5.63 17.11
CA VAL B 293 37.84 6.20 16.80
C VAL B 293 36.91 5.14 16.23
N TYR B 294 37.44 4.25 15.37
CA TYR B 294 36.62 3.18 14.82
C TYR B 294 36.13 2.25 15.91
N ASN B 295 37.03 1.83 16.80
CA ASN B 295 36.65 0.93 17.89
C ASN B 295 35.54 1.54 18.73
N GLN B 296 35.63 2.83 19.04
CA GLN B 296 34.53 3.44 19.80
C GLN B 296 33.28 3.60 18.94
N ALA B 297 33.45 3.76 17.62
CA ALA B 297 32.30 4.02 16.76
C ALA B 297 31.45 2.78 16.54
N THR B 298 32.06 1.59 16.61
CA THR B 298 31.27 0.38 16.41
C THR B 298 30.21 0.18 17.49
N ARG B 299 30.39 0.77 18.67
CA ARG B 299 29.36 0.70 19.69
C ARG B 299 28.14 1.54 19.36
N VAL B 300 28.29 2.52 18.48
CA VAL B 300 27.20 3.44 18.14
C VAL B 300 26.54 3.08 16.82
N PHE B 301 27.35 2.77 15.80
CA PHE B 301 26.88 2.60 14.44
C PHE B 301 26.84 1.13 14.05
N ALA B 302 25.89 0.79 13.17
CA ALA B 302 25.80 -0.54 12.59
C ALA B 302 25.93 -0.52 11.08
N GLN B 303 25.22 0.38 10.40
CA GLN B 303 25.35 0.54 8.94
C GLN B 303 25.10 2.01 8.64
N HIS B 304 26.16 2.80 8.77
CA HIS B 304 26.05 4.25 8.79
C HIS B 304 27.21 4.85 8.01
N TRP B 305 26.94 5.97 7.32
CA TRP B 305 27.96 6.55 6.45
C TRP B 305 29.18 7.02 7.22
N VAL B 306 29.02 7.34 8.50
CA VAL B 306 30.18 7.70 9.32
C VAL B 306 31.09 6.49 9.50
N LEU B 307 30.49 5.33 9.80
CA LEU B 307 31.26 4.11 9.89
C LEU B 307 31.92 3.77 8.56
N TYR B 308 31.22 4.01 7.46
CA TYR B 308 31.81 3.81 6.14
C TYR B 308 33.02 4.73 5.94
N GLN B 309 32.92 5.98 6.40
CA GLN B 309 34.05 6.89 6.29
C GLN B 309 35.25 6.37 7.09
N LEU B 310 34.99 5.82 8.28
CA LEU B 310 36.09 5.26 9.07
C LEU B 310 36.69 4.03 8.40
N HIS B 311 35.84 3.17 7.82
CA HIS B 311 36.33 2.05 7.03
C HIS B 311 37.20 2.53 5.88
N THR B 312 36.82 3.65 5.26
CA THR B 312 37.59 4.20 4.14
C THR B 312 38.96 4.68 4.62
N ILE B 313 38.98 5.47 5.69
CA ILE B 313 40.24 5.94 6.26
C ILE B 313 41.16 4.77 6.58
N LEU B 314 40.63 3.75 7.26
CA LEU B 314 41.45 2.62 7.64
C LEU B 314 41.92 1.83 6.43
N PHE B 315 41.06 1.66 5.43
CA PHE B 315 41.48 0.93 4.23
C PHE B 315 42.62 1.65 3.53
N GLU B 316 42.52 2.96 3.37
CA GLU B 316 43.59 3.70 2.69
C GLU B 316 44.87 3.72 3.52
N GLY B 317 44.74 3.81 4.85
CA GLY B 317 45.91 3.78 5.70
C GLY B 317 46.63 2.44 5.66
N TYR B 318 45.87 1.35 5.75
CA TYR B 318 46.47 0.02 5.70
C TYR B 318 47.03 -0.30 4.32
N ARG B 319 46.32 0.10 3.27
CA ARG B 319 46.80 -0.11 1.92
C ARG B 319 48.11 0.63 1.70
N ASP B 320 48.18 1.90 2.08
CA ASP B 320 49.41 2.67 1.95
C ASP B 320 50.54 2.05 2.73
N ALA B 321 50.25 1.45 3.88
CA ALA B 321 51.27 0.83 4.72
C ALA B 321 51.60 -0.60 4.30
N GLY B 322 50.93 -1.13 3.28
CA GLY B 322 51.18 -2.49 2.84
C GLY B 322 50.59 -3.56 3.73
N ASN B 323 49.63 -3.22 4.58
CA ASN B 323 48.97 -4.19 5.45
C ASN B 323 47.72 -4.68 4.73
N SER B 324 47.90 -5.71 3.89
CA SER B 324 46.79 -6.20 3.09
C SER B 324 45.73 -6.91 3.93
N GLU B 325 46.14 -7.48 5.07
CA GLU B 325 45.21 -8.25 5.90
C GLU B 325 44.07 -7.37 6.41
N SER B 326 44.41 -6.24 7.05
CA SER B 326 43.40 -5.38 7.64
C SER B 326 42.65 -4.58 6.58
N ALA B 327 43.38 -4.08 5.58
CA ALA B 327 42.74 -3.42 4.45
C ALA B 327 41.68 -4.31 3.81
N SER B 328 41.96 -5.61 3.73
CA SER B 328 40.99 -6.56 3.18
C SER B 328 39.66 -6.47 3.92
N PHE B 329 39.69 -6.63 5.25
CA PHE B 329 38.47 -6.58 6.04
C PHE B 329 37.72 -5.27 5.83
N HIS B 330 38.42 -4.14 5.94
CA HIS B 330 37.71 -2.87 5.85
C HIS B 330 37.15 -2.62 4.45
N GLN B 331 37.86 -3.06 3.41
CA GLN B 331 37.32 -2.91 2.06
C GLN B 331 36.09 -3.78 1.86
N MET B 332 36.08 -4.98 2.44
CA MET B 332 34.88 -5.81 2.35
C MET B 332 33.70 -5.10 3.01
N GLU B 333 33.92 -4.51 4.19
CA GLU B 333 32.84 -3.75 4.83
C GLU B 333 32.38 -2.59 3.96
N ARG B 334 33.32 -1.92 3.29
CA ARG B 334 32.94 -0.82 2.40
C ARG B 334 32.05 -1.30 1.27
N ILE B 335 32.39 -2.43 0.66
CA ILE B 335 31.58 -2.99 -0.41
C ILE B 335 30.17 -3.34 0.09
N TYR B 337 28.50 -1.99 2.68
CA TYR B 337 27.78 -0.73 2.88
C TYR B 337 27.29 -0.14 1.57
N VAL B 338 28.20 0.08 0.62
CA VAL B 338 27.81 0.77 -0.61
C VAL B 338 26.79 -0.04 -1.40
N SER B 339 27.02 -1.35 -1.53
CA SER B 339 26.07 -2.16 -2.28
C SER B 339 24.71 -2.22 -1.60
N GLN B 340 24.65 -1.95 -0.29
CA GLN B 340 23.34 -1.85 0.36
C GLN B 340 22.69 -0.48 0.14
N VAL B 341 23.44 0.60 0.31
CA VAL B 341 22.83 1.92 0.33
C VAL B 341 22.77 2.56 -1.07
N MET B 342 23.70 2.20 -1.96
CA MET B 342 23.84 2.87 -3.25
C MET B 342 24.20 1.82 -4.29
N PRO B 343 23.23 0.96 -4.65
CA PRO B 343 23.57 -0.22 -5.45
C PRO B 343 23.81 0.05 -6.93
N LEU B 344 23.30 1.17 -7.47
CA LEU B 344 23.49 1.44 -8.88
C LEU B 344 24.96 1.71 -9.20
N ALA B 345 25.28 1.66 -10.49
CA ALA B 345 26.67 1.83 -10.93
C ALA B 345 27.21 3.19 -10.52
N SER B 346 28.37 3.18 -9.86
CA SER B 346 29.06 4.41 -9.51
C SER B 346 30.56 4.14 -9.57
N TYR B 347 31.33 5.23 -9.73
CA TYR B 347 32.78 5.09 -9.69
C TYR B 347 33.24 4.58 -8.34
N THR B 348 32.57 4.99 -7.26
CA THR B 348 32.92 4.53 -5.92
C THR B 348 32.82 3.01 -5.83
N LEU B 349 31.69 2.44 -6.27
CA LEU B 349 31.50 1.00 -6.18
C LEU B 349 32.46 0.26 -7.11
N ALA B 350 32.59 0.73 -8.36
CA ALA B 350 33.48 0.08 -9.31
C ALA B 350 34.90 0.01 -8.76
N TRP B 351 35.40 1.12 -8.24
CA TRP B 351 36.75 1.14 -7.71
C TRP B 351 36.87 0.44 -6.36
N LEU B 352 35.75 0.29 -5.64
CA LEU B 352 35.76 -0.60 -4.49
C LEU B 352 36.06 -2.03 -4.93
N TYR B 353 35.38 -2.49 -5.98
CA TYR B 353 35.66 -3.83 -6.50
C TYR B 353 37.08 -3.93 -7.03
N GLU B 354 37.54 -2.94 -7.80
CA GLU B 354 38.89 -3.00 -8.34
C GLU B 354 39.94 -3.04 -7.24
N GLU B 355 39.81 -2.16 -6.24
CA GLU B 355 40.81 -2.11 -5.18
C GLU B 355 40.72 -3.32 -4.26
N MET B 356 39.53 -3.91 -4.11
CA MET B 356 39.47 -5.22 -3.46
C MET B 356 40.28 -6.25 -4.23
N GLY B 357 40.16 -6.22 -5.57
CA GLY B 357 40.99 -7.08 -6.38
C GLY B 357 42.48 -6.86 -6.13
N ASP B 358 42.92 -5.60 -6.14
CA ASP B 358 44.32 -5.27 -5.85
C ASP B 358 44.74 -5.84 -4.50
N THR B 359 43.95 -5.58 -3.46
CA THR B 359 44.33 -5.97 -2.11
C THR B 359 44.45 -7.49 -1.98
N MET B 360 43.47 -8.22 -2.52
CA MET B 360 43.53 -9.68 -2.43
C MET B 360 44.68 -10.25 -3.25
N LEU B 361 44.97 -9.64 -4.40
CA LEU B 361 46.09 -10.10 -5.21
C LEU B 361 47.42 -9.89 -4.48
N ASN B 362 47.60 -8.72 -3.85
CA ASN B 362 48.78 -8.46 -3.05
C ASN B 362 48.94 -9.49 -1.93
N ALA B 364 47.63 -12.42 -1.62
CA ALA B 364 47.92 -13.75 -2.18
C ALA B 364 49.38 -13.86 -2.60
N GLU B 365 49.89 -12.81 -3.24
CA GLU B 365 51.26 -12.82 -3.73
C GLU B 365 52.29 -12.80 -2.61
N GLU B 366 51.88 -12.48 -1.38
CA GLU B 366 52.80 -12.68 -0.25
C GLU B 366 53.15 -14.14 -0.03
N SER B 367 52.37 -15.08 -0.60
CA SER B 367 52.66 -16.50 -0.48
C SER B 367 53.46 -17.06 -1.64
N GLY B 368 53.79 -16.24 -2.63
CA GLY B 368 54.48 -16.70 -3.81
C GLY B 368 53.84 -16.17 -5.07
N PRO B 369 54.61 -16.08 -6.16
CA PRO B 369 54.03 -15.63 -7.43
C PRO B 369 52.97 -16.58 -7.96
N GLU B 370 53.13 -17.88 -7.76
CA GLU B 370 52.12 -18.84 -8.19
C GLU B 370 50.91 -18.78 -7.27
N VAL B 371 49.96 -17.94 -7.61
CA VAL B 371 48.71 -17.82 -6.85
C VAL B 371 47.78 -18.96 -7.26
N PRO B 372 47.16 -19.66 -6.32
CA PRO B 372 46.28 -20.77 -6.70
C PRO B 372 45.11 -20.32 -7.56
N ALA B 373 44.57 -21.27 -8.34
CA ALA B 373 43.52 -20.94 -9.29
C ALA B 373 42.32 -20.28 -8.59
N HIS B 374 41.81 -20.91 -7.54
CA HIS B 374 40.63 -20.42 -6.83
C HIS B 374 40.75 -18.94 -6.49
N LEU B 376 42.78 -16.74 -7.65
CA LEU B 376 42.87 -15.97 -8.88
C LEU B 376 41.46 -15.68 -9.39
N ASN B 377 40.66 -16.74 -9.49
CA ASN B 377 39.30 -16.58 -9.99
C ASN B 377 38.52 -15.58 -9.17
N VAL B 378 38.55 -15.72 -7.84
CA VAL B 378 37.90 -14.74 -6.98
C VAL B 378 38.41 -13.34 -7.30
N ILE B 379 39.74 -13.18 -7.33
CA ILE B 379 40.31 -11.87 -7.66
C ILE B 379 39.77 -11.40 -8.99
N SER B 380 39.77 -12.30 -9.98
CA SER B 380 39.29 -11.94 -11.31
C SER B 380 37.86 -11.45 -11.23
N ARG B 381 37.02 -12.17 -10.48
CA ARG B 381 35.62 -11.76 -10.33
C ARG B 381 35.54 -10.29 -9.93
N HIS B 382 36.32 -9.90 -8.92
CA HIS B 382 36.27 -8.52 -8.47
C HIS B 382 36.65 -7.57 -9.62
N PHE B 383 37.78 -7.84 -10.28
CA PHE B 383 38.17 -7.02 -11.41
C PHE B 383 37.05 -6.96 -12.43
N GLU B 384 36.44 -8.12 -12.73
CA GLU B 384 35.39 -8.14 -13.74
C GLU B 384 34.24 -7.25 -13.32
N ASP B 385 33.84 -7.34 -12.04
CA ASP B 385 32.75 -6.49 -11.56
C ASP B 385 33.09 -5.01 -11.79
N ALA B 386 34.33 -4.63 -11.46
CA ALA B 386 34.75 -3.25 -11.70
C ALA B 386 34.55 -2.91 -13.17
N TYR B 387 35.09 -3.75 -14.05
CA TYR B 387 34.94 -3.54 -15.48
C TYR B 387 33.48 -3.36 -15.83
N ASN B 388 32.62 -4.26 -15.31
CA ASN B 388 31.21 -4.24 -15.69
C ASN B 388 30.58 -2.90 -15.35
N LEU B 389 30.94 -2.33 -14.20
CA LEU B 389 30.32 -1.07 -13.83
C LEU B 389 30.90 0.07 -14.64
N LEU B 390 32.22 0.07 -14.88
CA LEU B 390 32.82 1.18 -15.60
C LEU B 390 32.39 1.18 -17.06
N TYR B 391 32.22 -0.01 -17.64
CA TYR B 391 31.60 -0.15 -18.95
C TYR B 391 30.32 0.66 -19.03
N ILE B 392 29.48 0.60 -17.99
CA ILE B 392 28.24 1.35 -18.01
C ILE B 392 28.51 2.83 -17.84
N LEU B 393 29.46 3.18 -16.97
CA LEU B 393 29.60 4.57 -16.56
C LEU B 393 30.30 5.39 -17.64
N CYS B 394 31.34 4.85 -18.26
CA CYS B 394 32.14 5.66 -19.17
C CYS B 394 32.55 4.94 -20.45
N GLY B 395 31.97 3.78 -20.75
CA GLY B 395 32.17 3.17 -22.04
C GLY B 395 33.23 2.08 -22.02
N GLU B 396 33.17 1.22 -23.05
CA GLU B 396 34.06 0.07 -23.14
C GLU B 396 35.51 0.50 -23.33
N ASP B 397 35.75 1.58 -24.08
CA ASP B 397 37.08 1.99 -24.47
C ASP B 397 37.68 3.06 -23.58
N HIS B 398 37.01 3.42 -22.48
CA HIS B 398 37.57 4.42 -21.57
C HIS B 398 38.79 3.85 -20.84
N ASP B 399 39.68 4.75 -20.43
CA ASP B 399 40.91 4.34 -19.76
C ASP B 399 40.60 3.57 -18.46
N TYR B 400 39.59 4.01 -17.70
CA TYR B 400 39.23 3.32 -16.47
C TYR B 400 38.79 1.89 -16.77
N THR B 401 37.80 1.74 -17.67
CA THR B 401 37.29 0.43 -18.04
C THR B 401 38.41 -0.47 -18.55
N VAL B 402 39.25 0.07 -19.43
CA VAL B 402 40.35 -0.72 -19.99
C VAL B 402 41.33 -1.15 -18.90
N ALA B 403 41.53 -0.29 -17.90
CA ALA B 403 42.43 -0.65 -16.81
C ALA B 403 41.87 -1.84 -16.01
N ALA B 404 40.59 -1.75 -15.62
CA ALA B 404 39.99 -2.85 -14.88
C ALA B 404 40.00 -4.14 -15.70
N GLY B 405 39.61 -4.06 -16.97
CA GLY B 405 39.62 -5.25 -17.81
C GLY B 405 41.02 -5.80 -18.00
N THR B 406 42.03 -4.92 -18.02
CA THR B 406 43.41 -5.35 -18.14
C THR B 406 43.83 -6.17 -16.92
N LYS B 407 43.54 -5.68 -15.72
CA LYS B 407 43.82 -6.45 -14.52
C LYS B 407 43.10 -7.81 -14.54
N THR B 409 42.03 -9.69 -17.28
CA THR B 409 42.63 -10.59 -18.25
C THR B 409 44.02 -11.05 -17.81
N ALA B 410 44.78 -10.17 -17.14
CA ALA B 410 46.05 -10.59 -16.57
C ALA B 410 45.83 -11.71 -15.56
N CYS B 411 44.85 -11.53 -14.67
CA CYS B 411 44.49 -12.57 -13.72
C CYS B 411 44.19 -13.88 -14.42
N GLU B 412 43.36 -13.84 -15.47
CA GLU B 412 43.04 -15.08 -16.19
C GLU B 412 44.29 -15.69 -16.82
N GLU B 413 45.20 -14.84 -17.32
CA GLU B 413 46.41 -15.35 -17.92
C GLU B 413 47.28 -16.08 -16.91
N ARG B 414 47.22 -15.68 -15.64
CA ARG B 414 48.03 -16.38 -14.63
C ARG B 414 47.44 -17.72 -14.18
N LEU B 415 46.25 -18.09 -14.64
CA LEU B 415 45.63 -19.33 -14.18
C LEU B 415 46.44 -20.53 -14.63
N PRO B 416 46.61 -21.54 -13.77
CA PRO B 416 47.35 -22.74 -14.18
C PRO B 416 46.59 -23.53 -15.24
N ALA B 417 47.32 -24.41 -15.93
CA ALA B 417 46.69 -25.22 -16.97
C ALA B 417 45.52 -26.02 -16.43
N SER B 418 45.66 -26.58 -15.23
CA SER B 418 44.57 -27.22 -14.52
C SER B 418 44.86 -27.24 -13.02
N ALA C 5 11.31 -19.86 42.04
CA ALA C 5 11.70 -21.15 41.45
C ALA C 5 12.76 -20.97 40.38
N ASN C 6 13.35 -22.08 39.95
CA ASN C 6 14.30 -22.05 38.85
C ASN C 6 13.58 -21.60 37.59
N PRO C 7 14.09 -20.58 36.88
CA PRO C 7 13.40 -20.12 35.67
C PRO C 7 13.36 -21.16 34.56
N LEU C 8 14.24 -22.16 34.60
CA LEU C 8 14.28 -23.22 33.60
C LEU C 8 13.31 -24.35 33.92
N ALA C 9 12.75 -24.39 35.13
CA ALA C 9 11.91 -25.51 35.54
C ALA C 9 10.63 -25.54 34.72
N PRO C 10 10.16 -26.72 34.34
CA PRO C 10 8.92 -26.82 33.54
C PRO C 10 7.74 -26.20 34.27
N TYR C 11 6.88 -25.52 33.51
CA TYR C 11 5.71 -24.86 34.05
C TYR C 11 4.56 -25.85 34.26
N THR C 12 3.75 -25.58 35.26
CA THR C 12 2.44 -26.20 35.29
C THR C 12 1.61 -25.68 34.14
N LEU C 13 0.53 -26.39 33.82
CA LEU C 13 -0.31 -25.95 32.73
C LEU C 13 -1.17 -24.75 33.11
N PRO C 14 -1.59 -24.60 34.38
CA PRO C 14 -2.10 -23.28 34.80
C PRO C 14 -1.07 -22.17 34.63
N GLN C 15 0.18 -22.44 35.06
CA GLN C 15 1.26 -21.48 34.88
C GLN C 15 1.49 -21.16 33.41
N ILE C 16 1.35 -22.15 32.54
CA ILE C 16 1.40 -21.87 31.10
C ILE C 16 0.21 -21.01 30.69
N ALA C 17 -0.96 -21.26 31.28
CA ALA C 17 -2.18 -20.61 30.84
C ALA C 17 -2.19 -19.12 31.16
N THR C 18 -1.51 -18.69 32.24
CA THR C 18 -1.45 -17.25 32.47
C THR C 18 -0.38 -16.55 31.64
N LYS C 19 0.46 -17.29 30.92
CA LYS C 19 1.46 -16.68 30.05
C LYS C 19 1.04 -16.56 28.60
N VAL C 20 0.17 -17.45 28.10
CA VAL C 20 -0.21 -17.46 26.69
C VAL C 20 -1.72 -17.62 26.53
N GLN C 21 -2.19 -17.35 25.31
CA GLN C 21 -3.62 -17.31 24.97
C GLN C 21 -3.88 -18.16 23.74
N VAL C 22 -4.38 -19.38 23.95
CA VAL C 22 -4.69 -20.26 22.82
C VAL C 22 -5.94 -19.74 22.12
N LYS C 23 -5.92 -19.82 20.79
CA LYS C 23 -7.07 -19.48 19.98
C LYS C 23 -7.47 -20.73 19.20
N HIS C 24 -8.65 -21.26 19.55
CA HIS C 24 -9.30 -22.37 18.86
C HIS C 24 -9.44 -22.12 17.37
N VAL C 25 -9.74 -23.17 16.61
CA VAL C 25 -10.12 -22.97 15.21
C VAL C 25 -11.39 -22.14 15.14
N PRO C 26 -11.46 -21.12 14.30
CA PRO C 26 -12.71 -20.34 14.20
C PRO C 26 -13.83 -21.18 13.62
N GLY C 27 -15.03 -21.03 14.19
CA GLY C 27 -16.20 -21.68 13.65
C GLY C 27 -16.48 -21.18 12.25
N GLY C 29 -15.04 -23.92 11.36
CA GLY C 29 -13.87 -24.78 11.31
C GLY C 29 -13.24 -25.06 9.96
N ARG C 30 -13.93 -24.69 8.88
CA ARG C 30 -13.49 -25.11 7.54
C ARG C 30 -13.69 -23.98 6.54
N CYS C 31 -13.11 -24.17 5.36
CA CYS C 31 -13.32 -23.33 4.20
C CYS C 31 -13.73 -24.20 3.01
N LEU C 32 -14.47 -23.59 2.07
CA LEU C 32 -14.99 -24.30 0.91
C LEU C 32 -14.73 -23.49 -0.34
N TYR C 33 -14.38 -24.18 -1.42
CA TYR C 33 -13.98 -23.54 -2.66
C TYR C 33 -14.70 -24.20 -3.83
N THR C 34 -15.02 -23.41 -4.85
CA THR C 34 -15.65 -23.96 -6.04
C THR C 34 -14.59 -24.51 -7.00
N HIS C 36 -15.23 -24.89 -10.16
CA HIS C 36 -15.59 -24.37 -11.48
C HIS C 36 -15.89 -22.88 -11.48
N ASP C 37 -15.72 -22.26 -12.65
CA ASP C 37 -16.23 -20.91 -12.87
C ASP C 37 -17.73 -20.90 -12.63
N LEU C 38 -18.22 -19.81 -12.03
CA LEU C 38 -19.64 -19.67 -11.74
C LEU C 38 -20.12 -18.31 -12.19
N GLU C 39 -21.20 -18.28 -12.95
CA GLU C 39 -21.89 -17.04 -13.26
C GLU C 39 -22.74 -16.63 -12.06
N PRO C 40 -22.98 -15.34 -11.88
CA PRO C 40 -23.85 -14.89 -10.78
C PRO C 40 -25.23 -15.50 -10.92
N GLY C 41 -25.72 -16.05 -9.82
CA GLY C 41 -27.04 -16.67 -9.78
C GLY C 41 -27.09 -18.14 -10.11
N SER C 42 -25.98 -18.73 -10.56
CA SER C 42 -25.99 -20.14 -10.92
C SER C 42 -25.93 -21.01 -9.67
N ILE C 43 -26.53 -22.19 -9.77
CA ILE C 43 -26.56 -23.14 -8.67
C ILE C 43 -25.19 -23.78 -8.51
N ILE C 44 -24.70 -23.82 -7.27
CA ILE C 44 -23.45 -24.50 -6.93
C ILE C 44 -23.79 -25.95 -6.57
N PHE C 45 -24.66 -26.13 -5.58
CA PHE C 45 -25.25 -27.43 -5.32
C PHE C 45 -26.50 -27.25 -4.46
N VAL C 46 -27.23 -28.35 -4.29
CA VAL C 46 -28.43 -28.42 -3.46
C VAL C 46 -28.24 -29.57 -2.47
N GLU C 47 -28.55 -29.32 -1.20
CA GLU C 47 -28.29 -30.30 -0.17
C GLU C 47 -29.54 -30.56 0.66
N THR C 48 -29.79 -31.84 0.95
CA THR C 48 -30.84 -32.31 1.84
C THR C 48 -30.37 -32.24 3.29
N PRO C 49 -31.25 -31.86 4.22
CA PRO C 49 -30.86 -31.79 5.63
C PRO C 49 -30.40 -33.14 6.16
N VAL C 50 -29.46 -33.09 7.11
CA VAL C 50 -29.20 -34.26 7.94
C VAL C 50 -30.41 -34.53 8.82
N LEU C 51 -31.00 -33.48 9.38
CA LEU C 51 -32.20 -33.61 10.18
C LEU C 51 -32.93 -32.27 10.22
N VAL C 52 -34.26 -32.35 10.19
CA VAL C 52 -35.16 -31.21 10.37
C VAL C 52 -35.81 -31.39 11.74
N ALA C 53 -35.41 -30.56 12.71
CA ALA C 53 -35.91 -30.63 14.08
C ALA C 53 -37.09 -29.69 14.24
N ILE C 54 -38.30 -30.25 14.24
CA ILE C 54 -39.53 -29.53 14.53
C ILE C 54 -40.37 -30.37 15.49
N PRO C 55 -41.32 -29.74 16.19
CA PRO C 55 -42.10 -30.50 17.19
C PRO C 55 -42.73 -31.78 16.65
N SER C 56 -43.18 -31.78 15.39
CA SER C 56 -43.86 -32.94 14.85
C SER C 56 -42.94 -34.13 14.64
N LEU C 57 -41.63 -33.97 14.78
CA LEU C 57 -40.73 -35.11 14.63
C LEU C 57 -40.83 -36.05 15.82
N ASP C 58 -41.24 -35.54 16.99
CA ASP C 58 -41.43 -36.37 18.17
C ASP C 58 -42.26 -35.57 19.18
N GLU C 59 -43.58 -35.68 19.07
CA GLU C 59 -44.48 -34.86 19.88
C GLU C 59 -44.42 -35.23 21.36
N GLU C 60 -44.27 -36.53 21.66
CA GLU C 60 -44.10 -36.94 23.06
C GLU C 60 -42.90 -36.24 23.69
N LEU C 61 -41.76 -36.31 23.00
CA LEU C 61 -40.55 -35.63 23.44
C LEU C 61 -40.77 -34.14 23.57
N TRP C 62 -41.51 -33.55 22.64
CA TRP C 62 -41.70 -32.11 22.63
C TRP C 62 -42.50 -31.65 23.84
N SER C 63 -43.61 -32.33 24.14
CA SER C 63 -44.44 -31.92 25.27
C SER C 63 -43.70 -32.12 26.59
N VAL C 64 -43.00 -33.25 26.75
CA VAL C 64 -42.22 -33.43 27.98
C VAL C 64 -41.16 -32.34 28.11
N LEU C 65 -40.49 -32.02 27.00
CA LEU C 65 -39.44 -31.00 27.04
C LEU C 65 -40.00 -29.64 27.42
N THR C 66 -41.14 -29.25 26.86
CA THR C 66 -41.65 -27.92 27.16
C THR C 66 -42.33 -27.84 28.52
N GLU C 67 -42.79 -28.95 29.10
CA GLU C 67 -43.23 -28.85 30.48
C GLU C 67 -42.04 -28.83 31.44
N ILE C 68 -40.95 -29.54 31.11
CA ILE C 68 -39.69 -29.33 31.82
C ILE C 68 -39.28 -27.86 31.75
N ASN C 69 -39.44 -27.24 30.58
CA ASN C 69 -39.10 -25.82 30.44
C ASN C 69 -40.03 -24.95 31.29
N ASP C 70 -41.31 -25.29 31.34
CA ASP C 70 -42.26 -24.48 32.11
C ASP C 70 -42.00 -24.56 33.60
N GLU C 71 -41.54 -25.72 34.10
CA GLU C 71 -41.20 -25.81 35.52
C GLU C 71 -39.99 -24.95 35.85
N GLU C 72 -38.86 -25.21 35.19
CA GLU C 72 -37.65 -24.42 35.36
C GLU C 72 -37.06 -24.18 33.98
N ALA C 73 -36.90 -22.90 33.62
CA ALA C 73 -36.55 -22.54 32.26
C ALA C 73 -35.19 -23.12 31.86
N LEU C 74 -35.12 -23.60 30.62
CA LEU C 74 -33.87 -24.11 30.06
C LEU C 74 -33.08 -22.95 29.47
N GLU C 75 -31.75 -23.00 29.61
CA GLU C 75 -30.91 -21.94 29.07
C GLU C 75 -31.08 -21.83 27.55
N LEU C 76 -30.97 -22.96 26.84
CA LEU C 76 -31.37 -23.01 25.45
C LEU C 76 -32.82 -23.50 25.36
N PRO C 77 -33.63 -22.87 24.52
CA PRO C 77 -35.05 -23.24 24.42
C PRO C 77 -35.23 -24.69 24.04
N PRO C 78 -36.45 -25.23 24.19
CA PRO C 78 -36.65 -26.68 24.00
C PRO C 78 -36.25 -27.21 22.63
N VAL C 79 -36.38 -26.42 21.56
CA VAL C 79 -36.15 -26.96 20.22
C VAL C 79 -34.71 -27.44 20.06
N TRP C 80 -33.76 -26.79 20.74
CA TRP C 80 -32.36 -27.22 20.65
C TRP C 80 -32.19 -28.60 21.28
N HIS C 81 -32.83 -28.84 22.42
CA HIS C 81 -32.76 -30.16 23.05
C HIS C 81 -33.49 -31.21 22.20
N LEU C 82 -34.65 -30.86 21.65
CA LEU C 82 -35.32 -31.69 20.67
C LEU C 82 -34.35 -32.16 19.60
N ALA C 83 -33.67 -31.19 18.98
CA ALA C 83 -32.73 -31.48 17.91
C ALA C 83 -31.62 -32.41 18.38
N ALA C 84 -31.02 -32.10 19.53
CA ALA C 84 -29.88 -32.89 19.99
C ALA C 84 -30.27 -34.32 20.30
N ILE C 85 -31.29 -34.50 21.14
CA ILE C 85 -31.73 -35.84 21.53
C ILE C 85 -32.14 -36.64 20.30
N CYS C 86 -32.96 -36.04 19.43
CA CYS C 86 -33.39 -36.75 18.23
C CYS C 86 -32.21 -37.07 17.31
N SER C 87 -31.16 -36.26 17.36
CA SER C 87 -29.96 -36.58 16.58
C SER C 87 -29.25 -37.78 17.16
N LEU C 88 -29.26 -37.95 18.49
CA LEU C 88 -28.61 -39.09 19.09
C LEU C 88 -29.43 -40.37 19.03
N THR C 89 -30.75 -40.26 18.88
CA THR C 89 -31.60 -41.46 18.90
C THR C 89 -32.11 -41.88 17.53
N MET C 90 -32.38 -40.95 16.62
CA MET C 90 -33.07 -41.29 15.38
C MET C 90 -32.16 -41.37 14.15
N LEU C 91 -30.92 -40.90 14.23
CA LEU C 91 -30.01 -40.98 13.11
C LEU C 91 -29.22 -42.28 13.17
N ASP C 92 -28.88 -42.80 11.99
CA ASP C 92 -27.99 -43.95 11.92
C ASP C 92 -26.59 -43.54 12.40
N ASP C 93 -25.75 -44.55 12.62
CA ASP C 93 -24.44 -44.29 13.22
C ASP C 93 -23.56 -43.44 12.31
N GLU C 94 -23.76 -43.52 10.99
CA GLU C 94 -22.98 -42.71 10.07
C GLU C 94 -23.36 -41.24 10.19
N LYS C 95 -24.63 -40.92 10.01
CA LYS C 95 -25.13 -39.56 10.12
C LYS C 95 -24.85 -38.99 11.52
N LYS C 97 -22.36 -39.65 13.30
CA LYS C 97 -20.95 -39.30 13.33
C LYS C 97 -20.73 -37.99 12.59
N ILE C 98 -21.54 -37.74 11.57
CA ILE C 98 -21.44 -36.50 10.82
C ILE C 98 -21.70 -35.30 11.73
N CYS C 99 -22.68 -35.44 12.64
CA CYS C 99 -23.03 -34.33 13.51
C CYS C 99 -21.99 -34.11 14.60
N LEU C 100 -21.58 -35.19 15.29
CA LEU C 100 -20.62 -35.07 16.38
C LEU C 100 -19.24 -34.62 15.93
N ASP C 101 -18.90 -34.79 14.65
CA ASP C 101 -17.63 -34.30 14.14
C ASP C 101 -17.65 -32.81 13.82
N LYS C 102 -18.80 -32.16 13.89
CA LYS C 102 -18.90 -30.76 13.52
C LYS C 102 -18.26 -29.87 14.58
N TRP C 103 -18.03 -28.62 14.21
CA TRP C 103 -17.30 -27.69 15.06
C TRP C 103 -18.11 -27.33 16.30
N VAL C 104 -17.43 -27.27 17.43
CA VAL C 104 -18.03 -26.80 18.69
C VAL C 104 -17.07 -25.82 19.32
N PRO C 105 -17.54 -24.87 20.13
CA PRO C 105 -16.60 -23.93 20.78
C PRO C 105 -15.81 -24.57 21.90
N ASP C 106 -16.36 -25.60 22.55
CA ASP C 106 -15.78 -26.16 23.76
C ASP C 106 -15.81 -27.68 23.67
N PRO C 107 -14.77 -28.28 23.08
CA PRO C 107 -14.80 -29.74 22.86
C PRO C 107 -14.92 -30.55 24.13
N ASP C 108 -14.31 -30.11 25.22
CA ASP C 108 -14.25 -30.89 26.46
C ASP C 108 -15.30 -30.46 27.48
N ARG C 109 -16.38 -29.82 27.04
CA ARG C 109 -17.34 -29.26 27.99
C ARG C 109 -18.08 -30.36 28.73
N ALA C 110 -18.20 -30.19 30.05
CA ALA C 110 -18.91 -31.16 30.88
C ALA C 110 -20.42 -31.02 30.67
N PRO C 111 -21.18 -32.07 30.97
CA PRO C 111 -22.64 -31.98 30.84
C PRO C 111 -23.22 -30.88 31.71
N SER C 112 -24.07 -30.05 31.11
CA SER C 112 -24.65 -28.92 31.81
C SER C 112 -25.74 -29.39 32.78
N ASP C 113 -26.16 -28.46 33.66
CA ASP C 113 -27.25 -28.74 34.58
C ASP C 113 -28.52 -29.14 33.81
N ASP C 114 -28.84 -28.38 32.77
CA ASP C 114 -30.04 -28.65 31.98
C ASP C 114 -30.01 -30.05 31.40
N VAL C 115 -28.85 -30.50 30.93
CA VAL C 115 -28.76 -31.79 30.24
C VAL C 115 -28.98 -32.93 31.22
N LEU C 116 -28.30 -32.90 32.37
CA LEU C 116 -28.51 -33.92 33.38
C LEU C 116 -29.94 -33.90 33.89
N ARG C 117 -30.53 -32.70 34.01
CA ARG C 117 -31.92 -32.63 34.45
C ARG C 117 -32.86 -33.27 33.43
N VAL C 118 -32.61 -33.04 32.13
CA VAL C 118 -33.51 -33.57 31.11
C VAL C 118 -33.35 -35.08 30.99
N ILE C 119 -32.11 -35.57 31.04
CA ILE C 119 -31.88 -37.01 31.11
C ILE C 119 -32.61 -37.61 32.32
N ASN C 120 -32.49 -36.96 33.48
CA ASN C 120 -33.19 -37.39 34.68
C ASN C 120 -34.71 -37.43 34.45
N ARG C 121 -35.28 -36.34 33.95
CA ARG C 121 -36.72 -36.11 34.02
C ARG C 121 -37.47 -36.80 32.89
N ALA C 122 -36.85 -36.87 31.71
CA ALA C 122 -37.42 -37.60 30.58
C ALA C 122 -36.91 -39.03 30.49
N GLY C 123 -35.97 -39.42 31.35
CA GLY C 123 -35.52 -40.79 31.47
C GLY C 123 -34.95 -41.40 30.21
N LEU C 124 -33.98 -40.72 29.59
CA LEU C 124 -33.43 -41.15 28.33
C LEU C 124 -32.07 -41.83 28.50
N GLN C 125 -31.72 -42.66 27.53
CA GLN C 125 -30.52 -43.48 27.58
C GLN C 125 -29.33 -42.83 26.88
N VAL C 126 -29.41 -41.55 26.56
CA VAL C 126 -28.33 -40.89 25.82
C VAL C 126 -27.19 -40.56 26.78
N HIS C 127 -25.98 -40.57 26.23
CA HIS C 127 -24.80 -40.25 27.03
C HIS C 127 -24.75 -38.74 27.27
N PRO C 128 -24.62 -38.30 28.53
CA PRO C 128 -24.68 -36.85 28.79
C PRO C 128 -23.65 -36.03 28.04
N LYS C 129 -22.43 -36.54 27.89
CA LYS C 129 -21.39 -35.80 27.18
C LYS C 129 -21.75 -35.61 25.71
N LEU C 130 -22.32 -36.65 25.08
CA LEU C 130 -22.73 -36.53 23.69
C LEU C 130 -23.96 -35.65 23.54
N TYR C 131 -24.87 -35.68 24.52
CA TYR C 131 -25.99 -34.74 24.54
C TYR C 131 -25.48 -33.30 24.55
N GLU C 132 -24.55 -32.99 25.47
CA GLU C 132 -23.99 -31.65 25.54
C GLU C 132 -23.31 -31.26 24.22
N ARG C 133 -22.43 -32.13 23.72
CA ARG C 133 -21.71 -31.79 22.49
C ARG C 133 -22.67 -31.58 21.33
N MET C 134 -23.72 -32.39 21.22
CA MET C 134 -24.66 -32.21 20.13
C MET C 134 -25.48 -30.93 20.29
N LEU C 135 -25.80 -30.54 21.53
CA LEU C 135 -26.38 -29.23 21.78
C LEU C 135 -25.51 -28.14 21.18
N MET C 136 -24.19 -28.22 21.44
CA MET C 136 -23.29 -27.24 20.84
C MET C 136 -23.29 -27.32 19.31
N VAL C 137 -23.32 -28.55 18.77
CA VAL C 137 -23.29 -28.75 17.33
C VAL C 137 -24.47 -28.03 16.68
N TRP C 138 -25.66 -28.20 17.25
CA TRP C 138 -26.83 -27.54 16.67
C TRP C 138 -26.81 -26.04 16.93
N ARG C 139 -26.28 -25.62 18.08
CA ARG C 139 -26.23 -24.19 18.37
C ARG C 139 -25.36 -23.46 17.37
N TYR C 140 -24.27 -24.08 16.93
CA TYR C 140 -23.28 -23.37 16.13
C TYR C 140 -23.21 -23.84 14.68
N ASN C 141 -24.05 -24.78 14.26
CA ASN C 141 -24.03 -25.26 12.89
C ASN C 141 -25.39 -25.33 12.20
N SER C 142 -26.49 -25.10 12.91
CA SER C 142 -27.81 -25.26 12.33
C SER C 142 -28.39 -23.91 11.87
N PHE C 143 -29.46 -24.00 11.07
CA PHE C 143 -30.20 -22.85 10.59
C PHE C 143 -31.61 -22.85 11.15
N GLY C 144 -32.21 -21.67 11.25
CA GLY C 144 -33.60 -21.58 11.62
C GLY C 144 -34.50 -22.11 10.50
N HIS C 145 -35.54 -22.84 10.89
CA HIS C 145 -36.49 -23.36 9.92
C HIS C 145 -37.18 -22.21 9.20
N HIS C 146 -37.58 -22.47 7.95
CA HIS C 146 -38.11 -21.40 7.11
C HIS C 146 -39.41 -20.83 7.68
N THR C 147 -40.28 -21.67 8.19
CA THR C 147 -41.59 -21.25 8.64
C THR C 147 -41.87 -21.58 10.09
N GLU C 148 -41.49 -22.77 10.54
CA GLU C 148 -41.73 -23.17 11.92
C GLU C 148 -40.90 -22.34 12.87
N GLN C 149 -41.55 -21.53 13.70
CA GLN C 149 -40.93 -21.17 14.96
C GLN C 149 -40.83 -22.42 15.81
N HIS C 150 -39.75 -22.51 16.59
CA HIS C 150 -39.31 -23.75 17.24
C HIS C 150 -38.96 -24.79 16.17
N GLY C 151 -38.01 -24.41 15.31
CA GLY C 151 -37.57 -25.28 14.23
C GLY C 151 -36.14 -25.02 13.82
N LEU C 152 -35.35 -26.07 13.67
CA LEU C 152 -33.96 -25.97 13.28
C LEU C 152 -33.66 -26.99 12.19
N VAL C 153 -32.65 -26.70 11.37
CA VAL C 153 -32.28 -27.59 10.27
C VAL C 153 -30.77 -27.73 10.23
N LEU C 154 -30.26 -28.96 10.16
CA LEU C 154 -28.82 -29.18 10.13
C LEU C 154 -28.39 -29.81 8.81
N TYR C 155 -27.30 -29.29 8.24
CA TYR C 155 -26.76 -29.78 6.97
C TYR C 155 -25.31 -30.20 7.14
N ASN C 156 -24.85 -31.06 6.23
CA ASN C 156 -23.49 -31.58 6.30
C ASN C 156 -22.50 -30.60 5.68
N ARG C 157 -22.58 -30.44 4.36
CA ARG C 157 -21.56 -29.73 3.60
C ARG C 157 -21.70 -28.21 3.73
N ILE C 158 -22.92 -27.72 4.00
CA ILE C 158 -23.10 -26.29 4.18
C ILE C 158 -22.23 -25.77 5.31
N SER C 159 -22.04 -26.58 6.35
CA SER C 159 -21.24 -26.18 7.50
C SER C 159 -19.75 -26.00 7.18
N MET C 160 -19.29 -26.40 5.98
CA MET C 160 -17.88 -26.25 5.67
C MET C 160 -17.52 -24.88 5.11
N MET C 161 -18.49 -23.99 4.91
CA MET C 161 -18.23 -22.65 4.40
C MET C 161 -17.90 -21.70 5.54
N ALA C 162 -16.81 -20.94 5.38
CA ALA C 162 -16.44 -19.94 6.36
C ALA C 162 -17.39 -18.75 6.28
N HIS C 163 -17.36 -17.93 7.32
CA HIS C 163 -18.20 -16.74 7.36
C HIS C 163 -17.56 -15.58 6.62
N SER C 164 -18.39 -14.77 5.99
CA SER C 164 -17.98 -13.44 5.54
C SER C 164 -19.18 -12.51 5.60
N CYS C 165 -18.92 -11.26 6.01
CA CYS C 165 -19.94 -10.22 5.94
C CYS C 165 -20.20 -9.76 4.51
N ARG C 166 -19.32 -10.13 3.57
CA ARG C 166 -19.52 -9.92 2.14
C ARG C 166 -19.40 -11.29 1.47
N ALA C 167 -20.44 -12.10 1.61
CA ALA C 167 -20.40 -13.49 1.18
C ALA C 167 -20.38 -13.60 -0.34
N THR C 168 -19.60 -14.55 -0.85
CA THR C 168 -19.58 -14.83 -2.28
C THR C 168 -20.71 -15.76 -2.72
N ALA C 169 -21.39 -16.41 -1.77
CA ALA C 169 -22.48 -17.31 -2.10
C ALA C 169 -23.74 -16.86 -1.36
N CYS C 170 -24.89 -17.17 -1.96
CA CYS C 170 -26.19 -16.91 -1.35
C CYS C 170 -26.96 -18.22 -1.34
N TRP C 171 -28.07 -18.26 -0.59
CA TRP C 171 -28.78 -19.51 -0.46
C TRP C 171 -30.26 -19.25 -0.21
N HIS C 172 -31.07 -20.26 -0.49
CA HIS C 172 -32.48 -20.21 -0.11
C HIS C 172 -33.02 -21.62 0.03
N TYR C 173 -34.12 -21.73 0.76
CA TYR C 173 -34.78 -23.01 0.95
C TYR C 173 -35.58 -23.38 -0.29
N GLY C 174 -35.44 -24.62 -0.75
CA GLY C 174 -36.31 -25.20 -1.74
C GLY C 174 -37.39 -26.03 -1.09
N GLU C 175 -38.02 -26.88 -1.90
CA GLU C 175 -39.04 -27.76 -1.35
C GLU C 175 -38.41 -28.80 -0.43
N ASP C 176 -39.15 -29.12 0.64
CA ASP C 176 -38.72 -30.12 1.63
C ASP C 176 -37.39 -29.73 2.27
N ASP C 177 -37.25 -28.44 2.59
CA ASP C 177 -36.10 -27.91 3.33
C ASP C 177 -34.79 -28.17 2.60
N ALA C 178 -34.85 -28.31 1.28
CA ALA C 178 -33.62 -28.36 0.49
C ALA C 178 -32.89 -27.03 0.60
N PHE C 179 -31.57 -27.11 0.71
CA PHE C 179 -30.69 -25.94 0.81
C PHE C 179 -30.10 -25.71 -0.57
N ILE C 180 -30.53 -24.64 -1.23
CA ILE C 180 -30.07 -24.30 -2.57
C ILE C 180 -28.99 -23.23 -2.45
N LEU C 181 -27.78 -23.59 -2.85
CA LEU C 181 -26.62 -22.71 -2.79
C LEU C 181 -26.33 -22.16 -4.18
N ARG C 182 -26.30 -20.84 -4.30
CA ARG C 182 -26.05 -20.16 -5.54
C ARG C 182 -24.83 -19.25 -5.41
N ALA C 183 -24.25 -18.92 -6.56
CA ALA C 183 -23.17 -17.95 -6.61
C ALA C 183 -23.77 -16.55 -6.53
N ARG C 184 -23.32 -15.76 -5.56
CA ARG C 184 -23.80 -14.39 -5.43
C ARG C 184 -23.05 -13.44 -6.35
N VAL C 185 -21.82 -13.78 -6.74
CA VAL C 185 -21.01 -12.96 -7.62
C VAL C 185 -20.40 -13.86 -8.68
N LEU C 187 -17.59 -15.89 -10.15
CA LEU C 187 -16.50 -16.60 -9.48
C LEU C 187 -15.68 -17.43 -10.45
N GLN C 188 -14.39 -17.53 -10.18
CA GLN C 188 -13.49 -18.36 -10.96
C GLN C 188 -13.18 -19.64 -10.20
N ALA C 189 -12.82 -20.68 -10.94
CA ALA C 189 -12.42 -21.94 -10.33
C ALA C 189 -11.31 -21.71 -9.31
N GLY C 190 -11.52 -22.23 -8.10
CA GLY C 190 -10.59 -22.03 -7.01
C GLY C 190 -11.00 -20.96 -6.02
N ASP C 191 -11.99 -20.14 -6.34
CA ASP C 191 -12.42 -19.08 -5.45
C ASP C 191 -13.16 -19.64 -4.23
N GLU C 192 -13.02 -18.95 -3.11
CA GLU C 192 -13.65 -19.41 -1.88
C GLU C 192 -15.13 -19.11 -1.88
N LEU C 193 -15.91 -20.04 -1.34
CA LEU C 193 -17.35 -19.88 -1.16
C LEU C 193 -17.62 -19.56 0.30
N THR C 194 -18.16 -18.37 0.55
CA THR C 194 -18.49 -17.94 1.89
C THR C 194 -19.97 -17.60 1.97
N ILE C 195 -20.54 -17.79 3.16
CA ILE C 195 -21.90 -17.36 3.47
C ILE C 195 -21.84 -16.54 4.75
N SER C 196 -22.91 -15.80 5.00
CA SER C 196 -23.01 -14.99 6.20
C SER C 196 -23.58 -15.84 7.33
N TYR C 197 -22.81 -15.99 8.41
CA TYR C 197 -23.36 -16.55 9.64
C TYR C 197 -24.33 -15.58 10.30
N ILE C 198 -24.41 -14.35 9.82
CA ILE C 198 -25.21 -13.28 10.40
C ILE C 198 -26.49 -13.13 9.59
N GLY C 199 -27.61 -12.94 10.29
CA GLY C 199 -28.86 -12.70 9.60
C GLY C 199 -28.87 -11.38 8.85
N ASP C 200 -29.80 -11.28 7.88
CA ASP C 200 -29.92 -10.07 7.09
C ASP C 200 -30.36 -8.87 7.93
N ASP C 201 -31.00 -9.11 9.08
CA ASP C 201 -31.39 -8.01 9.96
C ASP C 201 -30.19 -7.27 10.52
N ASP C 202 -28.99 -7.87 10.45
CA ASP C 202 -27.80 -7.26 11.02
C ASP C 202 -26.72 -6.97 9.99
N LEU C 203 -26.84 -7.48 8.77
CA LEU C 203 -25.73 -7.38 7.82
C LEU C 203 -25.47 -5.94 7.37
N PHE C 204 -26.49 -5.09 7.41
CA PHE C 204 -26.35 -3.70 6.98
C PHE C 204 -25.83 -2.81 8.09
N SER C 206 -23.02 -1.78 11.35
CA SER C 206 -21.60 -1.46 11.36
C SER C 206 -20.72 -2.61 11.85
N THR C 207 -19.41 -2.44 11.69
CA THR C 207 -18.47 -3.54 11.91
C THR C 207 -18.49 -4.03 13.35
N ASN C 208 -18.58 -3.12 14.32
CA ASN C 208 -18.64 -3.52 15.72
C ASN C 208 -19.83 -4.44 15.98
N VAL C 209 -20.99 -4.14 15.37
CA VAL C 209 -22.19 -4.93 15.60
C VAL C 209 -22.07 -6.30 14.96
N ARG C 210 -21.64 -6.36 13.70
CA ARG C 210 -21.49 -7.65 13.02
C ARG C 210 -20.51 -8.54 13.77
N ARG C 211 -19.37 -7.96 14.17
CA ARG C 211 -18.40 -8.72 14.97
C ARG C 211 -19.04 -9.23 16.25
N GLU C 212 -19.87 -8.41 16.89
CA GLU C 212 -20.65 -8.87 18.05
C GLU C 212 -21.44 -10.12 17.69
N VAL C 214 -20.88 -12.41 15.40
CA VAL C 214 -20.14 -13.64 15.14
C VAL C 214 -19.13 -14.02 16.22
N TYR C 215 -19.07 -13.25 17.31
CA TYR C 215 -18.16 -13.59 18.41
C TYR C 215 -18.35 -15.02 18.91
N GLY C 216 -19.59 -15.53 18.86
CA GLY C 216 -19.86 -16.86 19.39
C GLY C 216 -19.08 -17.96 18.70
N TRP C 217 -18.81 -17.79 17.41
CA TRP C 217 -17.95 -18.72 16.69
C TRP C 217 -16.48 -18.48 16.96
N LEU C 218 -16.20 -17.68 17.99
CA LEU C 218 -14.87 -17.53 18.56
C LEU C 218 -13.90 -16.86 17.60
N PHE C 219 -14.34 -15.82 16.88
CA PHE C 219 -13.35 -15.08 16.10
C PHE C 219 -13.80 -13.64 15.96
N THR C 220 -12.81 -12.76 15.82
CA THR C 220 -13.03 -11.37 15.43
C THR C 220 -12.97 -11.31 13.92
N CYS C 221 -14.10 -11.00 13.28
CA CYS C 221 -14.18 -11.06 11.83
C CYS C 221 -13.20 -10.08 11.20
N GLN C 222 -12.46 -10.55 10.21
CA GLN C 222 -11.54 -9.72 9.43
C GLN C 222 -11.85 -9.82 7.95
N CYS C 223 -13.13 -10.00 7.60
CA CYS C 223 -13.53 -10.05 6.21
C CYS C 223 -13.29 -8.69 5.55
N VAL C 224 -13.52 -8.64 4.24
CA VAL C 224 -13.20 -7.42 3.49
C VAL C 224 -13.98 -6.22 4.01
N ARG C 225 -15.18 -6.44 4.56
CA ARG C 225 -15.94 -5.33 5.12
C ARG C 225 -15.41 -4.94 6.49
N CYS C 226 -15.19 -5.93 7.37
CA CYS C 226 -14.78 -5.62 8.74
C CYS C 226 -13.36 -5.06 8.79
N ALA C 227 -12.47 -5.50 7.90
CA ALA C 227 -11.11 -5.01 7.87
C ALA C 227 -10.94 -3.75 7.05
N ALA C 228 -12.01 -3.23 6.46
CA ALA C 228 -11.90 -2.03 5.66
C ALA C 228 -11.40 -0.86 6.50
N PRO C 229 -10.59 0.04 5.93
CA PRO C 229 -10.11 1.19 6.73
C PRO C 229 -11.22 2.09 7.22
N VAL C 230 -12.27 2.26 6.43
CA VAL C 230 -13.39 3.14 6.77
C VAL C 230 -14.64 2.29 6.95
N ASP C 231 -15.27 2.40 8.11
CA ASP C 231 -16.57 1.76 8.34
C ASP C 231 -17.64 2.77 7.94
N ASN C 232 -18.06 2.70 6.67
CA ASN C 232 -19.02 3.67 6.15
C ASN C 232 -20.47 3.32 6.51
N ALA C 233 -20.68 2.39 7.44
CA ALA C 233 -21.98 2.18 8.05
C ALA C 233 -22.08 2.83 9.43
N ARG C 234 -21.07 3.58 9.85
CA ARG C 234 -21.00 4.13 11.20
C ARG C 234 -20.60 5.61 11.13
N GLY C 235 -21.39 6.39 10.40
CA GLY C 235 -21.07 7.78 10.11
C GLY C 235 -21.89 8.80 10.86
N PHE C 236 -21.19 9.63 11.63
CA PHE C 236 -21.80 10.68 12.44
C PHE C 236 -21.68 12.02 11.73
N ARG C 237 -22.62 12.92 12.04
CA ARG C 237 -22.61 14.25 11.43
C ARG C 237 -21.49 15.09 12.03
N CYS C 238 -20.60 15.58 11.18
CA CYS C 238 -19.46 16.35 11.64
C CYS C 238 -19.92 17.56 12.44
N PRO C 239 -19.44 17.75 13.68
CA PRO C 239 -19.87 18.94 14.44
C PRO C 239 -19.21 20.23 13.99
N LEU C 240 -18.11 20.16 13.24
CA LEU C 240 -17.46 21.38 12.74
C LEU C 240 -18.24 21.98 11.58
N CYS C 241 -18.36 21.25 10.48
CA CYS C 241 -19.01 21.79 9.30
C CYS C 241 -20.52 21.55 9.30
N GLY C 242 -21.01 20.60 10.10
CA GLY C 242 -22.43 20.37 10.24
C GLY C 242 -23.07 19.56 9.14
N THR C 243 -22.30 19.13 8.14
CA THR C 243 -22.87 18.45 6.98
C THR C 243 -22.12 17.19 6.55
N GLY C 244 -20.80 17.13 6.71
CA GLY C 244 -20.06 15.94 6.35
C GLY C 244 -20.29 14.79 7.32
N ALA C 245 -19.66 13.67 7.02
CA ALA C 245 -19.73 12.47 7.85
C ALA C 245 -18.33 12.10 8.35
N MET C 246 -18.26 11.71 9.62
CA MET C 246 -17.05 11.12 10.20
C MET C 246 -17.38 9.69 10.60
N PHE C 247 -16.59 8.74 10.10
CA PHE C 247 -16.87 7.33 10.26
C PHE C 247 -16.01 6.78 11.38
N PHE C 248 -16.65 6.17 12.38
CA PHE C 248 -15.94 5.63 13.53
C PHE C 248 -15.55 4.18 13.27
N LYS C 249 -14.44 3.78 13.88
CA LYS C 249 -13.92 2.42 13.74
C LYS C 249 -13.35 1.99 15.08
N THR C 250 -13.69 0.78 15.53
CA THR C 250 -13.20 0.24 16.78
C THR C 250 -12.28 -0.94 16.51
N GLU C 251 -11.07 -0.87 17.04
CA GLU C 251 -10.10 -1.97 16.97
C GLU C 251 -9.40 -2.08 18.30
N ASP C 252 -9.28 -3.31 18.80
CA ASP C 252 -8.64 -3.59 20.09
C ASP C 252 -9.20 -2.71 21.21
N GLY C 253 -10.52 -2.55 21.21
CA GLY C 253 -11.19 -1.78 22.23
C GLY C 253 -11.08 -0.27 22.10
N GLU C 254 -10.33 0.24 21.12
CA GLU C 254 -10.15 1.67 20.95
C GLU C 254 -10.87 2.15 19.70
N THR C 255 -11.55 3.29 19.81
CA THR C 255 -12.33 3.85 18.71
C THR C 255 -11.61 5.09 18.17
N THR C 256 -11.42 5.11 16.85
CA THR C 256 -10.89 6.26 16.13
C THR C 256 -11.90 6.68 15.07
N SER C 257 -11.61 7.79 14.40
CA SER C 257 -12.51 8.32 13.39
C SER C 257 -11.74 8.69 12.14
N SER C 258 -12.39 8.48 10.99
CA SER C 258 -11.90 9.06 9.76
C SER C 258 -12.07 10.57 9.81
N ALA C 259 -11.34 11.27 8.94
CA ALA C 259 -11.55 12.69 8.77
C ALA C 259 -12.89 12.93 8.08
N CYS C 260 -13.51 14.07 8.40
CA CYS C 260 -14.81 14.39 7.83
C CYS C 260 -14.75 14.37 6.30
N THR C 261 -15.80 13.82 5.69
CA THR C 261 -15.84 13.70 4.24
C THR C 261 -15.80 15.06 3.55
N ILE C 262 -16.23 16.12 4.21
CA ILE C 262 -16.33 17.45 3.59
C ILE C 262 -15.20 18.36 4.04
N CYS C 263 -15.07 18.61 5.35
CA CYS C 263 -14.09 19.58 5.82
C CYS C 263 -12.78 18.95 6.27
N GLN C 264 -12.68 17.62 6.27
N GLN C 264 -12.69 17.62 6.28
CA GLN C 264 -11.44 16.88 6.54
CA GLN C 264 -11.46 16.86 6.54
C GLN C 264 -10.95 17.03 7.96
C GLN C 264 -10.94 17.07 7.96
N ALA C 265 -11.77 17.56 8.87
CA ALA C 265 -11.37 17.67 10.27
C ALA C 265 -11.55 16.33 10.98
N PHE C 266 -10.70 16.09 11.98
CA PHE C 266 -10.81 14.94 12.88
C PHE C 266 -11.48 15.34 14.19
N PRO C 267 -12.35 14.50 14.74
CA PRO C 267 -12.81 14.74 16.10
C PRO C 267 -11.73 14.37 17.11
N THR C 268 -11.79 15.03 18.26
CA THR C 268 -10.95 14.62 19.37
C THR C 268 -11.47 13.31 19.95
N GLN C 269 -10.62 12.65 20.76
CA GLN C 269 -11.06 11.44 21.43
C GLN C 269 -12.25 11.72 22.35
N GLU C 270 -12.33 12.95 22.89
CA GLU C 270 -13.45 13.29 23.77
C GLU C 270 -14.74 13.46 22.98
N THR C 271 -14.66 14.11 21.81
CA THR C 271 -15.82 14.16 20.92
C THR C 271 -16.25 12.75 20.51
N ILE C 272 -15.27 11.87 20.28
CA ILE C 272 -15.57 10.48 19.94
C ILE C 272 -16.35 9.81 21.06
N GLN C 273 -15.87 9.97 22.30
CA GLN C 273 -16.60 9.40 23.45
C GLN C 273 -18.01 9.95 23.54
N GLU C 274 -18.16 11.27 23.37
CA GLU C 274 -19.48 11.88 23.42
C GLU C 274 -20.42 11.27 22.39
N TYR C 275 -19.95 11.12 21.16
CA TYR C 275 -20.80 10.57 20.11
C TYR C 275 -21.01 9.06 20.26
N LEU C 276 -20.11 8.36 20.94
CA LEU C 276 -20.39 6.97 21.29
C LEU C 276 -21.53 6.88 22.29
N ASP C 277 -21.55 7.81 23.26
CA ASP C 277 -22.67 7.87 24.19
C ASP C 277 -23.97 8.17 23.44
N PHE C 278 -23.94 9.14 22.53
CA PHE C 278 -25.12 9.40 21.69
C PHE C 278 -25.56 8.15 20.95
N GLU C 279 -24.60 7.46 20.34
CA GLU C 279 -24.88 6.24 19.58
C GLU C 279 -25.59 5.21 20.44
N GLN C 280 -25.05 4.93 21.63
CA GLN C 280 -25.69 3.96 22.51
C GLN C 280 -27.09 4.41 22.92
N ALA C 281 -27.26 5.71 23.18
CA ALA C 281 -28.58 6.21 23.55
C ALA C 281 -29.60 5.97 22.43
N TYR C 282 -29.20 6.20 21.18
CA TYR C 282 -30.15 6.01 20.09
C TYR C 282 -30.39 4.54 19.78
N VAL C 283 -29.38 3.70 19.96
CA VAL C 283 -29.60 2.26 19.88
C VAL C 283 -30.64 1.83 20.92
N ASP C 284 -30.54 2.38 22.13
CA ASP C 284 -31.55 2.10 23.14
C ASP C 284 -32.93 2.59 22.72
N ARG C 285 -33.00 3.81 22.17
CA ARG C 285 -34.28 4.38 21.77
C ARG C 285 -34.94 3.57 20.66
N LEU C 286 -34.14 2.92 19.81
CA LEU C 286 -34.69 2.13 18.71
C LEU C 286 -35.62 1.03 19.20
N ALA C 287 -35.33 0.45 20.37
CA ALA C 287 -36.17 -0.62 20.89
C ALA C 287 -37.57 -0.13 21.24
N GLU C 288 -37.74 1.16 21.52
CA GLU C 288 -39.03 1.75 21.84
C GLU C 288 -39.59 2.55 20.68
N THR C 289 -38.99 2.45 19.50
CA THR C 289 -39.44 3.19 18.32
C THR C 289 -39.94 2.19 17.29
N ASP C 290 -41.09 2.49 16.70
CA ASP C 290 -41.75 1.52 15.84
C ASP C 290 -42.74 2.19 14.89
N SER C 292 -45.77 1.75 14.27
CA SER C 292 -47.15 1.92 14.71
C SER C 292 -47.39 3.27 15.38
N ASP C 293 -46.30 4.02 15.65
CA ASP C 293 -46.36 5.37 16.22
C ASP C 293 -45.45 6.25 15.36
N VAL C 294 -45.99 6.76 14.26
CA VAL C 294 -45.24 7.59 13.32
C VAL C 294 -44.85 8.93 13.94
N PRO C 295 -45.72 9.65 14.65
CA PRO C 295 -45.26 10.90 15.28
C PRO C 295 -44.04 10.74 16.17
N ASP C 296 -44.02 9.67 16.98
CA ASP C 296 -42.86 9.40 17.83
C ASP C 296 -41.61 9.17 17.00
N ALA C 297 -41.71 8.32 15.96
CA ALA C 297 -40.57 8.06 15.09
C ALA C 297 -40.11 9.33 14.38
N GLU C 298 -41.02 10.25 14.08
CA GLU C 298 -40.63 11.53 13.49
C GLU C 298 -39.82 12.36 14.47
N LEU C 299 -40.27 12.41 15.73
CA LEU C 299 -39.49 13.06 16.78
C LEU C 299 -38.08 12.50 16.87
N VAL C 300 -37.99 11.17 17.01
CA VAL C 300 -36.69 10.52 17.15
C VAL C 300 -35.81 10.77 15.93
N TYR C 301 -36.40 10.69 14.73
CA TYR C 301 -35.62 10.91 13.51
C TYR C 301 -35.06 12.33 13.47
N ASN C 302 -35.91 13.32 13.79
CA ASN C 302 -35.46 14.70 13.80
C ASN C 302 -34.30 14.90 14.77
N GLN C 303 -34.41 14.34 15.97
CA GLN C 303 -33.28 14.45 16.90
C GLN C 303 -32.06 13.72 16.39
N ALA C 304 -32.25 12.58 15.71
CA ALA C 304 -31.15 11.72 15.30
C ALA C 304 -30.37 12.29 14.12
N THR C 305 -31.01 13.12 13.28
CA THR C 305 -30.25 13.74 12.19
C THR C 305 -29.16 14.67 12.69
N ARG C 306 -29.28 15.19 13.92
CA ARG C 306 -28.22 16.03 14.46
C ARG C 306 -26.97 15.24 14.80
N VAL C 307 -27.11 13.93 15.00
CA VAL C 307 -26.02 13.08 15.43
C VAL C 307 -25.43 12.27 14.27
N PHE C 308 -26.29 11.69 13.43
CA PHE C 308 -25.86 10.74 12.42
C PHE C 308 -25.87 11.39 11.04
N ALA C 309 -24.99 10.88 10.17
CA ALA C 309 -24.96 11.29 8.77
C ALA C 309 -25.17 10.11 7.83
N GLN C 310 -24.43 9.01 8.03
CA GLN C 310 -24.61 7.78 7.24
C GLN C 310 -24.35 6.62 8.21
N HIS C 311 -25.41 6.22 8.93
CA HIS C 311 -25.29 5.32 10.06
C HIS C 311 -26.47 4.36 10.07
N TRP C 312 -26.23 3.12 10.50
CA TRP C 312 -27.27 2.10 10.44
C TRP C 312 -28.45 2.45 11.35
N VAL C 313 -28.22 3.20 12.42
CA VAL C 313 -29.32 3.66 13.27
C VAL C 313 -30.23 4.60 12.48
N LEU C 314 -29.63 5.52 11.73
CA LEU C 314 -30.42 6.41 10.89
C LEU C 314 -31.14 5.62 9.80
N TYR C 315 -30.48 4.57 9.27
CA TYR C 315 -31.15 3.70 8.30
C TYR C 315 -32.36 3.03 8.93
N GLN C 316 -32.23 2.56 10.17
CA GLN C 316 -33.37 1.94 10.85
C GLN C 316 -34.50 2.93 11.01
N LEU C 317 -34.19 4.19 11.32
CA LEU C 317 -35.25 5.17 11.45
C LEU C 317 -35.91 5.47 10.10
N HIS C 318 -35.11 5.57 9.03
CA HIS C 318 -35.66 5.68 7.69
C HIS C 318 -36.59 4.51 7.37
N THR C 319 -36.24 3.32 7.87
CA THR C 319 -37.04 2.14 7.61
C THR C 319 -38.37 2.21 8.34
N ILE C 320 -38.33 2.55 9.64
CA ILE C 320 -39.54 2.70 10.42
C ILE C 320 -40.47 3.74 9.78
N LEU C 321 -39.91 4.86 9.37
CA LEU C 321 -40.73 5.92 8.80
C LEU C 321 -41.28 5.53 7.44
N PHE C 322 -40.49 4.82 6.63
CA PHE C 322 -41.01 4.35 5.35
C PHE C 322 -42.17 3.38 5.56
N GLU C 323 -42.03 2.44 6.49
CA GLU C 323 -43.10 1.49 6.73
C GLU C 323 -44.35 2.19 7.25
N GLY C 324 -44.18 3.15 8.15
CA GLY C 324 -45.33 3.87 8.68
C GLY C 324 -46.02 4.72 7.63
N TYR C 325 -45.26 5.46 6.84
CA TYR C 325 -45.87 6.29 5.80
C TYR C 325 -46.54 5.43 4.74
N ARG C 326 -45.90 4.33 4.34
CA ARG C 326 -46.50 3.41 3.39
C ARG C 326 -47.81 2.84 3.92
N ASP C 327 -47.82 2.39 5.18
CA ASP C 327 -49.04 1.86 5.76
C ASP C 327 -50.13 2.92 5.86
N ALA C 328 -49.74 4.18 6.03
CA ALA C 328 -50.69 5.28 6.14
C ALA C 328 -51.06 5.88 4.78
N GLY C 329 -50.55 5.33 3.69
CA GLY C 329 -50.86 5.86 2.37
C GLY C 329 -50.16 7.14 1.99
N ASN C 330 -49.17 7.58 2.77
CA ASN C 330 -48.45 8.82 2.48
C ASN C 330 -47.25 8.47 1.62
N SER C 331 -47.48 8.44 0.30
CA SER C 331 -46.41 8.07 -0.62
C SER C 331 -45.35 9.15 -0.74
N GLU C 332 -45.72 10.40 -0.47
CA GLU C 332 -44.80 11.52 -0.62
C GLU C 332 -43.61 11.38 0.33
N SER C 333 -43.87 11.19 1.62
CA SER C 333 -42.80 11.09 2.60
C SER C 333 -42.09 9.74 2.53
N ALA C 334 -42.88 8.67 2.36
CA ALA C 334 -42.31 7.35 2.16
C ALA C 334 -41.29 7.35 1.02
N SER C 335 -41.57 8.10 -0.04
CA SER C 335 -40.64 8.18 -1.17
C SER C 335 -39.29 8.69 -0.73
N PHE C 336 -39.27 9.82 0.00
CA PHE C 336 -37.99 10.37 0.46
C PHE C 336 -37.24 9.38 1.33
N HIS C 337 -37.92 8.80 2.34
CA HIS C 337 -37.21 7.91 3.23
C HIS C 337 -36.70 6.66 2.51
N GLN C 338 -37.43 6.19 1.50
CA GLN C 338 -36.97 5.03 0.74
C GLN C 338 -35.75 5.39 -0.10
N MET C 339 -35.73 6.59 -0.70
CA MET C 339 -34.53 7.02 -1.42
C MET C 339 -33.31 7.01 -0.51
N GLU C 340 -33.47 7.53 0.71
CA GLU C 340 -32.36 7.50 1.66
C GLU C 340 -31.95 6.07 2.00
N ARG C 341 -32.93 5.17 2.11
CA ARG C 341 -32.63 3.76 2.37
C ARG C 341 -31.77 3.16 1.25
N ILE C 342 -32.14 3.40 0.01
CA ILE C 342 -31.39 2.87 -1.13
C ILE C 342 -29.98 3.44 -1.14
N TYR C 344 -28.18 4.59 1.45
CA TYR C 344 -27.43 3.93 2.51
C TYR C 344 -27.00 2.52 2.09
N VAL C 345 -27.95 1.66 1.76
CA VAL C 345 -27.61 0.25 1.53
C VAL C 345 -26.63 0.10 0.36
N SER C 346 -26.87 0.82 -0.74
CA SER C 346 -25.97 0.69 -1.88
C SER C 346 -24.59 1.26 -1.57
N GLN C 347 -24.47 2.15 -0.58
CA GLN C 347 -23.14 2.55 -0.14
C GLN C 347 -22.49 1.50 0.78
N VAL C 348 -23.26 0.93 1.71
CA VAL C 348 -22.67 0.09 2.76
C VAL C 348 -22.59 -1.37 2.35
N MET C 349 -23.54 -1.85 1.55
CA MET C 349 -23.73 -3.27 1.30
C MET C 349 -24.18 -3.43 -0.14
N PRO C 350 -23.29 -3.20 -1.10
CA PRO C 350 -23.72 -3.07 -2.50
C PRO C 350 -24.07 -4.37 -3.19
N LEU C 351 -23.58 -5.50 -2.70
CA LEU C 351 -23.83 -6.76 -3.39
C LEU C 351 -25.31 -7.15 -3.25
N ALA C 352 -25.72 -8.11 -4.08
CA ALA C 352 -27.12 -8.50 -4.13
C ALA C 352 -27.59 -9.00 -2.77
N SER C 353 -28.73 -8.49 -2.31
CA SER C 353 -29.36 -8.97 -1.10
C SER C 353 -30.87 -8.78 -1.24
N TYR C 354 -31.62 -9.50 -0.40
CA TYR C 354 -33.06 -9.30 -0.40
C TYR C 354 -33.42 -7.90 0.05
N THR C 355 -32.65 -7.35 1.00
CA THR C 355 -32.90 -5.99 1.48
C THR C 355 -32.86 -4.99 0.32
N LEU C 356 -31.80 -5.04 -0.48
CA LEU C 356 -31.63 -4.08 -1.58
C LEU C 356 -32.64 -4.32 -2.69
N ALA C 357 -32.84 -5.59 -3.05
CA ALA C 357 -33.81 -5.90 -4.10
C ALA C 357 -35.20 -5.38 -3.73
N TRP C 358 -35.63 -5.64 -2.49
CA TRP C 358 -36.95 -5.18 -2.07
C TRP C 358 -36.98 -3.68 -1.80
N LEU C 359 -35.83 -3.06 -1.54
CA LEU C 359 -35.78 -1.60 -1.55
C LEU C 359 -36.14 -1.05 -2.92
N TYR C 360 -35.55 -1.64 -3.96
CA TYR C 360 -35.87 -1.19 -5.32
C TYR C 360 -37.33 -1.48 -5.68
N GLU C 361 -37.79 -2.69 -5.36
CA GLU C 361 -39.18 -3.05 -5.68
C GLU C 361 -40.16 -2.12 -4.97
N GLU C 362 -39.97 -1.93 -3.66
CA GLU C 362 -40.91 -1.10 -2.91
C GLU C 362 -40.81 0.37 -3.31
N MET C 363 -39.62 0.81 -3.71
CA MET C 363 -39.53 2.14 -4.32
C MET C 363 -40.39 2.23 -5.58
N GLY C 364 -40.36 1.17 -6.39
CA GLY C 364 -41.27 1.13 -7.53
C GLY C 364 -42.72 1.22 -7.11
N ASP C 365 -43.11 0.46 -6.09
CA ASP C 365 -44.48 0.50 -5.58
C ASP C 365 -44.89 1.92 -5.20
N THR C 366 -44.08 2.57 -4.35
CA THR C 366 -44.46 3.87 -3.83
C THR C 366 -44.45 4.95 -4.92
N MET C 367 -43.47 4.88 -5.82
CA MET C 367 -43.46 5.82 -6.94
C MET C 367 -44.70 5.65 -7.81
N LEU C 368 -45.13 4.40 -8.03
CA LEU C 368 -46.32 4.16 -8.83
C LEU C 368 -47.57 4.67 -8.13
N ASN C 369 -47.72 4.40 -6.84
CA ASN C 369 -48.86 4.93 -6.10
C ASN C 369 -48.90 6.45 -6.16
N LYS C 370 -47.78 7.08 -5.81
CA LYS C 370 -47.67 8.54 -5.84
C LYS C 370 -48.06 9.10 -7.20
N ALA C 371 -47.61 8.45 -8.28
CA ALA C 371 -47.98 8.91 -9.62
C ALA C 371 -49.48 8.72 -9.87
N GLU C 372 -50.02 7.58 -9.46
CA GLU C 372 -51.43 7.27 -9.72
C GLU C 372 -52.37 8.15 -8.90
N GLU C 373 -51.88 8.87 -7.90
CA GLU C 373 -52.72 9.89 -7.27
C GLU C 373 -53.08 11.03 -8.22
N SER C 374 -52.41 11.14 -9.36
CA SER C 374 -52.74 12.13 -10.37
C SER C 374 -53.71 11.61 -11.43
N GLY C 375 -54.12 10.35 -11.33
CA GLY C 375 -54.93 9.73 -12.35
C GLY C 375 -54.27 8.47 -12.88
N PRO C 376 -55.04 7.59 -13.51
CA PRO C 376 -54.47 6.33 -14.00
C PRO C 376 -53.48 6.52 -15.14
N GLU C 377 -53.66 7.55 -15.96
CA GLU C 377 -52.73 7.82 -17.05
C GLU C 377 -51.41 8.36 -16.50
N VAL C 378 -50.48 7.46 -16.22
CA VAL C 378 -49.15 7.84 -15.73
C VAL C 378 -48.28 8.16 -16.94
N PRO C 379 -47.57 9.29 -16.96
CA PRO C 379 -46.76 9.63 -18.14
C PRO C 379 -45.65 8.61 -18.38
N ALA C 380 -45.19 8.57 -19.63
CA ALA C 380 -44.20 7.58 -20.03
C ALA C 380 -42.96 7.65 -19.15
N HIS C 381 -42.36 8.84 -19.05
CA HIS C 381 -41.12 9.04 -18.29
C HIS C 381 -41.20 8.40 -16.91
N LEU C 383 -43.34 6.19 -15.75
CA LEU C 383 -43.43 4.75 -15.93
C LEU C 383 -42.05 4.16 -16.08
N ASN C 384 -41.29 4.71 -17.03
CA ASN C 384 -39.94 4.21 -17.28
C ASN C 384 -39.13 4.17 -16.00
N VAL C 385 -39.12 5.29 -15.26
CA VAL C 385 -38.36 5.33 -14.02
C VAL C 385 -38.83 4.22 -13.10
N ILE C 386 -40.14 4.14 -12.88
CA ILE C 386 -40.70 3.09 -12.05
C ILE C 386 -40.23 1.73 -12.55
N SER C 387 -40.33 1.51 -13.87
CA SER C 387 -39.92 0.23 -14.43
C SER C 387 -38.47 -0.06 -14.07
N ARG C 388 -37.59 0.93 -14.22
CA ARG C 388 -36.19 0.75 -13.90
C ARG C 388 -36.03 0.14 -12.51
N HIS C 389 -36.74 0.71 -11.53
CA HIS C 389 -36.64 0.19 -10.17
C HIS C 389 -37.09 -1.27 -10.11
N PHE C 390 -38.29 -1.55 -10.66
CA PHE C 390 -38.75 -2.93 -10.71
C PHE C 390 -37.68 -3.81 -11.34
N GLU C 391 -37.12 -3.36 -12.47
CA GLU C 391 -36.12 -4.16 -13.17
C GLU C 391 -34.93 -4.44 -12.26
N ASP C 392 -34.45 -3.41 -11.57
CA ASP C 392 -33.32 -3.61 -10.66
C ASP C 392 -33.65 -4.68 -9.64
N ALA C 393 -34.85 -4.60 -9.04
CA ALA C 393 -35.29 -5.63 -8.11
C ALA C 393 -35.17 -7.00 -8.76
N TYR C 394 -35.78 -7.14 -9.95
CA TYR C 394 -35.72 -8.41 -10.66
C TYR C 394 -34.27 -8.87 -10.79
N ASN C 395 -33.40 -7.97 -11.24
CA ASN C 395 -32.03 -8.36 -11.54
C ASN C 395 -31.36 -8.94 -10.31
N LEU C 396 -31.64 -8.37 -9.14
CA LEU C 396 -30.98 -8.86 -7.95
C LEU C 396 -31.60 -10.18 -7.49
N LEU C 397 -32.93 -10.26 -7.55
CA LEU C 397 -33.58 -11.48 -7.09
C LEU C 397 -33.22 -12.65 -7.99
N TYR C 398 -33.09 -12.38 -9.29
CA TYR C 398 -32.61 -13.40 -10.23
C TYR C 398 -31.31 -14.03 -9.75
N ILE C 399 -30.41 -13.20 -9.21
CA ILE C 399 -29.15 -13.74 -8.71
C ILE C 399 -29.37 -14.51 -7.43
N LEU C 400 -30.24 -14.00 -6.55
CA LEU C 400 -30.31 -14.54 -5.20
C LEU C 400 -31.07 -15.86 -5.16
N CYS C 401 -32.18 -15.97 -5.88
CA CYS C 401 -33.02 -17.16 -5.76
C CYS C 401 -33.52 -17.69 -7.10
N GLY C 402 -33.00 -17.20 -8.22
CA GLY C 402 -33.29 -17.82 -9.49
C GLY C 402 -34.43 -17.16 -10.24
N GLU C 403 -34.49 -17.46 -11.54
CA GLU C 403 -35.47 -16.86 -12.43
C GLU C 403 -36.90 -17.27 -12.07
N ASP C 404 -37.08 -18.50 -11.59
CA ASP C 404 -38.41 -19.07 -11.39
C ASP C 404 -38.96 -18.89 -9.99
N HIS C 405 -38.23 -18.21 -9.11
CA HIS C 405 -38.69 -18.03 -7.74
C HIS C 405 -39.86 -17.06 -7.68
N ASP C 406 -40.70 -17.22 -6.65
CA ASP C 406 -41.87 -16.36 -6.49
C ASP C 406 -41.47 -14.90 -6.36
N TYR C 407 -40.40 -14.60 -5.61
CA TYR C 407 -39.96 -13.21 -5.46
C TYR C 407 -39.59 -12.62 -6.82
N THR C 408 -38.71 -13.31 -7.55
CA THR C 408 -38.25 -12.84 -8.85
C THR C 408 -39.42 -12.67 -9.81
N VAL C 409 -40.33 -13.64 -9.84
CA VAL C 409 -41.49 -13.57 -10.72
C VAL C 409 -42.36 -12.37 -10.35
N ALA C 410 -42.48 -12.07 -9.06
CA ALA C 410 -43.29 -10.93 -8.65
C ALA C 410 -42.69 -9.62 -9.15
N ALA C 411 -41.38 -9.43 -8.91
CA ALA C 411 -40.74 -8.20 -9.39
C ALA C 411 -40.84 -8.09 -10.92
N GLY C 412 -40.55 -9.17 -11.63
CA GLY C 412 -40.66 -9.14 -13.08
C GLY C 412 -42.07 -8.86 -13.56
N THR C 413 -43.07 -9.34 -12.83
CA THR C 413 -44.46 -9.09 -13.19
C THR C 413 -44.79 -7.61 -13.06
N LYS C 414 -44.38 -6.98 -11.95
CA LYS C 414 -44.60 -5.55 -11.79
C LYS C 414 -43.90 -4.76 -12.91
N THR C 416 -43.10 -5.81 -16.06
CA THR C 416 -43.78 -6.02 -17.34
C THR C 416 -45.12 -5.27 -17.40
N ALA C 417 -45.85 -5.25 -16.28
CA ALA C 417 -47.07 -4.43 -16.23
C ALA C 417 -46.75 -2.97 -16.52
N CYS C 418 -45.70 -2.44 -15.87
CA CYS C 418 -45.27 -1.08 -16.14
C CYS C 418 -45.05 -0.84 -17.62
N GLU C 419 -44.28 -1.73 -18.27
CA GLU C 419 -44.00 -1.53 -19.69
C GLU C 419 -45.27 -1.63 -20.54
N GLU C 420 -46.20 -2.48 -20.16
CA GLU C 420 -47.45 -2.58 -20.92
C GLU C 420 -48.28 -1.30 -20.80
N ARG C 421 -48.12 -0.55 -19.70
CA ARG C 421 -48.84 0.71 -19.61
C ARG C 421 -48.21 1.85 -20.42
N LEU C 422 -47.07 1.63 -21.06
CA LEU C 422 -46.42 2.70 -21.82
C LEU C 422 -47.22 3.03 -23.07
N PRO C 423 -47.27 4.30 -23.47
CA PRO C 423 -47.98 4.65 -24.72
C PRO C 423 -47.30 4.04 -25.92
N ALA C 424 -48.07 3.88 -26.99
CA ALA C 424 -47.65 3.17 -28.20
C ALA C 424 -46.27 3.61 -28.71
N MET D 4 31.22 3.99 -34.99
CA MET D 4 32.55 3.44 -34.79
C MET D 4 33.63 4.43 -35.20
N ALA D 5 33.35 5.21 -36.24
CA ALA D 5 34.26 6.27 -36.66
C ALA D 5 34.63 7.16 -35.48
N ASN D 6 33.62 7.73 -34.83
CA ASN D 6 33.78 8.40 -33.54
C ASN D 6 32.42 8.56 -32.89
N PRO D 7 32.03 7.65 -31.98
CA PRO D 7 30.75 7.81 -31.30
C PRO D 7 30.74 8.92 -30.28
N LEU D 8 31.91 9.34 -29.81
CA LEU D 8 32.05 10.38 -28.80
C LEU D 8 31.99 11.78 -29.40
N ALA D 9 31.81 11.91 -30.71
CA ALA D 9 31.78 13.23 -31.32
C ALA D 9 30.57 14.02 -30.85
N PRO D 10 30.73 15.31 -30.59
CA PRO D 10 29.60 16.11 -30.09
C PRO D 10 28.44 16.14 -31.08
N TYR D 11 27.23 16.11 -30.52
CA TYR D 11 26.01 16.18 -31.31
C TYR D 11 25.69 17.62 -31.69
N THR D 12 25.09 17.79 -32.86
CA THR D 12 24.45 19.06 -33.17
C THR D 12 23.17 19.19 -32.36
N LEU D 13 22.69 20.42 -32.24
CA LEU D 13 21.45 20.65 -31.50
C LEU D 13 20.24 19.96 -32.14
N PRO D 14 20.06 19.95 -33.46
CA PRO D 14 19.03 19.06 -34.03
C PRO D 14 19.25 17.60 -33.68
N GLN D 15 20.51 17.16 -33.70
CA GLN D 15 20.85 15.79 -33.31
C GLN D 15 20.43 15.52 -31.87
N ILE D 16 20.65 16.48 -30.98
CA ILE D 16 20.25 16.31 -29.58
C ILE D 16 18.73 16.26 -29.47
N ALA D 17 18.03 17.08 -30.26
CA ALA D 17 16.58 17.12 -30.18
C ALA D 17 15.95 15.80 -30.62
N THR D 18 16.63 15.05 -31.48
CA THR D 18 16.14 13.73 -31.88
C THR D 18 16.10 12.77 -30.71
N VAL D 20 16.23 13.57 -27.02
CA VAL D 20 15.61 13.92 -25.75
C VAL D 20 14.47 14.92 -25.94
N GLN D 21 13.60 14.96 -24.93
CA GLN D 21 12.46 15.86 -24.91
C GLN D 21 12.50 16.67 -23.63
N VAL D 22 12.59 17.99 -23.77
CA VAL D 22 12.51 18.88 -22.62
C VAL D 22 11.05 19.08 -22.25
N HIS D 24 8.63 21.61 -20.10
CA HIS D 24 8.47 22.89 -19.42
C HIS D 24 7.81 22.66 -18.06
N VAL D 25 8.10 23.54 -17.11
CA VAL D 25 7.46 23.39 -15.79
C VAL D 25 5.94 23.44 -15.97
N PRO D 26 5.18 22.58 -15.32
CA PRO D 26 3.72 22.65 -15.45
C PRO D 26 3.19 23.99 -14.96
N GLY D 27 2.23 24.53 -15.69
CA GLY D 27 1.54 25.73 -15.26
C GLY D 27 0.81 25.53 -13.95
N GLY D 29 3.35 27.04 -12.77
CA GLY D 29 4.77 27.14 -12.48
C GLY D 29 5.23 26.99 -11.05
N ARG D 30 4.37 27.29 -10.06
CA ARG D 30 4.81 27.31 -8.68
C ARG D 30 3.72 26.74 -7.76
N CYS D 31 4.10 26.55 -6.49
CA CYS D 31 3.22 26.03 -5.46
C CYS D 31 3.17 27.01 -4.29
N LEU D 32 2.08 26.91 -3.51
CA LEU D 32 1.84 27.79 -2.39
C LEU D 32 1.41 26.98 -1.17
N TYR D 33 1.91 27.37 0.01
CA TYR D 33 1.67 26.64 1.25
C TYR D 33 1.25 27.61 2.33
N THR D 34 0.36 27.16 3.22
CA THR D 34 -0.03 27.97 4.36
C THR D 34 1.01 27.85 5.46
N HIS D 36 0.23 28.67 8.53
CA HIS D 36 -0.55 28.53 9.76
C HIS D 36 -1.65 27.48 9.61
N ASP D 37 -2.07 26.92 10.75
CA ASP D 37 -3.29 26.13 10.78
C ASP D 37 -4.46 26.98 10.32
N LEU D 38 -5.39 26.36 9.59
CA LEU D 38 -6.56 27.06 9.06
C LEU D 38 -7.80 26.23 9.33
N GLU D 39 -8.85 26.90 9.83
CA GLU D 39 -10.16 26.30 9.93
C GLU D 39 -10.87 26.38 8.57
N PRO D 40 -11.79 25.45 8.30
CA PRO D 40 -12.56 25.53 7.06
C PRO D 40 -13.32 26.84 6.99
N GLY D 41 -13.22 27.53 5.85
CA GLY D 41 -13.88 28.80 5.64
C GLY D 41 -13.07 30.02 6.06
N SER D 42 -11.92 29.84 6.69
CA SER D 42 -11.12 30.99 7.10
C SER D 42 -10.49 31.69 5.90
N ILE D 43 -10.39 33.01 6.01
CA ILE D 43 -9.72 33.79 4.98
C ILE D 43 -8.21 33.59 5.10
N ILE D 44 -7.58 33.19 4.00
CA ILE D 44 -6.13 33.09 3.94
C ILE D 44 -5.50 34.43 3.61
N PHE D 45 -5.95 35.06 2.51
CA PHE D 45 -5.64 36.45 2.24
C PHE D 45 -6.61 36.98 1.19
N VAL D 46 -6.55 38.30 1.00
CA VAL D 46 -7.32 39.01 -0.01
C VAL D 46 -6.34 39.78 -0.87
N GLU D 47 -6.50 39.72 -2.19
CA GLU D 47 -5.55 40.33 -3.10
C GLU D 47 -6.25 41.24 -4.10
N THR D 48 -5.64 42.41 -4.35
CA THR D 48 -6.03 43.38 -5.37
C THR D 48 -5.51 42.93 -6.73
N PRO D 49 -6.27 43.17 -7.80
CA PRO D 49 -5.79 42.80 -9.13
C PRO D 49 -4.56 43.60 -9.54
N VAL D 50 -3.67 42.96 -10.31
CA VAL D 50 -2.67 43.71 -11.05
C VAL D 50 -3.36 44.59 -12.08
N LEU D 51 -4.35 44.05 -12.79
CA LEU D 51 -5.11 44.81 -13.76
C LEU D 51 -6.47 44.14 -13.97
N VAL D 52 -7.49 44.99 -14.14
CA VAL D 52 -8.83 44.60 -14.52
C VAL D 52 -9.05 45.05 -15.96
N ALA D 53 -9.10 44.08 -16.87
CA ALA D 53 -9.23 44.35 -18.31
C ALA D 53 -10.70 44.23 -18.69
N ILE D 54 -11.33 45.39 -18.91
CA ILE D 54 -12.70 45.49 -19.39
C ILE D 54 -12.74 46.61 -20.44
N PRO D 55 -13.78 46.61 -21.30
CA PRO D 55 -13.82 47.61 -22.38
C PRO D 55 -13.64 49.06 -21.93
N SER D 56 -14.16 49.43 -20.77
CA SER D 56 -14.03 50.81 -20.31
C SER D 56 -12.60 51.19 -19.94
N LEU D 57 -11.68 50.23 -19.90
CA LEU D 57 -10.28 50.56 -19.64
C LEU D 57 -9.68 51.36 -20.78
N ASP D 58 -10.15 51.13 -22.02
CA ASP D 58 -9.70 51.90 -23.17
C ASP D 58 -10.73 51.66 -24.28
N GLU D 59 -11.78 52.49 -24.29
CA GLU D 59 -12.89 52.28 -25.22
C GLU D 59 -12.44 52.43 -26.67
N GLU D 60 -11.52 53.34 -26.94
CA GLU D 60 -11.05 53.55 -28.31
C GLU D 60 -10.35 52.31 -28.85
N LEU D 61 -9.46 51.73 -28.05
CA LEU D 61 -8.80 50.50 -28.50
C LEU D 61 -9.75 49.31 -28.46
N TRP D 62 -10.78 49.36 -27.61
CA TRP D 62 -11.80 48.33 -27.66
C TRP D 62 -12.54 48.37 -29.00
N SER D 63 -12.84 49.56 -29.49
CA SER D 63 -13.51 49.68 -30.79
C SER D 63 -12.60 49.24 -31.93
N VAL D 64 -11.34 49.68 -31.94
CA VAL D 64 -10.47 49.23 -33.03
C VAL D 64 -10.32 47.71 -32.99
N LEU D 65 -10.22 47.13 -31.79
CA LEU D 65 -10.06 45.68 -31.71
C LEU D 65 -11.32 44.95 -32.19
N THR D 66 -12.51 45.44 -31.82
CA THR D 66 -13.73 44.78 -32.26
C THR D 66 -13.90 44.88 -33.77
N GLU D 67 -13.52 46.01 -34.36
CA GLU D 67 -13.61 46.13 -35.82
C GLU D 67 -12.60 45.23 -36.51
N ILE D 68 -11.36 45.18 -36.01
CA ILE D 68 -10.37 44.24 -36.53
C ILE D 68 -10.91 42.82 -36.47
N ASN D 69 -11.59 42.48 -35.37
CA ASN D 69 -12.16 41.16 -35.22
C ASN D 69 -13.27 40.91 -36.24
N ASP D 70 -14.09 41.93 -36.50
CA ASP D 70 -15.20 41.75 -37.45
C ASP D 70 -14.71 41.59 -38.88
N GLU D 71 -13.59 42.26 -39.24
CA GLU D 71 -13.06 42.07 -40.59
C GLU D 71 -12.50 40.66 -40.77
N GLU D 72 -11.61 40.26 -39.88
CA GLU D 72 -11.05 38.90 -39.89
C GLU D 72 -10.92 38.45 -38.45
N ALA D 73 -11.60 37.35 -38.11
CA ALA D 73 -11.72 36.94 -36.73
C ALA D 73 -10.35 36.67 -36.11
N LEU D 74 -10.20 37.09 -34.86
CA LEU D 74 -8.99 36.82 -34.10
C LEU D 74 -9.13 35.48 -33.39
N GLU D 75 -8.03 34.72 -33.33
CA GLU D 75 -8.07 33.42 -32.68
C GLU D 75 -8.46 33.56 -31.21
N LEU D 76 -7.78 34.44 -30.48
CA LEU D 76 -8.30 34.80 -29.17
C LEU D 76 -9.20 36.02 -29.29
N PRO D 77 -10.34 36.02 -28.61
CA PRO D 77 -11.28 37.15 -28.71
C PRO D 77 -10.65 38.46 -28.30
N PRO D 78 -11.27 39.59 -28.64
CA PRO D 78 -10.63 40.90 -28.41
C PRO D 78 -10.21 41.18 -26.98
N VAL D 79 -10.94 40.69 -25.96
CA VAL D 79 -10.62 41.08 -24.58
C VAL D 79 -9.23 40.63 -24.18
N TRP D 80 -8.76 39.50 -24.71
CA TRP D 80 -7.40 39.05 -24.42
C TRP D 80 -6.37 40.04 -24.96
N HIS D 81 -6.60 40.57 -26.17
CA HIS D 81 -5.70 41.56 -26.73
C HIS D 81 -5.78 42.88 -25.99
N LEU D 82 -7.00 43.30 -25.61
CA LEU D 82 -7.17 44.46 -24.75
C LEU D 82 -6.32 44.31 -23.49
N ALA D 83 -6.41 43.15 -22.83
CA ALA D 83 -5.67 42.91 -21.60
C ALA D 83 -4.16 42.99 -21.85
N ALA D 84 -3.68 42.30 -22.88
CA ALA D 84 -2.24 42.27 -23.13
C ALA D 84 -1.71 43.66 -23.45
N ILE D 85 -2.30 44.33 -24.46
CA ILE D 85 -1.84 45.65 -24.86
C ILE D 85 -1.89 46.62 -23.69
N CYS D 86 -3.02 46.64 -22.97
CA CYS D 86 -3.14 47.55 -21.83
C CYS D 86 -2.14 47.21 -20.74
N SER D 87 -1.76 45.94 -20.61
CA SER D 87 -0.71 45.58 -19.67
C SER D 87 0.64 46.16 -20.09
N LEU D 88 0.89 46.23 -21.40
CA LEU D 88 2.16 46.78 -21.84
C LEU D 88 2.16 48.30 -21.94
N THR D 89 0.99 48.94 -21.94
CA THR D 89 0.89 50.39 -22.09
C THR D 89 0.62 51.12 -20.78
N MET D 90 -0.22 50.56 -19.92
CA MET D 90 -0.77 51.29 -18.78
C MET D 90 -0.12 50.95 -17.45
N LEU D 91 0.67 49.89 -17.36
CA LEU D 91 1.26 49.49 -16.09
C LEU D 91 2.63 50.10 -15.92
N ASP D 92 3.00 50.40 -14.68
CA ASP D 92 4.35 50.84 -14.39
C ASP D 92 5.35 49.71 -14.65
N ASP D 93 6.64 50.05 -14.57
CA ASP D 93 7.67 49.07 -14.90
C ASP D 93 7.63 47.85 -13.98
N GLU D 94 7.26 48.04 -12.72
CA GLU D 94 7.28 46.94 -11.76
C GLU D 94 6.11 45.99 -11.97
N LYS D 97 6.60 43.98 -15.12
CA LYS D 97 7.49 42.85 -14.91
C LYS D 97 6.76 41.70 -14.23
N ILE D 98 5.86 42.03 -13.30
CA ILE D 98 5.06 41.01 -12.63
C ILE D 98 4.31 40.16 -13.65
N CYS D 99 3.76 40.80 -14.67
CA CYS D 99 3.02 40.08 -15.70
C CYS D 99 3.96 39.28 -16.59
N LEU D 100 5.03 39.91 -17.08
CA LEU D 100 5.93 39.25 -18.02
C LEU D 100 6.65 38.05 -17.39
N ASP D 101 6.79 38.03 -16.07
CA ASP D 101 7.46 36.92 -15.39
C ASP D 101 6.54 35.73 -15.16
N LYS D 102 5.25 35.85 -15.48
CA LYS D 102 4.30 34.79 -15.18
C LYS D 102 4.45 33.64 -16.18
N TRP D 103 3.88 32.50 -15.81
CA TRP D 103 4.06 31.28 -16.57
C TRP D 103 3.39 31.39 -17.94
N VAL D 104 4.10 30.90 -18.96
CA VAL D 104 3.55 30.78 -20.31
C VAL D 104 3.91 29.39 -20.82
N PRO D 105 3.14 28.82 -21.74
CA PRO D 105 3.50 27.49 -22.25
C PRO D 105 4.68 27.51 -23.21
N ASP D 106 4.91 28.64 -23.88
CA ASP D 106 5.93 28.72 -24.94
C ASP D 106 6.71 30.02 -24.76
N PRO D 107 7.77 30.01 -23.97
CA PRO D 107 8.48 31.27 -23.68
C PRO D 107 9.07 31.95 -24.91
N ASP D 108 9.53 31.19 -25.89
CA ASP D 108 10.22 31.74 -27.04
C ASP D 108 9.30 31.88 -28.26
N ARG D 109 7.99 31.93 -28.06
CA ARG D 109 7.07 31.91 -29.19
C ARG D 109 7.19 33.17 -30.03
N ALA D 110 7.27 33.00 -31.35
CA ALA D 110 7.32 34.11 -32.27
C ALA D 110 5.98 34.83 -32.32
N PRO D 111 5.97 36.10 -32.71
CA PRO D 111 4.70 36.85 -32.80
C PRO D 111 3.74 36.18 -33.77
N SER D 112 2.52 35.94 -33.31
CA SER D 112 1.49 35.38 -34.17
C SER D 112 1.10 36.40 -35.24
N ASP D 113 0.39 35.91 -36.26
CA ASP D 113 -0.05 36.81 -37.32
C ASP D 113 -1.15 37.75 -36.83
N ASP D 114 -2.00 37.29 -35.91
CA ASP D 114 -2.96 38.19 -35.27
C ASP D 114 -2.25 39.37 -34.62
N VAL D 115 -1.13 39.10 -33.96
CA VAL D 115 -0.43 40.14 -33.22
C VAL D 115 0.16 41.18 -34.18
N LEU D 116 0.88 40.71 -35.22
CA LEU D 116 1.44 41.63 -36.19
C LEU D 116 0.35 42.43 -36.90
N ARG D 117 -0.78 41.78 -37.20
CA ARG D 117 -1.88 42.47 -37.85
C ARG D 117 -2.47 43.54 -36.95
N VAL D 118 -2.62 43.27 -35.65
CA VAL D 118 -3.18 44.26 -34.74
C VAL D 118 -2.21 45.41 -34.54
N ILE D 119 -0.92 45.10 -34.42
CA ILE D 119 0.09 46.15 -34.32
C ILE D 119 0.04 47.06 -35.54
N ASN D 120 -0.12 46.48 -36.72
CA ASN D 120 -0.10 47.29 -37.95
C ASN D 120 -1.40 48.08 -38.11
N ARG D 121 -2.54 47.45 -37.86
CA ARG D 121 -3.83 48.09 -38.14
C ARG D 121 -4.20 49.11 -37.07
N ALA D 122 -3.89 48.84 -35.81
CA ALA D 122 -4.11 49.79 -34.73
C ALA D 122 -2.92 50.70 -34.48
N GLY D 123 -1.80 50.45 -35.15
CA GLY D 123 -0.65 51.33 -35.11
C GLY D 123 -0.04 51.55 -33.74
N LEU D 124 0.27 50.48 -33.02
CA LEU D 124 0.80 50.57 -31.67
C LEU D 124 2.32 50.45 -31.65
N GLN D 125 2.91 50.99 -30.59
CA GLN D 125 4.35 51.04 -30.40
C GLN D 125 4.90 49.88 -29.60
N VAL D 126 4.13 48.83 -29.43
CA VAL D 126 4.52 47.76 -28.52
C VAL D 126 5.35 46.72 -29.26
N HIS D 127 6.29 46.12 -28.55
CA HIS D 127 7.14 45.09 -29.13
C HIS D 127 6.30 43.84 -29.37
N PRO D 128 6.26 43.31 -30.61
CA PRO D 128 5.45 42.15 -30.99
C PRO D 128 5.58 40.97 -30.04
N LEU D 130 6.78 40.62 -26.94
CA LEU D 130 6.16 40.96 -25.66
C LEU D 130 4.64 40.86 -25.74
N TYR D 131 4.06 41.53 -26.75
CA TYR D 131 2.64 41.38 -27.01
C TYR D 131 2.24 39.92 -26.99
N GLU D 132 2.88 39.11 -27.85
CA GLU D 132 2.61 37.68 -27.86
C GLU D 132 2.71 37.10 -26.47
N ARG D 133 3.83 37.33 -25.79
CA ARG D 133 4.02 36.78 -24.45
C ARG D 133 2.88 37.20 -23.54
N MET D 134 2.54 38.50 -23.56
CA MET D 134 1.51 38.98 -22.65
C MET D 134 0.20 38.25 -22.90
N LEU D 135 -0.14 38.02 -24.18
CA LEU D 135 -1.34 37.25 -24.50
C LEU D 135 -1.33 35.93 -23.75
N MET D 136 -0.25 35.15 -23.91
CA MET D 136 -0.15 33.87 -23.24
C MET D 136 -0.33 34.06 -21.74
N VAL D 137 0.32 35.07 -21.18
CA VAL D 137 0.16 35.37 -19.75
C VAL D 137 -1.31 35.39 -19.40
N TRP D 138 -2.06 36.28 -20.06
CA TRP D 138 -3.46 36.43 -19.70
C TRP D 138 -4.27 35.19 -20.04
N ARG D 139 -3.86 34.44 -21.07
CA ARG D 139 -4.60 33.23 -21.38
C ARG D 139 -4.47 32.19 -20.28
N TYR D 140 -3.32 32.14 -19.61
CA TYR D 140 -3.04 31.03 -18.72
C TYR D 140 -2.95 31.41 -17.26
N ASN D 141 -3.19 32.68 -16.91
CA ASN D 141 -3.09 33.14 -15.53
C ASN D 141 -4.24 34.02 -15.07
N SER D 142 -5.14 34.43 -15.96
CA SER D 142 -6.19 35.36 -15.61
C SER D 142 -7.50 34.64 -15.33
N PHE D 143 -8.43 35.37 -14.71
CA PHE D 143 -9.76 34.88 -14.40
C PHE D 143 -10.79 35.69 -15.16
N GLY D 144 -11.96 35.09 -15.37
CA GLY D 144 -13.06 35.83 -15.97
C GLY D 144 -13.64 36.83 -14.99
N HIS D 145 -13.98 38.02 -15.50
CA HIS D 145 -14.57 39.04 -14.67
C HIS D 145 -15.93 38.58 -14.15
N HIS D 146 -16.30 39.06 -12.95
CA HIS D 146 -17.49 38.56 -12.28
C HIS D 146 -18.76 38.90 -13.04
N THR D 147 -18.86 40.13 -13.55
CA THR D 147 -20.08 40.58 -14.22
C THR D 147 -19.89 40.89 -15.69
N GLU D 148 -18.79 41.55 -16.06
CA GLU D 148 -18.57 41.94 -17.44
C GLU D 148 -18.30 40.70 -18.29
N GLN D 149 -19.12 40.49 -19.32
CA GLN D 149 -18.94 39.32 -20.18
C GLN D 149 -17.60 39.35 -20.90
N HIS D 150 -17.17 40.53 -21.32
CA HIS D 150 -15.88 40.70 -21.99
C HIS D 150 -14.88 41.32 -21.00
N GLY D 151 -14.50 40.50 -20.02
CA GLY D 151 -13.63 40.98 -18.96
C GLY D 151 -12.72 39.92 -18.37
N LEU D 152 -11.50 40.32 -18.03
CA LEU D 152 -10.53 39.42 -17.42
C LEU D 152 -9.82 40.16 -16.29
N VAL D 153 -9.34 39.40 -15.30
CA VAL D 153 -8.68 39.97 -14.14
C VAL D 153 -7.40 39.20 -13.88
N LEU D 154 -6.30 39.91 -13.61
CA LEU D 154 -5.01 39.25 -13.38
C LEU D 154 -4.50 39.57 -11.98
N TYR D 155 -4.06 38.53 -11.26
CA TYR D 155 -3.53 38.66 -9.91
C TYR D 155 -2.11 38.13 -9.83
N ASN D 156 -1.37 38.64 -8.85
CA ASN D 156 0.03 38.25 -8.66
C ASN D 156 0.13 36.95 -7.87
N ARG D 157 -0.22 36.99 -6.58
CA ARG D 157 0.01 35.84 -5.71
C ARG D 157 -0.88 34.66 -6.06
N ILE D 158 -2.08 34.92 -6.57
CA ILE D 158 -3.02 33.83 -6.87
C ILE D 158 -2.42 32.86 -7.88
N SER D 159 -1.66 33.38 -8.85
CA SER D 159 -1.04 32.55 -9.87
C SER D 159 0.01 31.60 -9.30
N MET D 160 0.38 31.75 -8.03
CA MET D 160 1.38 30.90 -7.42
C MET D 160 0.82 29.56 -6.94
N MET D 161 -0.50 29.38 -6.98
CA MET D 161 -1.11 28.15 -6.52
C MET D 161 -1.16 27.13 -7.66
N ALA D 162 -0.76 25.89 -7.35
CA ALA D 162 -0.86 24.82 -8.32
C ALA D 162 -2.30 24.32 -8.42
N HIS D 163 -2.57 23.57 -9.48
CA HIS D 163 -3.91 23.06 -9.74
C HIS D 163 -4.17 21.78 -8.96
N SER D 164 -5.42 21.60 -8.54
CA SER D 164 -5.90 20.31 -8.09
C SER D 164 -7.38 20.19 -8.42
N CYS D 165 -7.80 19.00 -8.84
CA CYS D 165 -9.22 18.73 -9.01
C CYS D 165 -9.95 18.56 -7.69
N ARG D 166 -9.20 18.43 -6.58
CA ARG D 166 -9.73 18.45 -5.22
C ARG D 166 -8.95 19.53 -4.47
N ALA D 167 -9.30 20.79 -4.76
CA ALA D 167 -8.55 21.92 -4.23
C ALA D 167 -8.74 22.06 -2.72
N THR D 168 -7.67 22.46 -2.03
CA THR D 168 -7.74 22.76 -0.61
C THR D 168 -8.16 24.19 -0.31
N ALA D 169 -8.20 25.06 -1.31
CA ALA D 169 -8.65 26.42 -1.13
C ALA D 169 -9.81 26.72 -2.07
N CYS D 170 -10.64 27.67 -1.69
CA CYS D 170 -11.73 28.17 -2.52
C CYS D 170 -11.63 29.68 -2.56
N TRP D 171 -12.37 30.31 -3.46
CA TRP D 171 -12.21 31.75 -3.63
C TRP D 171 -13.51 32.36 -4.13
N HIS D 172 -13.62 33.66 -3.91
CA HIS D 172 -14.71 34.42 -4.52
C HIS D 172 -14.30 35.88 -4.60
N TYR D 173 -15.02 36.61 -5.45
CA TYR D 173 -14.76 38.03 -5.62
C TYR D 173 -15.40 38.83 -4.49
N GLY D 174 -14.64 39.81 -3.98
CA GLY D 174 -15.17 40.82 -3.09
C GLY D 174 -15.47 42.11 -3.84
N GLU D 175 -15.62 43.18 -3.07
CA GLU D 175 -15.85 44.49 -3.69
C GLU D 175 -14.60 44.96 -4.40
N ASP D 176 -14.80 45.64 -5.53
CA ASP D 176 -13.70 46.18 -6.34
C ASP D 176 -12.77 45.08 -6.83
N ASP D 177 -13.35 43.96 -7.26
CA ASP D 177 -12.63 42.85 -7.88
C ASP D 177 -11.54 42.29 -6.97
N ALA D 178 -11.71 42.46 -5.66
CA ALA D 178 -10.82 41.80 -4.71
C ALA D 178 -10.99 40.29 -4.80
N PHE D 179 -9.86 39.59 -4.71
CA PHE D 179 -9.82 38.12 -4.75
C PHE D 179 -9.72 37.64 -3.31
N ILE D 180 -10.78 37.02 -2.80
CA ILE D 180 -10.83 36.52 -1.43
C ILE D 180 -10.54 35.03 -1.48
N LEU D 181 -9.43 34.63 -0.86
CA LEU D 181 -9.00 33.24 -0.81
C LEU D 181 -9.31 32.69 0.57
N ARG D 182 -10.01 31.56 0.60
CA ARG D 182 -10.40 30.90 1.85
C ARG D 182 -9.92 29.45 1.84
N ALA D 183 -9.79 28.91 3.05
CA ALA D 183 -9.55 27.48 3.22
C ALA D 183 -10.84 26.72 3.00
N ARG D 184 -10.79 25.74 2.09
CA ARG D 184 -11.93 24.89 1.80
C ARG D 184 -12.04 23.71 2.75
N VAL D 185 -10.93 23.30 3.35
CA VAL D 185 -10.90 22.21 4.30
C VAL D 185 -10.06 22.64 5.49
N LEU D 187 -6.83 22.77 7.52
CA LEU D 187 -5.45 22.67 7.07
C LEU D 187 -4.46 22.86 8.20
N GLN D 188 -3.32 22.19 8.07
CA GLN D 188 -2.21 22.25 9.00
C GLN D 188 -1.12 23.16 8.43
N ALA D 189 -0.41 23.83 9.32
CA ALA D 189 0.73 24.64 8.91
C ALA D 189 1.68 23.82 8.07
N GLY D 190 1.99 24.30 6.87
CA GLY D 190 2.81 23.58 5.93
C GLY D 190 2.05 22.91 4.80
N ASP D 191 0.72 22.77 4.92
CA ASP D 191 -0.08 22.15 3.87
C ASP D 191 -0.13 23.02 2.63
N GLU D 192 -0.26 22.37 1.47
CA GLU D 192 -0.29 23.08 0.21
C GLU D 192 -1.68 23.67 -0.06
N LEU D 193 -1.70 24.86 -0.64
CA LEU D 193 -2.91 25.55 -1.04
C LEU D 193 -3.08 25.41 -2.54
N THR D 194 -4.13 24.72 -2.96
CA THR D 194 -4.41 24.51 -4.36
C THR D 194 -5.78 25.07 -4.71
N ILE D 195 -5.94 25.49 -5.95
CA ILE D 195 -7.23 25.87 -6.51
C ILE D 195 -7.42 25.09 -7.80
N SER D 196 -8.67 25.05 -8.27
CA SER D 196 -9.00 24.39 -9.51
C SER D 196 -8.79 25.36 -10.68
N TYR D 197 -7.95 24.95 -11.64
CA TYR D 197 -7.78 25.73 -12.86
C TYR D 197 -8.98 25.60 -13.78
N ILE D 198 -9.84 24.61 -13.56
CA ILE D 198 -10.98 24.34 -14.43
C ILE D 198 -12.26 24.73 -13.71
N GLY D 199 -13.25 25.16 -14.48
CA GLY D 199 -14.48 25.65 -13.90
C GLY D 199 -15.31 24.55 -13.28
N ASP D 200 -16.29 24.98 -12.46
CA ASP D 200 -17.17 24.03 -11.79
C ASP D 200 -18.04 23.26 -12.76
N ASP D 201 -18.30 23.80 -13.96
CA ASP D 201 -19.06 23.09 -14.96
C ASP D 201 -18.34 21.85 -15.49
N ASP D 202 -17.05 21.68 -15.16
CA ASP D 202 -16.29 20.51 -15.57
C ASP D 202 -15.75 19.70 -14.40
N LEU D 203 -15.75 20.25 -13.18
CA LEU D 203 -15.10 19.58 -12.06
C LEU D 203 -15.81 18.28 -11.68
N PHE D 204 -17.11 18.18 -11.94
CA PHE D 204 -17.87 16.99 -11.54
C PHE D 204 -17.77 15.87 -12.58
N SER D 206 -15.60 13.21 -15.34
CA SER D 206 -14.63 12.15 -15.10
C SER D 206 -13.18 12.59 -15.34
N THR D 207 -12.24 11.71 -14.98
CA THR D 207 -10.82 12.06 -14.96
C THR D 207 -10.30 12.40 -16.36
N ASN D 208 -10.72 11.64 -17.37
CA ASN D 208 -10.29 11.93 -18.73
C ASN D 208 -10.69 13.35 -19.14
N VAL D 209 -11.90 13.76 -18.78
CA VAL D 209 -12.40 15.07 -19.19
C VAL D 209 -11.64 16.19 -18.46
N ARG D 210 -11.49 16.06 -17.14
CA ARG D 210 -10.75 17.06 -16.38
C ARG D 210 -9.32 17.21 -16.89
N ARG D 211 -8.65 16.07 -17.12
CA ARG D 211 -7.30 16.11 -17.66
C ARG D 211 -7.27 16.82 -19.01
N GLU D 212 -8.25 16.52 -19.87
CA GLU D 212 -8.38 17.25 -21.14
C GLU D 212 -8.47 18.75 -20.90
N VAL D 214 -7.22 20.50 -18.39
CA VAL D 214 -6.00 21.13 -17.90
C VAL D 214 -4.76 20.85 -18.76
N TYR D 215 -4.93 20.11 -19.87
CA TYR D 215 -3.79 19.83 -20.75
C TYR D 215 -3.08 21.11 -21.18
N GLY D 216 -3.81 22.21 -21.31
CA GLY D 216 -3.20 23.45 -21.79
C GLY D 216 -2.07 23.95 -20.93
N TRP D 217 -2.11 23.66 -19.63
CA TRP D 217 -1.04 24.05 -18.72
C TRP D 217 0.11 23.05 -18.72
N LEU D 218 0.14 22.14 -19.69
CA LEU D 218 1.30 21.28 -20.00
C LEU D 218 1.56 20.25 -18.90
N PHE D 219 0.52 19.61 -18.40
CA PHE D 219 0.72 18.48 -17.49
C PHE D 219 -0.48 17.57 -17.55
N THR D 220 -0.24 16.29 -17.27
CA THR D 220 -1.30 15.32 -17.07
C THR D 220 -1.63 15.27 -15.59
N CYS D 221 -2.84 15.65 -15.23
CA CYS D 221 -3.18 15.80 -13.81
C CYS D 221 -3.02 14.48 -13.07
N GLN D 222 -2.33 14.55 -11.92
CA GLN D 222 -2.15 13.42 -11.04
C GLN D 222 -2.58 13.77 -9.61
N CYS D 223 -3.57 14.64 -9.48
CA CYS D 223 -4.09 14.99 -8.16
C CYS D 223 -4.79 13.79 -7.55
N VAL D 224 -5.24 13.95 -6.30
CA VAL D 224 -5.79 12.82 -5.56
C VAL D 224 -7.01 12.24 -6.26
N ARG D 225 -7.77 13.07 -6.99
CA ARG D 225 -8.91 12.56 -7.75
C ARG D 225 -8.47 11.86 -9.03
N CYS D 226 -7.56 12.49 -9.79
CA CYS D 226 -7.17 11.92 -11.07
C CYS D 226 -6.34 10.65 -10.89
N ALA D 227 -5.57 10.56 -9.81
CA ALA D 227 -4.73 9.40 -9.55
C ALA D 227 -5.45 8.32 -8.74
N ALA D 228 -6.73 8.51 -8.43
CA ALA D 228 -7.46 7.52 -7.66
C ALA D 228 -7.61 6.23 -8.46
N PRO D 229 -7.56 5.07 -7.79
CA PRO D 229 -7.69 3.80 -8.53
C PRO D 229 -9.01 3.67 -9.25
N VAL D 230 -10.09 4.18 -8.67
CA VAL D 230 -11.43 4.08 -9.26
C VAL D 230 -11.90 5.48 -9.61
N ASP D 231 -12.29 5.67 -10.87
CA ASP D 231 -12.93 6.91 -11.31
C ASP D 231 -14.44 6.70 -11.17
N ASN D 232 -14.97 7.09 -10.01
CA ASN D 232 -16.39 6.89 -9.74
C ASN D 232 -17.28 7.95 -10.38
N ALA D 233 -16.75 8.75 -11.29
CA ALA D 233 -17.56 9.61 -12.13
C ALA D 233 -17.78 9.02 -13.52
N ARG D 234 -17.30 7.80 -13.76
CA ARG D 234 -17.29 7.21 -15.10
C ARG D 234 -17.84 5.79 -15.04
N GLY D 235 -19.04 5.64 -14.47
CA GLY D 235 -19.63 4.35 -14.25
C GLY D 235 -20.64 3.98 -15.33
N PHE D 236 -20.44 2.80 -15.90
CA PHE D 236 -21.37 2.24 -16.87
C PHE D 236 -22.17 1.13 -16.22
N ARG D 237 -23.35 0.86 -16.77
CA ARG D 237 -24.21 -0.19 -16.24
C ARG D 237 -23.66 -1.55 -16.66
N CYS D 238 -23.44 -2.41 -15.68
CA CYS D 238 -22.90 -3.74 -15.97
C CYS D 238 -23.86 -4.53 -16.85
N PRO D 239 -23.40 -5.05 -17.99
CA PRO D 239 -24.31 -5.83 -18.84
C PRO D 239 -24.62 -7.21 -18.29
N LEU D 240 -23.82 -7.73 -17.36
CA LEU D 240 -24.02 -9.07 -16.83
C LEU D 240 -25.18 -9.11 -15.84
N CYS D 241 -25.08 -8.31 -14.76
CA CYS D 241 -26.15 -8.28 -13.77
C CYS D 241 -27.21 -7.23 -14.07
N GLY D 242 -26.90 -6.22 -14.89
CA GLY D 242 -27.87 -5.23 -15.31
C GLY D 242 -28.13 -4.12 -14.31
N THR D 243 -27.46 -4.12 -13.16
CA THR D 243 -27.74 -3.14 -12.12
C THR D 243 -26.51 -2.50 -11.50
N GLY D 244 -25.37 -3.20 -11.41
CA GLY D 244 -24.18 -2.63 -10.85
C GLY D 244 -23.46 -1.67 -11.79
N ALA D 245 -22.37 -1.09 -11.29
CA ALA D 245 -21.59 -0.12 -12.04
C ALA D 245 -20.18 -0.64 -12.26
N MET D 246 -19.66 -0.44 -13.48
CA MET D 246 -18.27 -0.67 -13.82
C MET D 246 -17.64 0.68 -14.14
N PHE D 247 -16.62 1.04 -13.38
CA PHE D 247 -15.99 2.36 -13.50
C PHE D 247 -14.78 2.25 -14.42
N PHE D 248 -14.79 3.02 -15.51
CA PHE D 248 -13.70 2.97 -16.48
C PHE D 248 -12.59 3.93 -16.09
N THR D 250 -8.77 5.51 -17.77
CA THR D 250 -7.83 5.60 -18.88
C THR D 250 -6.48 6.12 -18.42
N GLU D 251 -5.42 5.35 -18.68
CA GLU D 251 -4.06 5.75 -18.41
C GLU D 251 -3.19 5.35 -19.59
N ASP D 252 -2.39 6.31 -20.09
CA ASP D 252 -1.49 6.07 -21.21
C ASP D 252 -2.23 5.55 -22.43
N GLY D 253 -3.40 6.14 -22.71
CA GLY D 253 -4.20 5.75 -23.84
C GLY D 253 -4.97 4.45 -23.72
N GLU D 254 -4.76 3.69 -22.64
CA GLU D 254 -5.42 2.41 -22.44
C GLU D 254 -6.53 2.55 -21.42
N THR D 255 -7.69 1.98 -21.73
CA THR D 255 -8.85 2.03 -20.83
C THR D 255 -9.08 0.66 -20.20
N THR D 256 -9.16 0.64 -18.88
CA THR D 256 -9.51 -0.53 -18.10
C THR D 256 -10.74 -0.23 -17.27
N SER D 257 -11.26 -1.25 -16.60
CA SER D 257 -12.48 -1.11 -15.82
C SER D 257 -12.30 -1.75 -14.45
N SER D 258 -12.96 -1.17 -13.45
CA SER D 258 -13.12 -1.85 -12.18
C SER D 258 -14.10 -3.01 -12.34
N ALA D 259 -14.06 -3.93 -11.37
CA ALA D 259 -15.08 -4.97 -11.33
C ALA D 259 -16.43 -4.36 -10.97
N CYS D 260 -17.49 -4.98 -11.48
CA CYS D 260 -18.84 -4.49 -11.19
C CYS D 260 -19.05 -4.40 -9.68
N THR D 261 -19.70 -3.32 -9.24
CA THR D 261 -19.94 -3.10 -7.83
C THR D 261 -20.81 -4.17 -7.20
N ILE D 262 -21.63 -4.86 -7.98
CA ILE D 262 -22.60 -5.83 -7.46
C ILE D 262 -22.15 -7.26 -7.72
N CYS D 263 -21.91 -7.62 -9.00
CA CYS D 263 -21.59 -8.99 -9.34
C CYS D 263 -20.10 -9.27 -9.47
N GLN D 264 -19.26 -8.23 -9.41
CA GLN D 264 -17.80 -8.33 -9.37
C GLN D 264 -17.21 -8.86 -10.67
N ALA D 265 -17.96 -8.85 -11.76
CA ALA D 265 -17.41 -9.26 -13.03
C ALA D 265 -16.67 -8.11 -13.70
N PHE D 266 -15.62 -8.45 -14.42
CA PHE D 266 -14.87 -7.51 -15.25
C PHE D 266 -15.40 -7.55 -16.68
N PRO D 267 -15.57 -6.41 -17.34
CA PRO D 267 -15.92 -6.45 -18.76
C PRO D 267 -14.71 -6.83 -19.60
N THR D 268 -14.99 -7.44 -20.75
CA THR D 268 -13.94 -7.71 -21.72
C THR D 268 -13.50 -6.41 -22.38
N GLN D 269 -12.35 -6.45 -23.05
CA GLN D 269 -11.87 -5.27 -23.74
C GLN D 269 -12.81 -4.85 -24.86
N GLU D 270 -13.51 -5.80 -25.48
CA GLU D 270 -14.46 -5.45 -26.53
C GLU D 270 -15.71 -4.80 -25.95
N THR D 271 -16.18 -5.27 -24.80
CA THR D 271 -17.24 -4.57 -24.09
C THR D 271 -16.80 -3.15 -23.73
N ILE D 272 -15.55 -3.01 -23.28
CA ILE D 272 -15.02 -1.70 -22.94
C ILE D 272 -15.07 -0.78 -24.16
N GLN D 273 -14.59 -1.26 -25.30
CA GLN D 273 -14.59 -0.44 -26.51
C GLN D 273 -16.01 -0.07 -26.92
N GLU D 274 -16.94 -1.03 -26.85
CA GLU D 274 -18.33 -0.74 -27.18
C GLU D 274 -18.90 0.36 -26.30
N TYR D 275 -18.66 0.28 -24.99
CA TYR D 275 -19.19 1.30 -24.09
C TYR D 275 -18.46 2.62 -24.23
N LEU D 276 -17.22 2.62 -24.71
CA LEU D 276 -16.56 3.88 -25.03
C LEU D 276 -17.22 4.54 -26.23
N ASP D 277 -17.60 3.74 -27.23
CA ASP D 277 -18.35 4.27 -28.36
C ASP D 277 -19.68 4.85 -27.91
N PHE D 278 -20.42 4.11 -27.07
CA PHE D 278 -21.65 4.64 -26.50
C PHE D 278 -21.40 5.96 -25.78
N GLU D 279 -20.34 6.00 -24.96
CA GLU D 279 -20.01 7.20 -24.20
C GLU D 279 -19.82 8.39 -25.11
N GLN D 280 -19.00 8.25 -26.15
CA GLN D 280 -18.79 9.36 -27.08
C GLN D 280 -20.09 9.75 -27.76
N ALA D 281 -20.92 8.79 -28.15
CA ALA D 281 -22.19 9.11 -28.79
C ALA D 281 -23.09 9.94 -27.88
N TYR D 282 -23.14 9.60 -26.60
CA TYR D 282 -23.99 10.37 -25.69
C TYR D 282 -23.39 11.73 -25.37
N VAL D 283 -22.06 11.82 -25.28
CA VAL D 283 -21.42 13.12 -25.14
C VAL D 283 -21.79 14.02 -26.31
N ASP D 284 -21.81 13.46 -27.52
CA ASP D 284 -22.24 14.24 -28.69
C ASP D 284 -23.71 14.63 -28.56
N ARG D 285 -24.57 13.71 -28.13
CA ARG D 285 -25.99 14.00 -28.03
C ARG D 285 -26.27 15.11 -27.00
N LEU D 286 -25.43 15.21 -25.96
CA LEU D 286 -25.66 16.23 -24.94
C LEU D 286 -25.65 17.63 -25.51
N ALA D 287 -24.88 17.88 -26.58
CA ALA D 287 -24.84 19.21 -27.16
C ALA D 287 -26.17 19.59 -27.80
N GLU D 288 -26.97 18.59 -28.21
CA GLU D 288 -28.28 18.82 -28.80
C GLU D 288 -29.42 18.55 -27.84
N THR D 289 -29.13 18.43 -26.54
CA THR D 289 -30.13 18.16 -25.52
C THR D 289 -30.13 19.32 -24.53
N ASP D 290 -31.32 19.82 -24.18
CA ASP D 290 -31.39 20.94 -23.26
C ASP D 290 -32.80 21.06 -22.68
N LYS D 291 -32.93 21.99 -21.72
CA LYS D 291 -34.13 22.09 -20.91
C LYS D 291 -35.35 22.57 -21.67
N SER D 292 -35.17 23.20 -22.84
CA SER D 292 -36.31 23.73 -23.58
C SER D 292 -37.11 22.66 -24.30
N ASP D 293 -36.60 21.44 -24.39
CA ASP D 293 -37.30 20.30 -24.98
C ASP D 293 -37.22 19.15 -23.98
N VAL D 294 -38.18 19.11 -23.05
CA VAL D 294 -38.20 18.09 -22.01
C VAL D 294 -38.53 16.70 -22.58
N PRO D 295 -39.49 16.56 -23.51
CA PRO D 295 -39.71 15.22 -24.09
C PRO D 295 -38.45 14.60 -24.70
N ASP D 296 -37.70 15.40 -25.45
CA ASP D 296 -36.45 14.92 -26.05
C ASP D 296 -35.47 14.48 -24.96
N ALA D 297 -35.30 15.30 -23.93
CA ALA D 297 -34.40 14.94 -22.83
C ALA D 297 -34.87 13.67 -22.13
N GLU D 298 -36.18 13.45 -22.07
CA GLU D 298 -36.71 12.22 -21.48
C GLU D 298 -36.34 11.02 -22.32
N LEU D 299 -36.48 11.13 -23.65
CA LEU D 299 -36.00 10.09 -24.56
C LEU D 299 -34.54 9.76 -24.29
N VAL D 300 -33.68 10.78 -24.34
CA VAL D 300 -32.24 10.58 -24.20
C VAL D 300 -31.90 9.98 -22.85
N TYR D 301 -32.56 10.45 -21.80
CA TYR D 301 -32.33 9.89 -20.46
C TYR D 301 -32.70 8.42 -20.41
N ASN D 302 -33.88 8.07 -20.94
CA ASN D 302 -34.32 6.69 -20.88
C ASN D 302 -33.35 5.77 -21.61
N GLN D 303 -32.88 6.18 -22.80
CA GLN D 303 -31.89 5.35 -23.47
C GLN D 303 -30.56 5.35 -22.73
N ALA D 304 -30.24 6.43 -22.01
CA ALA D 304 -28.94 6.52 -21.35
C ALA D 304 -28.88 5.65 -20.09
N THR D 305 -30.01 5.41 -19.44
CA THR D 305 -29.98 4.59 -18.23
C THR D 305 -29.54 3.15 -18.50
N ARG D 306 -29.70 2.66 -19.74
CA ARG D 306 -29.23 1.32 -20.04
C ARG D 306 -27.71 1.25 -20.21
N VAL D 307 -27.07 2.39 -20.45
CA VAL D 307 -25.63 2.45 -20.67
C VAL D 307 -24.89 2.87 -19.41
N PHE D 308 -25.42 3.84 -18.67
CA PHE D 308 -24.70 4.49 -17.60
C PHE D 308 -25.25 4.10 -16.23
N ALA D 309 -24.33 4.04 -15.26
CA ALA D 309 -24.67 3.91 -13.84
C ALA D 309 -23.64 4.74 -13.09
N GLN D 310 -24.07 5.89 -12.57
CA GLN D 310 -23.20 6.87 -11.93
C GLN D 310 -22.13 7.37 -12.90
N HIS D 311 -22.54 8.25 -13.82
CA HIS D 311 -21.67 8.78 -14.85
C HIS D 311 -22.03 10.25 -15.04
N TRP D 312 -21.03 11.07 -15.35
CA TRP D 312 -21.29 12.51 -15.43
C TRP D 312 -22.26 12.84 -16.56
N VAL D 313 -22.33 12.01 -17.60
CA VAL D 313 -23.32 12.23 -18.65
C VAL D 313 -24.72 12.06 -18.09
N LEU D 314 -24.92 11.01 -17.29
CA LEU D 314 -26.20 10.81 -16.62
C LEU D 314 -26.51 11.97 -15.69
N TYR D 315 -25.50 12.47 -14.97
CA TYR D 315 -25.71 13.64 -14.13
C TYR D 315 -26.17 14.84 -14.95
N GLN D 316 -25.58 15.03 -16.14
CA GLN D 316 -26.00 16.14 -16.99
C GLN D 316 -27.45 15.99 -17.43
N LEU D 317 -27.87 14.76 -17.74
CA LEU D 317 -29.26 14.54 -18.10
C LEU D 317 -30.19 14.79 -16.91
N HIS D 318 -29.78 14.35 -15.71
CA HIS D 318 -30.55 14.67 -14.50
C HIS D 318 -30.68 16.17 -14.32
N THR D 319 -29.62 16.92 -14.64
CA THR D 319 -29.66 18.37 -14.50
C THR D 319 -30.64 18.99 -15.49
N ILE D 320 -30.54 18.60 -16.75
CA ILE D 320 -31.45 19.11 -17.78
C ILE D 320 -32.90 18.84 -17.38
N LEU D 321 -33.17 17.61 -16.94
CA LEU D 321 -34.54 17.25 -16.58
C LEU D 321 -35.01 18.00 -15.34
N PHE D 322 -34.12 18.18 -14.36
CA PHE D 322 -34.51 18.93 -13.16
C PHE D 322 -34.89 20.36 -13.50
N GLU D 323 -34.08 21.01 -14.34
CA GLU D 323 -34.38 22.40 -14.69
C GLU D 323 -35.64 22.48 -15.55
N GLY D 324 -35.84 21.51 -16.44
CA GLY D 324 -37.05 21.51 -17.25
C GLY D 324 -38.31 21.31 -16.43
N TYR D 325 -38.27 20.35 -15.51
CA TYR D 325 -39.45 20.09 -14.67
C TYR D 325 -39.69 21.23 -13.70
N ARG D 326 -38.62 21.80 -13.13
CA ARG D 326 -38.77 22.93 -12.22
C ARG D 326 -39.38 24.12 -12.93
N ASP D 327 -38.91 24.43 -14.13
CA ASP D 327 -39.48 25.53 -14.89
C ASP D 327 -40.94 25.28 -15.24
N ALA D 328 -41.31 24.03 -15.44
CA ALA D 328 -42.68 23.68 -15.78
C ALA D 328 -43.57 23.48 -14.56
N GLY D 329 -43.03 23.66 -13.36
CA GLY D 329 -43.82 23.50 -12.16
C GLY D 329 -44.11 22.07 -11.77
N ASN D 330 -43.39 21.11 -12.34
CA ASN D 330 -43.56 19.69 -12.01
C ASN D 330 -42.57 19.35 -10.91
N SER D 331 -42.97 19.62 -9.66
CA SER D 331 -42.08 19.36 -8.53
C SER D 331 -41.85 17.87 -8.33
N GLU D 332 -42.80 17.04 -8.74
CA GLU D 332 -42.75 15.62 -8.44
C GLU D 332 -41.56 14.94 -9.15
N SER D 333 -41.40 15.18 -10.46
CA SER D 333 -40.29 14.58 -11.18
C SER D 333 -38.97 15.30 -10.89
N ALA D 334 -39.02 16.63 -10.84
CA ALA D 334 -37.85 17.42 -10.47
C ALA D 334 -37.24 16.93 -9.16
N SER D 335 -38.09 16.51 -8.22
CA SER D 335 -37.59 16.02 -6.94
C SER D 335 -36.71 14.78 -7.13
N PHE D 336 -37.21 13.79 -7.88
CA PHE D 336 -36.43 12.58 -8.13
C PHE D 336 -35.08 12.92 -8.78
N HIS D 337 -35.11 13.72 -9.85
CA HIS D 337 -33.86 13.99 -10.52
C HIS D 337 -32.89 14.80 -9.65
N GLN D 338 -33.42 15.66 -8.78
CA GLN D 338 -32.54 16.41 -7.88
C GLN D 338 -31.91 15.50 -6.84
N MET D 339 -32.68 14.54 -6.32
CA MET D 339 -32.09 13.56 -5.41
C MET D 339 -30.95 12.80 -6.08
N GLU D 340 -31.17 12.39 -7.34
CA GLU D 340 -30.10 11.72 -8.07
C GLU D 340 -28.88 12.63 -8.25
N ARG D 341 -29.11 13.92 -8.49
CA ARG D 341 -27.98 14.84 -8.63
C ARG D 341 -27.18 14.94 -7.34
N ILE D 342 -27.86 15.05 -6.19
CA ILE D 342 -27.18 15.13 -4.90
C ILE D 342 -26.38 13.86 -4.65
N TYR D 344 -25.12 11.67 -6.92
CA TYR D 344 -23.94 11.72 -7.78
C TYR D 344 -22.86 12.64 -7.23
N VAL D 345 -23.20 13.91 -6.98
CA VAL D 345 -22.16 14.89 -6.64
C VAL D 345 -21.52 14.53 -5.31
N SER D 346 -22.32 14.17 -4.31
CA SER D 346 -21.73 13.81 -3.02
C SER D 346 -20.89 12.53 -3.11
N GLN D 347 -21.13 11.68 -4.12
CA GLN D 347 -20.20 10.57 -4.31
C GLN D 347 -18.92 11.00 -5.01
N VAL D 348 -19.06 11.80 -6.07
CA VAL D 348 -17.94 12.11 -6.95
C VAL D 348 -17.10 13.26 -6.43
N MET D 349 -17.76 14.27 -5.84
CA MET D 349 -17.13 15.54 -5.49
C MET D 349 -17.64 15.97 -4.13
N PRO D 350 -17.20 15.29 -3.06
CA PRO D 350 -17.84 15.50 -1.75
C PRO D 350 -17.46 16.78 -1.04
N LEU D 351 -16.35 17.42 -1.39
CA LEU D 351 -15.96 18.64 -0.71
C LEU D 351 -16.92 19.77 -1.04
N ALA D 352 -16.86 20.84 -0.25
CA ALA D 352 -17.77 21.96 -0.41
C ALA D 352 -17.62 22.57 -1.80
N SER D 353 -18.75 22.77 -2.49
CA SER D 353 -18.76 23.45 -3.77
C SER D 353 -20.09 24.19 -3.91
N TYR D 354 -20.10 25.19 -4.79
CA TYR D 354 -21.35 25.90 -5.05
C TYR D 354 -22.38 24.97 -5.67
N THR D 355 -21.92 24.04 -6.52
CA THR D 355 -22.83 23.06 -7.12
C THR D 355 -23.57 22.26 -6.05
N LEU D 356 -22.82 21.71 -5.08
CA LEU D 356 -23.43 20.88 -4.05
C LEU D 356 -24.34 21.70 -3.13
N ALA D 357 -23.85 22.86 -2.69
CA ALA D 357 -24.65 23.73 -1.82
C ALA D 357 -25.98 24.08 -2.47
N TRP D 358 -25.95 24.49 -3.73
CA TRP D 358 -27.18 24.86 -4.40
C TRP D 358 -28.01 23.65 -4.83
N LEU D 359 -27.40 22.47 -4.90
CA LEU D 359 -28.20 21.25 -5.01
C LEU D 359 -29.06 21.08 -3.77
N TYR D 360 -28.46 21.24 -2.59
CA TYR D 360 -29.22 21.13 -1.35
C TYR D 360 -30.28 22.23 -1.26
N GLU D 361 -29.92 23.47 -1.59
CA GLU D 361 -30.88 24.56 -1.49
C GLU D 361 -32.04 24.36 -2.46
N GLU D 362 -31.76 23.97 -3.71
CA GLU D 362 -32.83 23.82 -4.67
C GLU D 362 -33.68 22.59 -4.39
N MET D 363 -33.09 21.55 -3.78
CA MET D 363 -33.90 20.45 -3.27
C MET D 363 -34.85 20.95 -2.19
N GLY D 364 -34.37 21.84 -1.32
CA GLY D 364 -35.25 22.47 -0.36
C GLY D 364 -36.41 23.21 -1.03
N ASP D 365 -36.10 24.00 -2.05
CA ASP D 365 -37.16 24.74 -2.74
C ASP D 365 -38.18 23.80 -3.38
N THR D 366 -37.69 22.75 -4.04
CA THR D 366 -38.60 21.81 -4.72
C THR D 366 -39.51 21.13 -3.70
N MET D 367 -38.92 20.63 -2.60
CA MET D 367 -39.73 19.98 -1.57
C MET D 367 -40.76 20.94 -0.99
N LEU D 368 -40.37 22.19 -0.77
CA LEU D 368 -41.30 23.16 -0.19
C LEU D 368 -42.45 23.47 -1.14
N ASN D 369 -42.15 23.65 -2.43
CA ASN D 369 -43.21 23.86 -3.42
C ASN D 369 -44.19 22.69 -3.40
N LYS D 370 -43.66 21.48 -3.57
CA LYS D 370 -44.49 20.29 -3.60
C LYS D 370 -45.37 20.19 -2.36
N ALA D 371 -44.80 20.47 -1.18
CA ALA D 371 -45.59 20.41 0.04
C ALA D 371 -46.66 21.49 0.06
N GLU D 372 -46.33 22.70 -0.39
CA GLU D 372 -47.29 23.80 -0.38
C GLU D 372 -48.40 23.62 -1.39
N GLU D 373 -48.29 22.68 -2.33
CA GLU D 373 -49.44 22.35 -3.17
C GLU D 373 -50.57 21.72 -2.37
N SER D 374 -50.32 21.22 -1.16
CA SER D 374 -51.38 20.78 -0.27
C SER D 374 -51.93 21.92 0.58
N GLY D 375 -51.46 23.14 0.37
CA GLY D 375 -51.87 24.28 1.13
C GLY D 375 -50.77 24.73 2.07
N PRO D 376 -50.90 25.93 2.65
CA PRO D 376 -50.04 26.31 3.77
C PRO D 376 -50.32 25.41 4.96
N GLU D 377 -49.60 25.57 6.06
CA GLU D 377 -49.59 24.62 7.16
C GLU D 377 -49.02 23.28 6.68
N VAL D 378 -47.72 23.32 6.38
CA VAL D 378 -46.98 22.12 6.01
C VAL D 378 -46.61 21.35 7.28
N PRO D 379 -46.79 20.03 7.32
CA PRO D 379 -46.56 19.30 8.57
C PRO D 379 -45.13 19.45 9.07
N ALA D 380 -44.96 19.24 10.39
CA ALA D 380 -43.66 19.47 11.02
C ALA D 380 -42.56 18.65 10.36
N HIS D 381 -42.76 17.33 10.26
CA HIS D 381 -41.78 16.43 9.67
C HIS D 381 -41.22 16.98 8.37
N LEU D 383 -41.36 19.99 7.08
CA LEU D 383 -40.64 21.23 7.30
C LEU D 383 -39.23 20.92 7.74
N ASN D 384 -39.13 20.04 8.74
CA ASN D 384 -37.83 19.69 9.28
C ASN D 384 -36.92 19.17 8.17
N VAL D 385 -37.41 18.22 7.37
CA VAL D 385 -36.60 17.70 6.27
C VAL D 385 -36.18 18.84 5.36
N ILE D 386 -37.14 19.68 4.97
CA ILE D 386 -36.82 20.81 4.10
C ILE D 386 -35.76 21.67 4.76
N SER D 387 -35.97 21.98 6.05
CA SER D 387 -35.01 22.80 6.78
C SER D 387 -33.62 22.17 6.70
N ARG D 388 -33.54 20.86 6.92
CA ARG D 388 -32.25 20.18 6.89
C ARG D 388 -31.51 20.53 5.60
N HIS D 389 -32.21 20.42 4.47
CA HIS D 389 -31.58 20.73 3.19
C HIS D 389 -31.07 22.16 3.17
N PHE D 390 -31.94 23.12 3.50
CA PHE D 390 -31.51 24.52 3.55
C PHE D 390 -30.28 24.66 4.44
N GLU D 391 -30.31 24.01 5.61
CA GLU D 391 -29.19 24.13 6.53
C GLU D 391 -27.91 23.61 5.88
N ASP D 392 -28.00 22.44 5.23
CA ASP D 392 -26.82 21.90 4.57
C ASP D 392 -26.27 22.90 3.57
N ALA D 393 -27.16 23.52 2.78
CA ALA D 393 -26.72 24.54 1.83
C ALA D 393 -25.95 25.63 2.58
N TYR D 394 -26.58 26.17 3.62
CA TYR D 394 -25.93 27.18 4.44
C TYR D 394 -24.56 26.71 4.89
N ASN D 395 -24.49 25.48 5.42
CA ASN D 395 -23.24 25.00 5.99
C ASN D 395 -22.13 25.02 4.97
N LEU D 396 -22.47 24.68 3.71
CA LEU D 396 -21.41 24.65 2.71
C LEU D 396 -21.06 26.06 2.25
N LEU D 397 -22.07 26.91 2.08
CA LEU D 397 -21.79 28.26 1.61
C LEU D 397 -21.00 29.04 2.64
N TYR D 398 -21.32 28.81 3.92
CA TYR D 398 -20.53 29.37 5.02
C TYR D 398 -19.03 29.12 4.82
N ILE D 399 -18.67 27.91 4.36
CA ILE D 399 -17.26 27.62 4.15
C ILE D 399 -16.76 28.30 2.89
N LEU D 400 -17.59 28.33 1.85
CA LEU D 400 -17.11 28.78 0.55
C LEU D 400 -16.94 30.29 0.48
N CYS D 401 -17.87 31.05 1.07
CA CYS D 401 -17.87 32.49 0.87
C CYS D 401 -18.21 33.28 2.13
N GLY D 402 -18.26 32.65 3.29
CA GLY D 402 -18.37 33.39 4.53
C GLY D 402 -19.79 33.46 5.05
N GLU D 403 -19.90 33.76 6.35
CA GLU D 403 -21.19 33.79 7.03
C GLU D 403 -22.09 34.89 6.48
N ASP D 404 -21.51 36.03 6.10
CA ASP D 404 -22.27 37.22 5.75
C ASP D 404 -22.47 37.39 4.24
N HIS D 405 -22.03 36.42 3.43
CA HIS D 405 -22.21 36.53 1.99
C HIS D 405 -23.68 36.39 1.62
N ASP D 406 -24.05 37.01 0.49
CA ASP D 406 -25.44 36.99 0.04
C ASP D 406 -25.96 35.57 -0.14
N TYR D 407 -25.15 34.68 -0.72
CA TYR D 407 -25.57 33.30 -0.90
C TYR D 407 -25.87 32.62 0.43
N THR D 408 -24.91 32.70 1.36
CA THR D 408 -25.07 32.09 2.68
C THR D 408 -26.29 32.65 3.40
N VAL D 409 -26.45 33.97 3.37
CA VAL D 409 -27.58 34.60 4.05
C VAL D 409 -28.89 34.16 3.42
N ALA D 410 -28.89 33.96 2.10
CA ALA D 410 -30.11 33.49 1.43
C ALA D 410 -30.50 32.10 1.92
N ALA D 411 -29.55 31.16 1.91
CA ALA D 411 -29.85 29.81 2.39
C ALA D 411 -30.29 29.83 3.86
N GLY D 412 -29.55 30.55 4.70
CA GLY D 412 -29.90 30.62 6.10
C GLY D 412 -31.27 31.23 6.34
N THR D 413 -31.64 32.22 5.52
CA THR D 413 -32.95 32.86 5.61
C THR D 413 -34.05 31.85 5.28
N LYS D 415 -33.86 28.58 5.60
CA LYS D 415 -33.84 27.68 6.75
C LYS D 415 -34.68 28.24 7.93
N THR D 416 -34.35 29.47 8.35
CA THR D 416 -35.01 30.03 9.51
C THR D 416 -36.50 30.29 9.26
N ALA D 417 -36.88 30.65 8.03
CA ALA D 417 -38.30 30.75 7.70
C ALA D 417 -38.99 29.41 7.89
N CYS D 418 -38.37 28.33 7.38
CA CYS D 418 -38.88 27.00 7.62
C CYS D 418 -39.10 26.73 9.11
N GLU D 419 -38.11 27.06 9.94
CA GLU D 419 -38.25 26.82 11.38
C GLU D 419 -39.41 27.63 11.95
N GLU D 420 -39.60 28.86 11.48
CA GLU D 420 -40.68 29.70 12.00
C GLU D 420 -42.06 29.15 11.63
N ARG D 421 -42.15 28.40 10.52
CA ARG D 421 -43.43 27.81 10.16
C ARG D 421 -43.77 26.53 10.94
N LEU D 422 -42.89 26.06 11.82
CA LEU D 422 -43.15 24.80 12.51
C LEU D 422 -44.32 24.97 13.49
N PRO D 423 -45.21 23.99 13.58
CA PRO D 423 -46.32 24.09 14.53
C PRO D 423 -45.83 23.97 15.96
N ALA D 424 -46.70 24.36 16.89
CA ALA D 424 -46.37 24.29 18.31
C ALA D 424 -46.06 22.86 18.73
N SER D 425 -46.97 21.94 18.42
CA SER D 425 -46.84 20.50 18.67
C SER D 425 -46.16 20.08 19.96
#